data_1RD8
#
_entry.id   1RD8
#
_cell.length_a   190.529
_cell.length_b   109.953
_cell.length_c   136.238
_cell.angle_alpha   90.00
_cell.angle_beta   108.63
_cell.angle_gamma   90.00
#
_symmetry.space_group_name_H-M   'C 1 2 1'
#
loop_
_entity.id
_entity.type
_entity.pdbx_description
1 polymer hemagglutinin
2 polymer hemagglutinin
3 branched beta-D-mannopyranose-(1-4)-2-acetamido-2-deoxy-beta-D-glucopyranose-(1-4)-2-acetamido-2-deoxy-beta-D-glucopyranose
4 branched alpha-D-mannopyranose-(1-3)-beta-D-mannopyranose-(1-4)-2-acetamido-2-deoxy-beta-D-glucopyranose-(1-4)-2-acetamido-2-deoxy-beta-D-glucopyranose
5 non-polymer 2-acetamido-2-deoxy-beta-D-glucopyranose
6 non-polymer 'PHOSPHATE ION'
#
loop_
_entity_poly.entity_id
_entity_poly.type
_entity_poly.pdbx_seq_one_letter_code
_entity_poly.pdbx_strand_id
1 'polypeptide(L)'
;ADPGYLLEDTICIGYHANNSTDTVDTVLEKNVTVTHSVNLLEDSHNGKLCKLKGIAPLQLGKCNIAGWLLGNPECDLLLT
ASSWSYIVETSNSENGTCYPGDFIDYEELREQLSSVSSFEKFEIFPKTSSWPNHETTKGVTAACSYAGASSFYRNLLWLT
KKGSSYPKLSKSYVNNKGKEVLVLWGVHHPPTGTDQQSLYQNADAYVSVGSSKYNRRFTPEIAARPKVRDQAGRMNYYWT
LLEPGDTITFEATGNLIAPWYAFALNRGSGSGIITSDAPVHDCNTKCQTPHGAINSSLPFQNIHPVTIGECPKYVRSTKL
RMATGLRNIPSIQSR
;
A,C,E
2 'polypeptide(L)'
;GLFGAIAGFIEGGWTGMIDGWYGYHHQNEQGSGYAADQKSTQNAIDGITNKVNSVIEKMNTQFTAVGKEFNNLERRIENL
NKKVDDGFLDIWTYNAELLVLLENERTLDFHDSNVRNLYEKVKSQLKNNAKEIGNGCFEFYHKCDDACMESVRNGTYDYP
KYSEESKLNREEIDGVRSLVPR
;
B,D,F
#
loop_
_chem_comp.id
_chem_comp.type
_chem_comp.name
_chem_comp.formula
BMA D-saccharide, beta linking beta-D-mannopyranose 'C6 H12 O6'
MAN D-saccharide, alpha linking alpha-D-mannopyranose 'C6 H12 O6'
NAG D-saccharide, beta linking 2-acetamido-2-deoxy-beta-D-glucopyranose 'C8 H15 N O6'
PO4 non-polymer 'PHOSPHATE ION' 'O4 P -3'
#
# COMPACT_ATOMS: atom_id res chain seq x y z
N GLU A 8 22.72 -59.72 19.36
CA GLU A 8 21.69 -59.20 18.46
C GLU A 8 22.07 -57.78 17.96
N ASP A 9 22.71 -57.81 16.79
CA ASP A 9 23.10 -56.63 16.05
C ASP A 9 21.83 -55.78 15.77
N THR A 10 22.00 -54.48 15.94
CA THR A 10 20.93 -53.50 16.11
C THR A 10 21.25 -52.18 15.40
N ILE A 11 20.30 -51.56 14.75
CA ILE A 11 20.56 -50.25 14.14
C ILE A 11 19.40 -49.29 14.27
N CYS A 12 19.64 -48.13 14.90
CA CYS A 12 18.66 -47.03 15.02
C CYS A 12 18.90 -45.89 14.09
N ILE A 13 17.82 -45.40 13.51
CA ILE A 13 17.94 -44.21 12.71
C ILE A 13 17.26 -43.12 13.53
N GLY A 14 17.94 -41.99 13.63
CA GLY A 14 17.42 -40.82 14.33
C GLY A 14 18.19 -39.62 13.85
N TYR A 15 18.18 -38.56 14.67
CA TYR A 15 18.89 -37.32 14.35
C TYR A 15 19.59 -36.76 15.56
N HIS A 16 20.73 -36.18 15.29
CA HIS A 16 21.55 -35.59 16.30
C HIS A 16 21.42 -34.09 16.21
N ALA A 17 21.29 -33.44 17.35
CA ALA A 17 21.20 -31.96 17.41
C ALA A 17 22.31 -31.45 18.27
N ASN A 18 22.96 -30.39 17.77
CA ASN A 18 24.06 -29.77 18.49
C ASN A 18 23.51 -28.94 19.64
N ASN A 19 24.39 -28.51 20.54
CA ASN A 19 23.96 -27.66 21.66
C ASN A 19 23.44 -26.35 21.11
N SER A 20 22.34 -25.83 21.66
CA SER A 20 21.87 -24.51 21.26
C SER A 20 20.87 -23.88 22.21
N THR A 21 20.95 -22.56 22.27
CA THR A 21 20.03 -21.76 23.06
C THR A 21 19.02 -21.04 22.17
N ASP A 22 19.34 -20.97 20.86
CA ASP A 22 18.49 -20.32 19.86
C ASP A 22 17.06 -20.74 20.00
N THR A 23 16.17 -19.78 20.09
CA THR A 23 14.76 -20.05 20.20
C THR A 23 14.00 -19.23 19.20
N VAL A 24 12.94 -19.84 18.68
CA VAL A 24 12.14 -19.31 17.62
C VAL A 24 10.70 -19.61 18.00
N ASP A 25 9.78 -19.15 17.16
CA ASP A 25 8.35 -19.36 17.33
C ASP A 25 7.80 -20.00 16.07
N THR A 26 6.75 -20.80 16.26
CA THR A 26 5.98 -21.33 15.16
C THR A 26 4.50 -21.09 15.40
N VAL A 27 3.68 -21.35 14.40
CA VAL A 27 2.25 -21.17 14.62
C VAL A 27 1.73 -22.05 15.74
N LEU A 28 2.31 -23.22 15.95
CA LEU A 28 1.76 -24.15 16.92
C LEU A 28 2.41 -24.09 18.30
N GLU A 29 3.62 -23.50 18.41
CA GLU A 29 4.35 -23.42 19.69
C GLU A 29 5.03 -22.10 19.89
N LYS A 30 5.15 -21.72 21.15
CA LYS A 30 5.51 -20.37 21.51
C LYS A 30 6.96 -20.30 21.77
N ASN A 31 7.65 -21.32 22.23
CA ASN A 31 9.05 -20.99 22.54
C ASN A 31 10.00 -22.14 22.29
N VAL A 32 10.17 -22.53 21.05
CA VAL A 32 10.86 -23.75 20.74
C VAL A 32 12.35 -23.52 20.60
N THR A 33 13.16 -24.34 21.26
CA THR A 33 14.61 -24.22 21.18
C THR A 33 15.10 -24.99 19.97
N VAL A 34 15.59 -24.30 18.95
CA VAL A 34 16.18 -24.95 17.80
C VAL A 34 17.66 -24.74 17.78
N THR A 35 18.37 -25.55 16.98
CA THR A 35 19.85 -25.48 16.92
C THR A 35 20.41 -24.42 16.02
N HIS A 36 19.57 -23.54 15.53
CA HIS A 36 20.07 -22.55 14.61
C HIS A 36 18.93 -21.82 13.98
N SER A 37 19.10 -20.50 13.89
CA SER A 37 18.14 -19.63 13.21
C SER A 37 18.85 -18.48 12.48
N VAL A 38 18.19 -17.90 11.48
CA VAL A 38 18.71 -16.72 10.78
C VAL A 38 17.77 -15.59 11.07
N ASN A 39 18.31 -14.52 11.62
CA ASN A 39 17.61 -13.28 11.81
C ASN A 39 17.27 -12.64 10.47
N LEU A 40 15.98 -12.36 10.24
CA LEU A 40 15.49 -11.68 9.00
C LEU A 40 15.28 -10.17 9.19
N LEU A 41 15.51 -9.74 10.42
CA LEU A 41 15.25 -8.38 10.86
C LEU A 41 16.56 -7.63 11.08
N GLU A 42 16.70 -6.48 10.44
CA GLU A 42 17.77 -5.53 10.74
C GLU A 42 17.33 -4.70 11.95
N ASP A 43 18.04 -4.81 13.07
CA ASP A 43 17.60 -4.14 14.29
C ASP A 43 18.66 -3.36 15.06
N SER A 44 19.57 -2.71 14.32
CA SER A 44 20.59 -1.86 14.92
C SER A 44 21.21 -0.97 13.84
N HIS A 45 21.85 0.12 14.28
CA HIS A 45 22.45 1.09 13.39
C HIS A 45 23.76 1.65 13.93
N ASN A 46 24.75 1.79 13.06
CA ASN A 46 26.03 2.38 13.42
C ASN A 46 25.97 3.75 14.10
N GLY A 47 24.87 4.48 14.04
CA GLY A 47 24.74 5.73 14.80
C GLY A 47 25.36 6.95 14.13
N LYS A 48 25.54 6.87 12.82
CA LYS A 48 26.15 7.94 12.04
C LYS A 48 25.48 8.17 10.69
N LEU A 49 25.45 9.43 10.26
CA LEU A 49 24.95 9.83 8.95
C LEU A 49 26.06 9.63 7.95
N CYS A 50 26.00 8.54 7.19
CA CYS A 50 27.00 8.21 6.20
C CYS A 50 26.61 8.76 4.85
N LYS A 51 27.32 8.32 3.83
CA LYS A 51 27.19 8.76 2.47
C LYS A 51 26.34 7.81 1.69
N LEU A 52 25.41 8.36 0.90
CA LEU A 52 24.61 7.54 0.03
C LEU A 52 25.16 7.76 -1.31
N LYS A 53 24.98 6.82 -2.21
CA LYS A 53 25.50 6.94 -3.57
C LYS A 53 26.94 7.41 -3.61
N GLY A 54 27.72 7.02 -2.60
CA GLY A 54 29.09 7.48 -2.44
C GLY A 54 29.33 9.01 -2.45
N ILE A 55 28.49 9.75 -1.74
CA ILE A 55 28.52 11.20 -1.68
C ILE A 55 28.08 11.58 -0.27
N ALA A 56 28.57 12.67 0.28
CA ALA A 56 28.11 13.07 1.61
C ALA A 56 26.89 13.96 1.51
N PRO A 57 26.12 14.00 2.58
CA PRO A 57 24.97 14.89 2.61
C PRO A 57 25.39 16.33 2.78
N LEU A 58 24.57 17.27 2.36
CA LEU A 58 24.79 18.66 2.69
C LEU A 58 24.46 18.78 4.16
N GLN A 59 25.36 19.40 4.89
CA GLN A 59 25.20 19.55 6.31
C GLN A 59 25.13 21.04 6.69
N LEU A 60 23.92 21.54 6.75
CA LEU A 60 23.69 22.90 7.20
C LEU A 60 23.97 22.88 8.68
N GLY A 61 24.57 23.95 9.15
CA GLY A 61 25.00 23.98 10.52
C GLY A 61 23.96 24.53 11.48
N LYS A 62 24.27 25.74 11.97
CA LYS A 62 23.38 26.44 12.89
C LYS A 62 22.18 27.02 12.16
N CYS A 63 22.02 26.66 10.89
CA CYS A 63 20.92 27.20 10.12
C CYS A 63 20.29 26.30 9.03
N ASN A 64 19.05 26.65 8.68
CA ASN A 64 18.22 25.85 7.82
C ASN A 64 18.38 26.28 6.38
N ILE A 65 17.73 25.59 5.44
CA ILE A 65 17.85 25.83 4.00
C ILE A 65 17.61 27.31 3.59
N ALA A 66 16.54 27.90 4.10
CA ALA A 66 16.29 29.30 3.82
C ALA A 66 17.45 30.24 4.18
N GLY A 67 17.94 30.19 5.41
CA GLY A 67 19.09 30.95 5.84
C GLY A 67 20.35 30.70 4.99
N TRP A 68 20.46 29.51 4.48
CA TRP A 68 21.63 29.17 3.68
C TRP A 68 21.50 29.61 2.25
N LEU A 69 20.30 29.51 1.70
CA LEU A 69 19.98 29.88 0.31
C LEU A 69 20.03 31.39 0.14
N LEU A 70 19.21 32.11 0.88
CA LEU A 70 19.44 33.52 1.15
C LEU A 70 20.77 33.55 1.92
N GLY A 71 21.45 34.67 1.97
CA GLY A 71 22.67 34.61 2.75
C GLY A 71 22.52 35.03 4.20
N ASN A 72 21.82 34.28 5.04
CA ASN A 72 21.74 34.71 6.43
C ASN A 72 23.14 34.84 7.02
N PRO A 73 23.39 35.90 7.80
CA PRO A 73 24.70 36.08 8.44
C PRO A 73 25.24 34.92 9.29
N GLU A 74 24.60 34.53 10.38
CA GLU A 74 25.07 33.34 11.13
C GLU A 74 25.54 32.21 10.18
N CYS A 75 24.81 32.00 9.10
CA CYS A 75 25.13 30.98 8.09
C CYS A 75 26.50 31.09 7.42
N ASP A 76 26.95 32.31 7.18
CA ASP A 76 28.31 32.58 6.64
C ASP A 76 29.39 31.68 7.25
N LEU A 77 29.25 31.32 8.52
CA LEU A 77 30.08 30.30 9.15
C LEU A 77 29.56 28.93 8.70
N LEU A 78 30.06 28.46 7.55
CA LEU A 78 29.62 27.22 6.90
C LEU A 78 30.26 27.05 5.50
N LEU A 79 30.48 25.82 5.09
CA LEU A 79 31.14 25.51 3.82
C LEU A 79 30.14 24.87 2.86
N THR A 80 30.50 24.77 1.58
CA THR A 80 29.62 24.09 0.65
C THR A 80 30.44 23.42 -0.37
N ALA A 81 29.97 22.23 -0.78
CA ALA A 81 30.61 21.40 -1.83
C ALA A 81 29.74 21.38 -3.06
N SER A 82 30.27 20.86 -4.15
CA SER A 82 29.58 20.93 -5.42
C SER A 82 28.55 19.83 -5.60
N SER A 83 28.22 19.08 -4.56
CA SER A 83 27.17 18.05 -4.69
C SER A 83 26.76 17.41 -3.36
N TRP A 84 25.56 16.82 -3.34
CA TRP A 84 25.11 16.09 -2.16
C TRP A 84 23.99 15.06 -2.42
N SER A 85 23.96 14.04 -1.56
CA SER A 85 23.07 12.92 -1.62
C SER A 85 21.78 13.29 -1.00
N TYR A 86 21.90 13.96 0.12
CA TYR A 86 20.74 14.38 0.83
C TYR A 86 21.11 15.62 1.65
N ILE A 87 20.24 16.07 2.54
CA ILE A 87 20.58 17.20 3.34
C ILE A 87 20.20 16.84 4.75
N VAL A 88 21.01 17.33 5.69
CA VAL A 88 20.82 17.15 7.10
C VAL A 88 20.64 18.48 7.78
N GLU A 89 19.49 18.66 8.39
CA GLU A 89 19.28 19.77 9.31
C GLU A 89 19.34 19.23 10.73
N THR A 90 19.97 19.99 11.61
CA THR A 90 20.08 19.56 12.98
C THR A 90 18.94 20.22 13.72
N SER A 91 18.80 19.80 14.98
CA SER A 91 17.82 20.33 15.92
C SER A 91 18.15 21.76 16.31
N ASN A 92 19.33 22.27 15.89
CA ASN A 92 19.72 23.69 16.07
C ASN A 92 20.12 24.31 14.72
N SER A 93 19.14 24.40 13.84
CA SER A 93 19.27 25.10 12.57
C SER A 93 18.15 26.10 12.59
N GLU A 94 18.20 27.00 13.58
CA GLU A 94 17.11 27.96 13.77
C GLU A 94 17.22 29.18 12.84
N ASN A 95 18.37 29.37 12.19
CA ASN A 95 18.62 30.63 11.55
C ASN A 95 18.23 30.55 10.15
N GLY A 96 17.10 31.12 9.85
CA GLY A 96 16.68 31.15 8.47
C GLY A 96 16.38 32.57 7.99
N THR A 97 15.10 32.80 7.73
CA THR A 97 14.65 34.06 7.26
C THR A 97 14.57 35.06 8.41
N CYS A 98 15.72 35.64 8.77
CA CYS A 98 15.83 36.63 9.86
C CYS A 98 14.98 37.88 9.74
N TYR A 99 14.49 38.24 8.55
CA TYR A 99 13.56 39.37 8.42
C TYR A 99 12.20 38.77 8.16
N PRO A 100 11.20 39.13 8.97
CA PRO A 100 9.89 38.49 8.96
C PRO A 100 9.26 38.48 7.60
N GLY A 101 8.68 37.35 7.24
CA GLY A 101 8.13 37.19 5.93
C GLY A 101 7.97 35.74 5.51
N ASP A 102 7.40 35.57 4.32
CA ASP A 102 7.00 34.27 3.87
C ASP A 102 7.84 33.83 2.71
N PHE A 103 8.34 32.59 2.81
CA PHE A 103 9.11 31.97 1.74
C PHE A 103 8.15 31.18 0.83
N ILE A 104 7.86 31.66 -0.37
CA ILE A 104 6.88 30.94 -1.19
C ILE A 104 7.39 29.62 -1.70
N ASP A 105 6.54 28.59 -1.61
CA ASP A 105 6.88 27.22 -1.99
C ASP A 105 8.16 26.75 -1.33
N TYR A 106 8.31 27.05 -0.04
CA TYR A 106 9.53 26.70 0.64
C TYR A 106 9.68 25.17 0.59
N GLU A 107 8.60 24.46 0.86
CA GLU A 107 8.63 22.97 0.84
C GLU A 107 9.08 22.37 -0.54
N GLU A 108 8.59 22.96 -1.61
CA GLU A 108 8.96 22.55 -2.94
C GLU A 108 10.42 22.77 -3.24
N LEU A 109 10.92 23.96 -2.99
CA LEU A 109 12.34 24.21 -3.16
C LEU A 109 13.28 23.22 -2.38
N ARG A 110 12.94 23.03 -1.10
CA ARG A 110 13.66 22.12 -0.23
C ARG A 110 13.66 20.72 -0.85
N GLU A 111 12.53 20.27 -1.40
CA GLU A 111 12.45 18.97 -2.05
C GLU A 111 13.38 18.87 -3.24
N GLN A 112 13.35 19.90 -4.11
CA GLN A 112 14.14 19.90 -5.37
C GLN A 112 15.66 20.11 -5.25
N LEU A 113 16.10 20.55 -4.10
CA LEU A 113 17.51 20.77 -3.79
C LEU A 113 18.14 19.62 -2.93
N SER A 114 17.36 18.59 -2.61
CA SER A 114 17.78 17.50 -1.76
C SER A 114 18.91 16.65 -2.31
N SER A 115 19.02 16.61 -3.63
CA SER A 115 20.11 15.94 -4.32
C SER A 115 20.45 16.88 -5.44
N VAL A 116 21.68 17.37 -5.40
CA VAL A 116 22.21 18.27 -6.40
C VAL A 116 23.54 17.72 -6.89
N SER A 117 23.91 18.12 -8.09
CA SER A 117 25.06 17.54 -8.74
C SER A 117 26.21 18.48 -8.84
N SER A 118 26.02 19.72 -9.32
CA SER A 118 27.19 20.62 -9.49
C SER A 118 26.89 22.01 -9.05
N PHE A 119 26.80 22.17 -7.75
CA PHE A 119 26.47 23.42 -7.18
C PHE A 119 27.55 24.39 -7.48
N GLU A 120 27.12 25.64 -7.68
CA GLU A 120 27.98 26.80 -8.01
C GLU A 120 27.20 28.08 -7.74
N LYS A 121 27.65 28.85 -6.76
CA LYS A 121 27.07 30.16 -6.48
C LYS A 121 27.77 31.23 -7.33
N PHE A 122 27.03 32.16 -7.91
CA PHE A 122 27.66 33.15 -8.74
C PHE A 122 26.97 34.45 -8.59
N GLU A 123 27.69 35.52 -8.92
CA GLU A 123 27.20 36.86 -8.73
C GLU A 123 26.39 37.15 -9.98
N ILE A 124 25.06 37.07 -9.86
CA ILE A 124 24.16 37.34 -10.98
C ILE A 124 24.02 38.82 -11.26
N PHE A 125 24.04 39.67 -10.25
CA PHE A 125 23.89 41.09 -10.47
C PHE A 125 24.83 41.72 -9.50
N PRO A 126 26.03 42.00 -9.97
CA PRO A 126 27.04 42.61 -9.10
C PRO A 126 26.59 43.97 -8.55
N LYS A 127 26.65 44.10 -7.23
CA LYS A 127 26.28 45.30 -6.51
C LYS A 127 27.01 46.52 -7.07
N THR A 128 28.35 46.50 -7.05
CA THR A 128 29.23 47.55 -7.56
C THR A 128 28.74 48.23 -8.83
N SER A 129 28.31 47.46 -9.82
CA SER A 129 28.03 48.04 -11.13
C SER A 129 26.60 47.97 -11.66
N SER A 130 25.71 47.25 -10.99
CA SER A 130 24.41 46.90 -11.57
C SER A 130 23.41 48.04 -11.37
N TRP A 131 23.59 48.87 -10.33
CA TRP A 131 22.55 49.83 -9.99
C TRP A 131 23.02 51.28 -9.74
N PRO A 132 23.56 51.93 -10.78
CA PRO A 132 24.13 53.28 -10.62
C PRO A 132 23.08 54.31 -10.21
N ASN A 133 21.85 54.15 -10.72
CA ASN A 133 20.71 55.05 -10.38
C ASN A 133 20.02 54.76 -9.04
N HIS A 134 20.22 53.57 -8.46
CA HIS A 134 19.67 53.26 -7.14
C HIS A 134 20.73 53.22 -6.07
N GLU A 135 20.28 53.27 -4.83
CA GLU A 135 21.16 53.19 -3.69
C GLU A 135 21.33 51.74 -3.17
N THR A 136 22.58 51.29 -3.18
CA THR A 136 22.90 49.97 -2.67
C THR A 136 23.53 50.04 -1.29
N THR A 137 24.26 51.11 -1.04
CA THR A 137 25.02 51.30 0.20
C THR A 137 24.21 51.06 1.46
N LYS A 138 23.03 51.64 1.51
CA LYS A 138 22.22 51.63 2.73
C LYS A 138 21.06 50.73 2.50
N GLY A 139 20.53 50.19 3.58
CA GLY A 139 19.60 49.11 3.40
C GLY A 139 20.08 47.89 4.14
N VAL A 140 20.07 48.05 5.45
CA VAL A 140 20.37 47.02 6.42
C VAL A 140 19.27 47.04 7.54
N THR A 141 19.34 46.08 8.47
CA THR A 141 18.30 45.94 9.50
C THR A 141 18.80 45.19 10.70
N ALA A 142 18.31 45.58 11.87
CA ALA A 142 18.64 44.88 13.11
C ALA A 142 18.26 43.40 12.98
N ALA A 143 17.12 43.14 12.32
CA ALA A 143 16.61 41.80 12.15
C ALA A 143 17.73 40.86 11.70
N CYS A 144 18.55 41.29 10.75
CA CYS A 144 19.67 40.50 10.23
C CYS A 144 20.94 41.23 10.60
N SER A 145 21.48 40.97 11.78
CA SER A 145 22.72 41.65 12.23
C SER A 145 23.90 40.71 12.41
N TYR A 146 25.04 41.21 11.98
CA TYR A 146 26.30 40.48 11.99
C TYR A 146 27.31 41.32 12.73
N ALA A 147 28.09 40.67 13.61
CA ALA A 147 29.20 41.34 14.30
C ALA A 147 28.73 42.57 15.03
N GLY A 148 27.56 42.46 15.66
CA GLY A 148 26.96 43.55 16.42
C GLY A 148 26.21 44.61 15.63
N ALA A 149 26.55 44.86 14.38
CA ALA A 149 25.92 45.94 13.60
C ALA A 149 24.69 45.48 12.79
N SER A 150 23.89 46.44 12.41
CA SER A 150 22.78 46.11 11.55
C SER A 150 23.36 45.60 10.21
N SER A 151 22.81 44.52 9.65
CA SER A 151 23.25 44.02 8.30
C SER A 151 22.08 43.59 7.37
N PHE A 152 22.36 42.66 6.46
CA PHE A 152 21.37 42.05 5.57
C PHE A 152 21.89 40.72 4.92
N TYR A 153 20.99 40.02 4.22
CA TYR A 153 21.33 38.76 3.55
C TYR A 153 22.55 38.89 2.65
N ARG A 154 23.47 37.94 2.67
CA ARG A 154 24.64 38.01 1.84
C ARG A 154 24.33 37.80 0.36
N ASN A 155 23.23 37.12 0.06
CA ASN A 155 22.91 36.74 -1.31
C ASN A 155 21.95 37.67 -2.03
N LEU A 156 21.32 38.56 -1.29
CA LEU A 156 20.38 39.51 -1.85
C LEU A 156 20.81 40.92 -1.51
N LEU A 157 20.22 41.89 -2.20
CA LEU A 157 20.54 43.32 -2.13
C LEU A 157 19.31 44.22 -2.06
N TRP A 158 19.24 45.07 -1.05
CA TRP A 158 18.08 45.93 -0.76
C TRP A 158 18.14 47.33 -1.38
N LEU A 159 17.60 47.50 -2.58
CA LEU A 159 17.71 48.77 -3.29
C LEU A 159 16.74 49.79 -2.70
N THR A 160 17.25 51.02 -2.63
CA THR A 160 16.58 52.18 -2.05
C THR A 160 16.84 53.40 -2.90
N LYS A 161 15.88 54.33 -2.89
CA LYS A 161 16.02 55.62 -3.57
C LYS A 161 17.38 56.28 -3.32
N LYS A 162 18.03 56.71 -4.39
CA LYS A 162 19.37 57.28 -4.27
C LYS A 162 19.30 58.63 -3.66
N GLY A 163 18.22 59.34 -3.95
CA GLY A 163 18.00 60.64 -3.34
C GLY A 163 16.67 61.17 -3.82
N SER A 164 15.65 61.11 -2.96
CA SER A 164 14.28 61.51 -3.32
C SER A 164 13.89 61.09 -4.77
N SER A 165 14.31 59.89 -5.17
CA SER A 165 13.88 59.29 -6.43
C SER A 165 14.37 57.82 -6.61
N TYR A 166 13.47 57.02 -7.16
CA TYR A 166 13.67 55.61 -7.46
C TYR A 166 13.11 55.48 -8.87
N PRO A 167 13.92 55.74 -9.88
CA PRO A 167 13.47 55.55 -11.26
C PRO A 167 13.19 54.08 -11.53
N LYS A 168 12.20 53.81 -12.38
CA LYS A 168 11.92 52.45 -12.81
C LYS A 168 13.24 51.80 -13.17
N LEU A 169 13.54 50.64 -12.59
CA LEU A 169 14.71 49.88 -12.98
C LEU A 169 14.32 48.68 -13.80
N SER A 170 15.22 48.20 -14.65
CA SER A 170 14.94 46.99 -15.43
C SER A 170 16.25 46.31 -15.78
N LYS A 171 16.55 45.21 -15.11
CA LYS A 171 17.75 44.45 -15.41
C LYS A 171 17.38 43.00 -15.65
N SER A 172 18.12 42.33 -16.54
CA SER A 172 17.85 40.91 -16.83
C SER A 172 19.10 40.07 -17.08
N TYR A 173 19.14 38.90 -16.46
CA TYR A 173 20.19 37.91 -16.60
C TYR A 173 19.83 37.02 -17.76
N VAL A 174 20.83 36.39 -18.36
CA VAL A 174 20.60 35.56 -19.53
C VAL A 174 20.94 34.06 -19.36
N ASN A 175 21.76 33.67 -18.40
CA ASN A 175 22.01 32.23 -18.16
C ASN A 175 22.69 31.61 -19.34
N ASN A 176 23.99 31.88 -19.41
CA ASN A 176 24.90 31.24 -20.32
C ASN A 176 25.62 30.09 -19.63
N LYS A 177 25.19 29.69 -18.43
CA LYS A 177 25.79 28.51 -17.78
C LYS A 177 25.14 27.33 -18.48
N GLY A 178 25.65 26.14 -18.23
CA GLY A 178 25.15 25.02 -19.01
C GLY A 178 24.01 24.25 -18.39
N LYS A 179 23.57 24.74 -17.22
CA LYS A 179 22.68 24.03 -16.29
C LYS A 179 21.59 25.00 -15.82
N GLU A 180 20.69 24.54 -14.96
CA GLU A 180 19.64 25.41 -14.46
C GLU A 180 20.18 26.45 -13.50
N VAL A 181 19.59 27.65 -13.51
CA VAL A 181 19.90 28.63 -12.46
C VAL A 181 18.69 28.89 -11.53
N LEU A 182 18.95 28.86 -10.23
CA LEU A 182 17.96 29.11 -9.21
C LEU A 182 18.19 30.52 -8.77
N VAL A 183 17.24 31.39 -9.12
CA VAL A 183 17.30 32.83 -8.83
C VAL A 183 16.33 33.18 -7.72
N LEU A 184 16.83 33.82 -6.66
CA LEU A 184 15.94 34.20 -5.57
C LEU A 184 15.95 35.69 -5.46
N TRP A 185 14.77 36.24 -5.16
CA TRP A 185 14.58 37.64 -4.82
C TRP A 185 13.55 37.82 -3.69
N GLY A 186 13.26 39.07 -3.38
CA GLY A 186 12.26 39.37 -2.39
C GLY A 186 11.54 40.66 -2.74
N VAL A 187 10.35 40.77 -2.20
CA VAL A 187 9.53 41.95 -2.28
C VAL A 187 9.29 42.46 -0.88
N HIS A 188 9.46 43.74 -0.65
CA HIS A 188 9.28 44.30 0.68
C HIS A 188 7.90 44.96 0.77
N HIS A 189 7.33 44.81 1.96
CA HIS A 189 6.05 45.36 2.35
C HIS A 189 6.33 46.21 3.57
N PRO A 190 6.46 47.51 3.35
CA PRO A 190 6.59 48.45 4.45
C PRO A 190 5.36 48.40 5.36
N PRO A 191 5.48 48.82 6.62
CA PRO A 191 4.34 48.76 7.54
C PRO A 191 3.40 49.98 7.42
N THR A 192 3.88 51.06 6.77
CA THR A 192 3.13 52.32 6.56
C THR A 192 3.60 53.07 5.29
N GLY A 193 2.73 53.90 4.72
CA GLY A 193 3.04 54.68 3.53
C GLY A 193 4.19 55.67 3.70
N THR A 194 4.40 56.15 4.93
CA THR A 194 5.59 56.99 5.25
C THR A 194 6.91 56.27 4.96
N ASP A 195 7.00 55.01 5.42
CA ASP A 195 8.16 54.15 5.17
C ASP A 195 8.31 53.88 3.71
N GLN A 196 7.21 53.58 3.02
CA GLN A 196 7.21 53.50 1.56
C GLN A 196 7.99 54.66 0.92
N GLN A 197 7.62 55.89 1.27
CA GLN A 197 8.34 57.08 0.81
C GLN A 197 9.83 57.10 1.22
N SER A 198 10.08 57.00 2.52
CA SER A 198 11.45 57.00 3.04
C SER A 198 12.36 56.09 2.23
N LEU A 199 11.86 54.90 1.94
CA LEU A 199 12.63 53.86 1.28
C LEU A 199 12.62 54.02 -0.23
N TYR A 200 11.45 53.99 -0.84
CA TYR A 200 11.32 53.92 -2.30
C TYR A 200 10.78 55.18 -3.01
N GLN A 201 10.30 56.14 -2.20
CA GLN A 201 9.80 57.44 -2.67
C GLN A 201 8.79 57.26 -3.81
N ASN A 202 7.85 56.34 -3.69
CA ASN A 202 7.01 56.02 -4.83
C ASN A 202 5.69 55.33 -4.45
N ALA A 203 4.97 55.94 -3.51
CA ALA A 203 3.65 55.46 -3.08
C ALA A 203 3.04 54.32 -3.94
N ASP A 204 2.79 54.59 -5.23
CA ASP A 204 2.18 53.60 -6.14
C ASP A 204 3.16 52.82 -7.03
N ALA A 205 4.05 52.05 -6.36
CA ALA A 205 5.16 51.30 -7.02
C ALA A 205 4.85 49.81 -7.20
N TYR A 206 5.70 49.14 -7.95
CA TYR A 206 5.52 47.70 -8.17
C TYR A 206 6.85 46.96 -8.48
N VAL A 207 6.77 45.62 -8.55
CA VAL A 207 7.88 44.72 -8.89
C VAL A 207 7.41 43.67 -9.89
N SER A 208 8.03 43.63 -11.06
CA SER A 208 7.65 42.66 -12.10
C SER A 208 8.87 41.80 -12.43
N VAL A 209 8.67 40.49 -12.39
CA VAL A 209 9.70 39.52 -12.69
C VAL A 209 9.26 38.57 -13.81
N GLY A 210 10.02 38.47 -14.92
CA GLY A 210 9.61 37.68 -16.10
C GLY A 210 10.68 36.82 -16.81
N SER A 211 10.56 35.49 -16.68
CA SER A 211 11.29 34.55 -17.53
C SER A 211 10.34 34.08 -18.62
N SER A 212 10.82 33.20 -19.49
CA SER A 212 10.01 32.78 -20.63
C SER A 212 9.04 31.76 -20.18
N LYS A 213 9.22 31.31 -18.94
CA LYS A 213 8.31 30.37 -18.28
C LYS A 213 7.77 30.89 -16.91
N TYR A 214 7.77 32.20 -16.66
CA TYR A 214 7.43 32.73 -15.34
C TYR A 214 7.07 34.18 -15.41
N ASN A 215 5.79 34.52 -15.56
CA ASN A 215 5.39 35.91 -15.43
C ASN A 215 4.78 36.03 -14.03
N ARG A 216 5.02 37.18 -13.36
CA ARG A 216 4.37 37.53 -12.08
C ARG A 216 4.64 38.94 -11.58
N ARG A 217 3.55 39.64 -11.27
CA ARG A 217 3.56 40.99 -10.68
C ARG A 217 3.46 40.95 -9.10
N PHE A 218 3.99 42.01 -8.51
CA PHE A 218 4.05 42.15 -7.07
C PHE A 218 3.81 43.57 -6.69
N THR A 219 3.19 43.75 -5.54
CA THR A 219 2.84 45.09 -5.08
C THR A 219 3.07 45.15 -3.60
N PRO A 220 3.35 46.34 -3.08
CA PRO A 220 3.49 46.49 -1.64
C PRO A 220 2.14 46.41 -0.92
N GLU A 221 1.98 45.36 -0.11
CA GLU A 221 0.87 45.20 0.80
C GLU A 221 1.22 46.05 2.00
N ILE A 222 1.00 47.36 1.90
CA ILE A 222 1.27 48.28 3.02
C ILE A 222 0.23 48.13 4.15
N ALA A 223 0.68 47.65 5.32
CA ALA A 223 -0.25 47.38 6.43
C ALA A 223 0.40 47.38 7.82
N ALA A 224 -0.41 47.57 8.85
CA ALA A 224 0.09 47.56 10.22
C ALA A 224 0.11 46.11 10.71
N ARG A 225 1.19 45.74 11.39
CA ARG A 225 1.35 44.38 11.91
C ARG A 225 2.28 44.27 13.11
N PRO A 226 2.12 43.20 13.86
CA PRO A 226 3.00 42.94 15.02
C PRO A 226 4.46 42.88 14.67
N LYS A 227 5.29 43.27 15.62
CA LYS A 227 6.72 43.31 15.39
C LYS A 227 7.21 41.89 15.45
N VAL A 228 8.21 41.59 14.65
CA VAL A 228 8.89 40.30 14.69
C VAL A 228 10.35 40.67 14.50
N ARG A 229 11.15 40.26 15.47
CA ARG A 229 12.54 40.64 15.51
C ARG A 229 12.55 42.14 15.30
N ASP A 230 11.60 42.81 15.92
CA ASP A 230 11.50 44.25 15.89
C ASP A 230 11.15 44.92 14.53
N GLN A 231 10.36 44.23 13.70
CA GLN A 231 10.01 44.71 12.37
C GLN A 231 8.54 44.53 12.07
N ALA A 232 7.87 45.65 11.89
CA ALA A 232 6.49 45.69 11.52
C ALA A 232 6.40 45.45 10.03
N GLY A 233 7.50 45.58 9.34
CA GLY A 233 7.49 45.35 7.90
C GLY A 233 7.70 43.89 7.61
N ARG A 234 7.25 43.45 6.46
CA ARG A 234 7.42 42.06 6.06
C ARG A 234 8.12 41.97 4.70
N MET A 235 8.71 40.84 4.40
CA MET A 235 9.09 40.62 3.02
C MET A 235 8.95 39.14 2.57
N ASN A 236 8.35 38.98 1.39
CA ASN A 236 8.19 37.68 0.82
C ASN A 236 9.34 37.37 -0.09
N TYR A 237 9.86 36.16 0.05
CA TYR A 237 10.98 35.68 -0.72
C TYR A 237 10.45 34.69 -1.73
N TYR A 238 10.61 34.99 -3.03
CA TYR A 238 10.23 34.07 -4.10
C TYR A 238 11.43 33.45 -4.77
N TRP A 239 11.20 32.41 -5.53
CA TRP A 239 12.27 31.80 -6.31
C TRP A 239 11.77 31.27 -7.64
N THR A 240 12.70 30.86 -8.47
CA THR A 240 12.36 30.25 -9.76
C THR A 240 13.56 29.56 -10.43
N LEU A 241 13.32 28.50 -11.19
CA LEU A 241 14.43 27.87 -11.86
C LEU A 241 14.55 28.40 -13.26
N LEU A 242 15.67 29.00 -13.57
CA LEU A 242 15.85 29.52 -14.92
C LEU A 242 16.45 28.43 -15.76
N GLU A 243 15.91 28.26 -16.97
CA GLU A 243 16.39 27.25 -17.90
C GLU A 243 17.58 27.75 -18.73
N PRO A 244 18.48 26.83 -19.11
CA PRO A 244 19.75 27.13 -19.80
C PRO A 244 19.81 28.24 -20.84
N GLY A 245 18.96 28.21 -21.85
CA GLY A 245 19.03 29.31 -22.80
C GLY A 245 18.24 30.51 -22.39
N ASP A 246 17.29 30.33 -21.47
CA ASP A 246 16.26 31.35 -21.17
C ASP A 246 16.82 32.56 -20.35
N THR A 247 16.08 33.67 -20.36
CA THR A 247 16.49 34.85 -19.58
C THR A 247 15.42 35.32 -18.64
N ILE A 248 15.83 35.72 -17.44
CA ILE A 248 14.91 36.24 -16.42
C ILE A 248 15.06 37.73 -16.44
N THR A 249 13.95 38.47 -16.38
CA THR A 249 14.04 39.95 -16.34
C THR A 249 13.22 40.64 -15.23
N PHE A 250 13.94 41.39 -14.40
CA PHE A 250 13.37 42.14 -13.28
C PHE A 250 13.17 43.56 -13.71
N GLU A 251 12.18 44.18 -13.09
CA GLU A 251 11.72 45.50 -13.46
C GLU A 251 10.87 46.03 -12.29
N ALA A 252 11.22 47.19 -11.74
CA ALA A 252 10.49 47.72 -10.59
C ALA A 252 10.63 49.22 -10.35
N THR A 253 9.69 49.77 -9.59
CA THR A 253 9.72 51.18 -9.12
C THR A 253 9.80 51.26 -7.58
N GLY A 254 10.08 50.13 -6.96
CA GLY A 254 10.29 50.08 -5.53
C GLY A 254 10.22 48.66 -5.04
N ASN A 255 10.71 48.46 -3.83
CA ASN A 255 10.42 47.24 -3.05
C ASN A 255 11.12 45.98 -3.52
N LEU A 256 12.14 46.11 -4.35
CA LEU A 256 12.83 44.91 -4.82
C LEU A 256 14.05 44.64 -4.00
N ILE A 257 14.02 43.53 -3.25
CA ILE A 257 15.24 42.99 -2.64
C ILE A 257 15.74 42.18 -3.77
N ALA A 258 16.61 42.84 -4.52
CA ALA A 258 17.15 42.31 -5.77
C ALA A 258 18.07 41.14 -5.53
N PRO A 259 18.14 40.26 -6.49
CA PRO A 259 19.14 39.21 -6.46
C PRO A 259 20.58 39.77 -6.63
N TRP A 260 21.46 39.23 -5.80
CA TRP A 260 22.85 39.52 -5.89
C TRP A 260 23.59 38.29 -6.34
N TYR A 261 23.51 37.21 -5.58
CA TYR A 261 24.05 35.92 -6.03
C TYR A 261 22.93 34.98 -6.32
N ALA A 262 23.08 34.22 -7.38
CA ALA A 262 22.19 33.12 -7.72
C ALA A 262 22.98 31.78 -7.62
N PHE A 263 22.30 30.67 -7.93
CA PHE A 263 22.91 29.35 -7.90
C PHE A 263 22.74 28.64 -9.21
N ALA A 264 23.68 27.76 -9.52
CA ALA A 264 23.64 26.99 -10.74
C ALA A 264 23.90 25.52 -10.42
N LEU A 265 23.05 24.63 -10.91
CA LEU A 265 23.13 23.26 -10.43
C LEU A 265 22.39 22.29 -11.33
N ASN A 266 22.72 21.00 -11.19
CA ASN A 266 21.93 19.93 -11.83
C ASN A 266 21.20 19.13 -10.75
N ARG A 267 19.88 19.25 -10.78
CA ARG A 267 19.04 18.62 -9.77
C ARG A 267 19.08 17.12 -9.95
N GLY A 268 19.09 16.43 -8.82
CA GLY A 268 19.20 14.99 -8.79
C GLY A 268 17.85 14.30 -8.85
N SER A 269 17.95 12.98 -9.02
CA SER A 269 16.81 12.08 -9.11
C SER A 269 15.74 12.46 -8.11
N GLY A 270 16.00 12.31 -6.81
CA GLY A 270 14.98 12.57 -5.80
C GLY A 270 15.35 12.10 -4.38
N SER A 271 16.10 12.92 -3.68
CA SER A 271 16.47 12.52 -2.34
C SER A 271 15.43 13.07 -1.39
N GLY A 272 15.94 13.53 -0.23
CA GLY A 272 15.17 14.25 0.78
C GLY A 272 16.02 14.77 1.94
N ILE A 273 15.34 15.20 2.98
CA ILE A 273 15.94 15.87 4.10
C ILE A 273 15.74 15.10 5.37
N ILE A 274 16.81 14.94 6.14
CA ILE A 274 16.80 14.24 7.42
C ILE A 274 17.14 15.19 8.56
N THR A 275 16.37 15.19 9.61
CA THR A 275 16.73 15.98 10.75
C THR A 275 17.37 15.05 11.76
N SER A 276 18.68 15.14 11.88
CA SER A 276 19.38 14.30 12.85
C SER A 276 20.50 15.07 13.59
N ASP A 277 20.61 14.87 14.89
CA ASP A 277 21.74 15.38 15.65
C ASP A 277 22.95 14.42 15.67
N ALA A 278 22.85 13.31 14.96
CA ALA A 278 23.97 12.39 14.82
C ALA A 278 25.09 13.00 13.99
N PRO A 279 26.31 12.55 14.25
CA PRO A 279 27.47 13.00 13.52
C PRO A 279 27.68 12.37 12.14
N VAL A 280 27.89 13.21 11.13
CA VAL A 280 28.23 12.77 9.78
C VAL A 280 29.67 12.22 9.68
N HIS A 281 29.85 10.98 9.26
CA HIS A 281 31.17 10.36 9.09
C HIS A 281 31.36 9.91 7.63
N ASP A 282 32.62 9.59 7.27
CA ASP A 282 32.99 9.17 5.91
C ASP A 282 32.90 7.65 5.71
N CYS A 283 31.69 7.09 5.91
CA CYS A 283 31.38 5.71 5.59
C CYS A 283 30.32 5.69 4.53
N ASN A 284 30.10 4.55 3.89
CA ASN A 284 29.04 4.39 2.90
C ASN A 284 27.83 3.62 3.44
N THR A 285 26.67 3.84 2.81
CA THR A 285 25.38 3.16 3.18
C THR A 285 24.46 3.06 2.01
N LYS A 286 23.77 1.93 1.90
CA LYS A 286 22.68 1.80 0.91
C LYS A 286 21.39 2.39 1.52
N CYS A 287 21.30 2.30 2.85
CA CYS A 287 20.18 2.78 3.60
C CYS A 287 20.49 3.67 4.84
N GLN A 288 20.13 4.95 4.73
CA GLN A 288 20.29 5.90 5.82
C GLN A 288 19.02 6.22 6.56
N THR A 289 19.10 6.12 7.88
CA THR A 289 18.05 6.46 8.83
C THR A 289 18.47 7.65 9.70
N PRO A 290 17.52 8.38 10.23
CA PRO A 290 17.85 9.54 11.08
C PRO A 290 18.70 9.27 12.31
N HIS A 291 18.54 8.14 12.99
CA HIS A 291 19.44 7.81 14.14
C HIS A 291 20.77 7.22 13.74
N GLY A 292 20.86 6.63 12.55
CA GLY A 292 22.05 5.92 12.11
C GLY A 292 21.82 5.15 10.83
N ALA A 293 22.89 4.78 10.18
CA ALA A 293 22.85 4.00 8.97
C ALA A 293 22.57 2.53 9.29
N ILE A 294 22.05 1.75 8.35
CA ILE A 294 21.79 0.35 8.62
C ILE A 294 22.20 -0.53 7.46
N ASN A 295 22.47 -1.81 7.75
CA ASN A 295 22.71 -2.77 6.70
C ASN A 295 21.39 -2.94 5.91
N SER A 296 21.47 -3.22 4.64
CA SER A 296 20.28 -3.45 3.87
C SER A 296 20.35 -4.78 3.11
N SER A 297 21.00 -5.78 3.67
CA SER A 297 21.01 -7.09 3.02
C SER A 297 19.83 -7.89 3.50
N LEU A 298 19.33 -7.59 4.69
CA LEU A 298 18.14 -8.27 5.17
C LEU A 298 16.87 -7.60 4.66
N PRO A 299 15.77 -8.33 4.57
CA PRO A 299 14.53 -7.76 4.00
C PRO A 299 13.69 -6.88 4.90
N PHE A 300 13.89 -6.89 6.21
CA PHE A 300 13.07 -6.07 7.13
C PHE A 300 13.93 -5.36 8.19
N GLN A 301 13.33 -4.38 8.83
CA GLN A 301 14.08 -3.50 9.69
C GLN A 301 13.12 -2.77 10.61
N ASN A 302 13.58 -2.57 11.84
CA ASN A 302 12.76 -1.86 12.85
C ASN A 302 13.38 -0.66 13.53
N ILE A 303 14.17 0.08 12.81
CA ILE A 303 14.86 1.17 13.41
C ILE A 303 13.99 2.40 13.33
N HIS A 304 13.63 2.79 12.11
CA HIS A 304 12.79 3.96 11.86
C HIS A 304 12.06 3.82 10.56
N PRO A 305 10.79 4.19 10.50
CA PRO A 305 10.07 4.11 9.24
C PRO A 305 10.59 5.11 8.22
N VAL A 306 11.03 6.29 8.66
CA VAL A 306 11.46 7.36 7.76
C VAL A 306 12.92 7.18 7.43
N THR A 307 13.14 6.76 6.20
CA THR A 307 14.38 6.27 5.70
C THR A 307 14.77 6.91 4.30
N ILE A 308 16.04 6.82 3.90
CA ILE A 308 16.46 7.26 2.55
C ILE A 308 17.48 6.29 1.98
N GLY A 309 17.20 5.76 0.82
CA GLY A 309 18.09 4.83 0.17
C GLY A 309 17.31 3.66 -0.33
N GLU A 310 17.99 2.57 -0.67
CA GLU A 310 17.37 1.30 -1.04
C GLU A 310 17.30 0.60 0.27
N CYS A 311 16.17 0.74 0.97
CA CYS A 311 16.07 0.33 2.38
C CYS A 311 15.27 -0.92 2.62
N PRO A 312 15.55 -1.67 3.64
CA PRO A 312 14.61 -2.72 4.04
C PRO A 312 13.26 -2.16 4.48
N LYS A 313 12.23 -2.97 4.52
CA LYS A 313 10.90 -2.53 4.88
C LYS A 313 10.80 -2.29 6.36
N TYR A 314 10.25 -1.15 6.74
CA TYR A 314 10.04 -0.89 8.14
C TYR A 314 8.87 -1.74 8.62
N VAL A 315 9.16 -2.54 9.65
CA VAL A 315 8.21 -3.42 10.27
C VAL A 315 8.25 -3.12 11.77
N ARG A 316 7.14 -3.24 12.47
CA ARG A 316 7.16 -2.94 13.92
C ARG A 316 7.45 -4.17 14.78
N SER A 317 7.96 -5.24 14.21
CA SER A 317 8.41 -6.41 14.97
C SER A 317 9.62 -6.15 15.83
N THR A 318 9.81 -7.02 16.80
CA THR A 318 10.94 -6.97 17.74
C THR A 318 12.08 -7.93 17.35
N LYS A 319 11.69 -9.11 16.89
CA LYS A 319 12.60 -10.18 16.46
C LYS A 319 11.85 -11.04 15.42
N LEU A 320 12.55 -11.48 14.39
CA LEU A 320 11.96 -12.32 13.36
C LEU A 320 12.98 -13.36 13.03
N ARG A 321 12.99 -14.43 13.81
CA ARG A 321 13.98 -15.51 13.62
C ARG A 321 13.38 -16.66 12.82
N MET A 322 13.97 -16.91 11.68
CA MET A 322 13.61 -18.02 10.83
C MET A 322 14.40 -19.31 11.27
N ALA A 323 13.70 -20.30 11.84
CA ALA A 323 14.36 -21.54 12.21
C ALA A 323 14.90 -22.28 11.00
N THR A 324 16.03 -22.96 11.18
CA THR A 324 16.67 -23.76 10.14
C THR A 324 17.22 -25.05 10.68
N GLY A 325 17.39 -25.05 12.00
CA GLY A 325 17.95 -26.15 12.75
C GLY A 325 16.94 -27.18 13.18
N LEU A 326 17.46 -28.12 13.97
CA LEU A 326 16.72 -29.23 14.51
C LEU A 326 16.25 -28.83 15.88
N ARG A 327 15.20 -29.48 16.35
CA ARG A 327 14.72 -29.22 17.69
C ARG A 327 15.68 -29.85 18.70
N ASN A 328 15.90 -29.18 19.83
CA ASN A 328 16.70 -29.73 20.91
C ASN A 328 15.88 -30.59 21.81
N ILE A 329 14.65 -30.19 22.06
CA ILE A 329 13.68 -31.08 22.72
C ILE A 329 12.87 -31.73 21.62
N PRO A 330 13.05 -33.03 21.39
CA PRO A 330 12.31 -33.72 20.31
C PRO A 330 10.75 -33.59 20.38
N SER A 331 10.12 -33.59 19.22
CA SER A 331 8.71 -33.27 19.12
C SER A 331 7.83 -34.39 19.62
N ILE A 332 6.60 -34.05 19.96
CA ILE A 332 5.64 -35.05 20.35
C ILE A 332 5.36 -36.05 19.24
N GLN A 333 5.51 -35.61 17.99
CA GLN A 333 5.30 -36.43 16.82
C GLN A 333 6.32 -37.54 16.85
N SER A 334 7.55 -37.20 17.18
CA SER A 334 8.66 -38.13 17.05
C SER A 334 8.66 -39.18 18.14
N ARG A 335 8.05 -38.88 19.27
CA ARG A 335 8.14 -39.81 20.37
C ARG A 335 7.77 -41.26 19.91
N GLY B 1 8.68 -42.20 20.09
CA GLY B 1 8.35 -43.59 19.82
C GLY B 1 8.53 -44.08 18.39
N LEU B 2 8.80 -43.15 17.48
CA LEU B 2 9.06 -43.46 16.06
C LEU B 2 10.54 -43.32 15.69
N PHE B 3 11.23 -42.42 16.38
CA PHE B 3 12.64 -42.21 16.19
C PHE B 3 13.14 -41.31 17.32
N GLY B 4 14.40 -41.52 17.70
CA GLY B 4 14.95 -40.78 18.83
C GLY B 4 16.07 -39.85 18.45
N ALA B 5 16.57 -39.13 19.45
CA ALA B 5 17.70 -38.25 19.26
C ALA B 5 18.96 -39.06 19.36
N ILE B 6 19.55 -39.47 18.24
CA ILE B 6 20.87 -40.09 18.26
C ILE B 6 21.74 -39.39 19.29
N ALA B 7 21.94 -40.06 20.41
CA ALA B 7 22.60 -39.49 21.59
C ALA B 7 24.07 -39.11 21.35
N GLY B 8 24.41 -38.64 20.14
CA GLY B 8 25.74 -38.11 19.88
C GLY B 8 26.14 -37.22 21.06
N PHE B 9 27.40 -37.28 21.48
CA PHE B 9 27.80 -36.63 22.73
C PHE B 9 27.64 -35.13 22.66
N ILE B 10 27.67 -34.58 21.45
CA ILE B 10 27.57 -33.14 21.25
C ILE B 10 28.82 -32.69 20.55
N GLU B 11 29.01 -33.20 19.34
CA GLU B 11 30.19 -32.90 18.54
C GLU B 11 30.02 -31.55 17.81
N GLY B 12 31.11 -31.05 17.23
CA GLY B 12 31.04 -29.97 16.26
C GLY B 12 30.46 -30.52 14.97
N GLY B 13 30.36 -31.86 14.89
CA GLY B 13 29.55 -32.57 13.92
C GLY B 13 29.50 -32.04 12.50
N TRP B 14 28.46 -31.24 12.18
CA TRP B 14 28.24 -30.82 10.78
C TRP B 14 28.13 -29.32 10.47
N THR B 15 27.66 -29.07 9.25
CA THR B 15 27.64 -27.77 8.63
C THR B 15 26.43 -26.95 9.15
N GLY B 16 26.61 -25.63 9.17
CA GLY B 16 25.64 -24.66 9.63
C GLY B 16 24.32 -24.70 8.90
N MET B 17 23.42 -23.85 9.32
CA MET B 17 22.01 -23.89 8.95
C MET B 17 21.33 -24.92 9.81
N ILE B 18 21.44 -26.19 9.45
CA ILE B 18 20.93 -27.26 10.29
C ILE B 18 22.08 -27.42 11.19
N ASP B 19 21.94 -27.47 12.50
CA ASP B 19 23.17 -27.63 13.31
C ASP B 19 23.08 -28.98 13.94
N GLY B 20 23.15 -29.97 13.06
CA GLY B 20 22.98 -31.38 13.37
C GLY B 20 22.89 -32.22 12.11
N TRP B 21 22.33 -33.39 12.26
CA TRP B 21 22.28 -34.29 11.11
C TRP B 21 21.35 -35.47 11.33
N TYR B 22 20.96 -36.07 10.22
CA TYR B 22 20.22 -37.29 10.24
C TYR B 22 21.23 -38.42 10.20
N GLY B 23 21.11 -39.40 11.09
CA GLY B 23 22.00 -40.52 11.04
C GLY B 23 21.57 -41.79 11.73
N TYR B 24 22.58 -42.64 11.94
CA TYR B 24 22.39 -43.91 12.57
C TYR B 24 23.14 -44.04 13.88
N HIS B 25 22.90 -45.17 14.52
CA HIS B 25 23.54 -45.54 15.76
C HIS B 25 23.40 -47.02 15.85
N HIS B 26 24.49 -47.74 15.66
CA HIS B 26 24.42 -49.19 15.64
C HIS B 26 25.06 -49.84 16.87
N GLN B 27 25.01 -51.17 16.90
CA GLN B 27 25.52 -52.02 17.97
C GLN B 27 25.65 -53.40 17.36
N ASN B 28 26.89 -53.87 17.28
CA ASN B 28 27.16 -55.22 16.83
C ASN B 28 28.29 -55.82 17.65
N GLU B 29 28.73 -57.02 17.30
CA GLU B 29 29.83 -57.69 18.04
C GLU B 29 31.00 -56.74 18.23
N GLN B 30 31.51 -56.22 17.10
CA GLN B 30 32.61 -55.23 17.00
C GLN B 30 32.47 -53.99 17.90
N GLY B 31 31.23 -53.59 18.18
CA GLY B 31 30.94 -52.55 19.15
C GLY B 31 29.82 -51.65 18.66
N SER B 32 29.73 -50.45 19.23
CA SER B 32 28.75 -49.44 18.84
C SER B 32 29.32 -48.34 17.97
N GLY B 33 28.45 -47.68 17.21
CA GLY B 33 28.83 -46.62 16.29
C GLY B 33 27.74 -45.55 16.14
N TYR B 34 28.19 -44.36 15.77
CA TYR B 34 27.33 -43.23 15.45
C TYR B 34 27.85 -42.71 14.08
N ALA B 35 26.96 -42.64 13.12
CA ALA B 35 27.34 -42.16 11.81
C ALA B 35 26.19 -41.32 11.27
N ALA B 36 26.50 -40.15 10.80
CA ALA B 36 25.50 -39.30 10.19
C ALA B 36 25.31 -39.69 8.74
N ASP B 37 24.09 -39.65 8.23
CA ASP B 37 23.82 -39.91 6.83
C ASP B 37 24.10 -38.66 5.95
N GLN B 38 25.18 -38.70 5.16
CA GLN B 38 25.55 -37.64 4.21
C GLN B 38 24.39 -37.30 3.24
N LYS B 39 24.00 -38.23 2.35
CA LYS B 39 23.00 -37.93 1.29
C LYS B 39 21.75 -37.23 1.82
N SER B 40 21.20 -37.70 2.93
CA SER B 40 19.96 -37.10 3.41
C SER B 40 20.19 -35.76 4.10
N THR B 41 21.11 -35.70 5.05
CA THR B 41 21.42 -34.45 5.76
C THR B 41 21.73 -33.35 4.75
N GLN B 42 22.69 -33.59 3.89
CA GLN B 42 23.09 -32.62 2.89
C GLN B 42 21.93 -32.08 2.04
N ASN B 43 21.07 -32.94 1.55
CA ASN B 43 19.92 -32.50 0.80
C ASN B 43 19.14 -31.44 1.58
N ALA B 44 18.96 -31.66 2.87
CA ALA B 44 18.18 -30.73 3.70
C ALA B 44 18.89 -29.41 3.84
N ILE B 45 20.21 -29.45 4.03
CA ILE B 45 21.00 -28.24 4.13
C ILE B 45 20.89 -27.39 2.88
N ASP B 46 20.95 -28.02 1.72
CA ASP B 46 20.73 -27.32 0.48
C ASP B 46 19.34 -26.74 0.39
N GLY B 47 18.34 -27.48 0.85
CA GLY B 47 16.95 -27.09 0.76
C GLY B 47 16.76 -25.89 1.66
N ILE B 48 17.13 -26.00 2.91
CA ILE B 48 16.83 -24.96 3.85
C ILE B 48 17.63 -23.73 3.52
N THR B 49 18.80 -23.83 2.90
CA THR B 49 19.54 -22.61 2.57
C THR B 49 18.86 -21.95 1.39
N ASN B 50 18.35 -22.78 0.51
CA ASN B 50 17.68 -22.29 -0.67
C ASN B 50 16.44 -21.52 -0.20
N LYS B 51 15.89 -21.99 0.91
CA LYS B 51 14.65 -21.47 1.46
C LYS B 51 14.93 -20.15 2.10
N VAL B 52 15.98 -20.08 2.93
CA VAL B 52 16.37 -18.83 3.59
C VAL B 52 16.80 -17.78 2.56
N ASN B 53 17.47 -18.21 1.51
CA ASN B 53 17.84 -17.27 0.49
C ASN B 53 16.61 -16.69 -0.20
N SER B 54 15.65 -17.52 -0.60
CA SER B 54 14.47 -16.99 -1.27
C SER B 54 13.80 -15.88 -0.42
N VAL B 55 13.63 -16.16 0.85
CA VAL B 55 13.01 -15.21 1.72
C VAL B 55 13.73 -13.87 1.75
N ILE B 56 15.04 -13.91 1.63
CA ILE B 56 15.85 -12.70 1.56
C ILE B 56 16.00 -12.07 0.14
N GLU B 57 16.50 -12.86 -0.81
CA GLU B 57 16.74 -12.37 -2.16
C GLU B 57 15.47 -11.72 -2.76
N LYS B 58 14.39 -12.47 -2.82
CA LYS B 58 13.18 -11.99 -3.52
C LYS B 58 12.67 -10.64 -3.05
N MET B 59 13.02 -10.22 -1.84
CA MET B 59 12.71 -8.85 -1.39
C MET B 59 13.52 -7.98 -2.28
N ASN B 60 14.81 -7.76 -1.95
CA ASN B 60 15.74 -7.00 -2.79
C ASN B 60 15.06 -6.43 -4.06
N THR B 61 14.09 -5.57 -3.76
CA THR B 61 13.36 -4.86 -4.73
C THR B 61 13.58 -3.39 -4.38
N GLN B 62 13.49 -3.03 -3.11
CA GLN B 62 13.58 -1.63 -2.80
C GLN B 62 14.43 -0.81 -3.83
N PHE B 63 14.11 0.48 -3.93
CA PHE B 63 14.78 1.49 -4.73
C PHE B 63 14.83 2.79 -3.90
N THR B 64 15.71 3.74 -4.28
CA THR B 64 15.88 5.01 -3.50
C THR B 64 14.48 5.53 -3.33
N ALA B 65 14.05 5.64 -2.09
CA ALA B 65 12.74 6.12 -1.73
C ALA B 65 12.96 6.91 -0.39
N VAL B 66 11.86 7.42 0.24
CA VAL B 66 11.88 8.38 1.39
C VAL B 66 10.65 8.60 2.43
N GLY B 67 10.29 9.88 2.61
CA GLY B 67 9.43 10.51 3.61
C GLY B 67 9.37 12.06 3.33
N LYS B 68 8.35 12.78 3.80
CA LYS B 68 7.98 14.06 3.18
C LYS B 68 7.66 15.18 4.17
N GLU B 69 7.67 16.43 3.71
CA GLU B 69 7.35 17.62 4.55
C GLU B 69 6.33 18.59 3.95
N PHE B 70 5.32 18.95 4.74
CA PHE B 70 4.22 19.80 4.31
C PHE B 70 4.09 20.97 5.27
N ASN B 71 3.24 21.95 4.93
CA ASN B 71 2.99 23.13 5.77
C ASN B 71 1.62 23.13 6.45
N ASN B 72 1.39 24.11 7.32
CA ASN B 72 0.13 24.32 8.06
C ASN B 72 -1.18 24.41 7.24
N LEU B 73 -1.08 24.58 5.93
CA LEU B 73 -2.27 24.47 5.06
C LEU B 73 -2.29 23.20 4.22
N GLU B 74 -1.44 22.26 4.56
CA GLU B 74 -1.33 20.99 3.86
C GLU B 74 -1.51 19.79 4.84
N ARG B 75 -2.36 19.95 5.83
CA ARG B 75 -2.62 18.91 6.78
C ARG B 75 -3.22 17.71 6.12
N ARG B 76 -4.04 17.89 5.11
CA ARG B 76 -4.70 16.76 4.50
C ARG B 76 -3.73 15.85 3.73
N ILE B 77 -2.82 16.43 2.95
CA ILE B 77 -1.79 15.65 2.24
C ILE B 77 -0.92 14.93 3.26
N GLU B 78 -0.56 15.65 4.31
CA GLU B 78 0.32 15.13 5.29
C GLU B 78 -0.25 13.87 5.82
N ASN B 79 -1.53 13.89 6.24
CA ASN B 79 -2.26 12.70 6.70
C ASN B 79 -2.51 11.66 5.63
N LEU B 80 -2.69 12.04 4.38
CA LEU B 80 -2.75 11.06 3.33
C LEU B 80 -1.42 10.34 3.28
N ASN B 81 -0.35 11.06 3.55
CA ASN B 81 1.01 10.52 3.46
C ASN B 81 1.27 9.49 4.59
N LYS B 82 0.65 9.73 5.75
CA LYS B 82 0.76 8.83 6.89
C LYS B 82 -0.05 7.57 6.64
N LYS B 83 -1.24 7.76 6.13
CA LYS B 83 -2.08 6.63 5.78
C LYS B 83 -1.27 5.69 4.94
N VAL B 84 -0.38 6.22 4.10
CA VAL B 84 0.36 5.36 3.22
C VAL B 84 1.43 4.65 4.00
N ASP B 85 2.19 5.43 4.76
CA ASP B 85 3.28 4.87 5.56
C ASP B 85 2.79 3.76 6.45
N ASP B 86 1.77 4.04 7.24
CA ASP B 86 1.25 3.09 8.20
C ASP B 86 0.61 1.91 7.51
N GLY B 87 -0.06 2.17 6.40
CA GLY B 87 -0.66 1.10 5.61
C GLY B 87 0.35 0.03 5.31
N PHE B 88 1.45 0.46 4.71
CA PHE B 88 2.58 -0.39 4.45
C PHE B 88 3.10 -1.05 5.69
N LEU B 89 3.27 -0.31 6.75
CA LEU B 89 3.81 -0.85 8.01
C LEU B 89 3.03 -2.07 8.53
N ASP B 90 1.70 -1.97 8.48
CA ASP B 90 0.76 -3.01 8.90
C ASP B 90 0.87 -4.20 8.03
N ILE B 91 0.94 -3.96 6.72
CA ILE B 91 1.05 -5.02 5.74
C ILE B 91 2.30 -5.85 5.93
N TRP B 92 3.47 -5.24 6.02
CA TRP B 92 4.71 -6.00 6.11
C TRP B 92 4.80 -6.71 7.44
N THR B 93 4.42 -5.99 8.50
CA THR B 93 4.52 -6.55 9.85
C THR B 93 3.70 -7.79 9.93
N TYR B 94 2.45 -7.73 9.48
CA TYR B 94 1.60 -8.89 9.48
C TYR B 94 2.17 -10.01 8.61
N ASN B 95 2.63 -9.71 7.41
CA ASN B 95 3.07 -10.78 6.55
C ASN B 95 4.38 -11.35 6.99
N ALA B 96 5.33 -10.48 7.35
CA ALA B 96 6.66 -10.97 7.81
C ALA B 96 6.51 -11.86 9.07
N GLU B 97 5.62 -11.47 9.96
CA GLU B 97 5.34 -12.25 11.13
C GLU B 97 4.69 -13.59 10.77
N LEU B 98 3.54 -13.55 10.13
CA LEU B 98 2.91 -14.80 9.71
C LEU B 98 3.82 -15.63 8.93
N LEU B 99 4.50 -15.04 7.97
CA LEU B 99 5.44 -15.78 7.12
C LEU B 99 6.50 -16.55 7.93
N VAL B 100 7.06 -15.96 8.98
CA VAL B 100 8.07 -16.63 9.75
C VAL B 100 7.48 -17.73 10.58
N LEU B 101 6.38 -17.43 11.28
CA LEU B 101 5.66 -18.42 12.11
C LEU B 101 5.18 -19.65 11.34
N LEU B 102 4.57 -19.48 10.17
CA LEU B 102 4.05 -20.54 9.35
C LEU B 102 5.18 -21.35 8.79
N GLU B 103 6.18 -20.66 8.26
CA GLU B 103 7.32 -21.26 7.62
C GLU B 103 8.26 -21.88 8.65
N ASN B 104 8.05 -21.63 9.94
CA ASN B 104 8.84 -22.27 10.96
C ASN B 104 8.27 -23.63 11.36
N GLU B 105 6.94 -23.75 11.44
CA GLU B 105 6.28 -25.05 11.63
C GLU B 105 6.65 -25.98 10.44
N ARG B 106 6.90 -25.38 9.30
CA ARG B 106 7.26 -26.14 8.11
C ARG B 106 8.63 -26.72 8.18
N THR B 107 9.60 -25.88 8.49
CA THR B 107 10.98 -26.33 8.64
C THR B 107 11.06 -27.43 9.68
N LEU B 108 10.34 -27.27 10.77
CA LEU B 108 10.44 -28.29 11.78
C LEU B 108 9.81 -29.64 11.37
N ASP B 109 8.69 -29.60 10.62
CA ASP B 109 8.04 -30.83 10.15
C ASP B 109 8.93 -31.49 9.15
N PHE B 110 9.61 -30.68 8.36
CA PHE B 110 10.51 -31.11 7.29
C PHE B 110 11.61 -31.93 7.84
N HIS B 111 12.12 -31.54 9.00
CA HIS B 111 13.20 -32.29 9.62
C HIS B 111 12.67 -33.65 10.11
N ASP B 112 11.55 -33.62 10.83
CA ASP B 112 10.97 -34.83 11.38
C ASP B 112 10.62 -35.83 10.25
N SER B 113 10.23 -35.31 9.08
CA SER B 113 9.85 -36.15 7.97
C SER B 113 11.01 -36.80 7.33
N ASN B 114 12.11 -36.06 7.24
CA ASN B 114 13.32 -36.60 6.63
C ASN B 114 13.88 -37.74 7.48
N VAL B 115 13.77 -37.63 8.80
CA VAL B 115 14.25 -38.67 9.72
C VAL B 115 13.41 -39.91 9.62
N ARG B 116 12.13 -39.72 9.48
CA ARG B 116 11.21 -40.83 9.30
C ARG B 116 11.35 -41.42 7.90
N ASN B 117 11.67 -40.59 6.93
CA ASN B 117 11.79 -41.07 5.57
C ASN B 117 13.00 -41.94 5.50
N LEU B 118 14.05 -41.59 6.24
CA LEU B 118 15.27 -42.37 6.28
C LEU B 118 15.01 -43.77 6.87
N TYR B 119 14.22 -43.85 7.94
CA TYR B 119 13.83 -45.08 8.56
C TYR B 119 13.11 -45.96 7.54
N GLU B 120 12.22 -45.39 6.73
CA GLU B 120 11.44 -46.17 5.76
C GLU B 120 12.37 -46.65 4.67
N LYS B 121 13.40 -45.89 4.38
CA LYS B 121 14.41 -46.32 3.43
C LYS B 121 15.26 -47.53 3.90
N VAL B 122 15.54 -47.62 5.19
CA VAL B 122 16.31 -48.72 5.73
C VAL B 122 15.38 -49.92 5.83
N LYS B 123 14.14 -49.66 6.23
CA LYS B 123 13.13 -50.72 6.28
C LYS B 123 12.99 -51.39 4.90
N SER B 124 13.21 -50.59 3.86
CA SER B 124 13.00 -51.00 2.50
C SER B 124 14.05 -52.01 2.07
N GLN B 125 15.26 -51.85 2.61
CA GLN B 125 16.38 -52.73 2.26
C GLN B 125 16.31 -54.04 3.05
N LEU B 126 16.15 -53.93 4.36
CA LEU B 126 16.27 -55.06 5.24
C LEU B 126 15.14 -55.98 5.02
N LYS B 127 13.92 -55.45 4.96
CA LYS B 127 12.73 -56.31 4.90
C LYS B 127 12.77 -57.38 6.01
N ASN B 128 12.32 -58.58 5.65
CA ASN B 128 12.45 -59.81 6.42
C ASN B 128 13.66 -59.97 7.35
N ASN B 129 14.83 -59.49 6.89
CA ASN B 129 16.08 -59.78 7.54
C ASN B 129 16.21 -59.01 8.83
N ALA B 130 15.24 -58.21 9.20
CA ALA B 130 15.32 -57.60 10.49
C ALA B 130 13.92 -57.41 11.02
N LYS B 131 13.88 -56.98 12.28
CA LYS B 131 12.65 -56.92 13.07
C LYS B 131 12.48 -55.48 13.56
N GLU B 132 11.31 -54.91 13.35
CA GLU B 132 11.07 -53.57 13.84
C GLU B 132 10.82 -53.62 15.34
N ILE B 133 11.62 -52.94 16.15
CA ILE B 133 11.43 -53.00 17.60
C ILE B 133 11.11 -51.66 18.29
N GLY B 134 10.69 -50.68 17.51
CA GLY B 134 10.21 -49.45 18.11
C GLY B 134 11.29 -48.42 18.25
N ASN B 135 10.89 -47.21 18.51
CA ASN B 135 11.82 -46.14 18.68
C ASN B 135 12.81 -46.05 17.53
N GLY B 136 12.31 -46.27 16.30
CA GLY B 136 13.14 -46.18 15.10
C GLY B 136 14.38 -47.08 15.04
N CYS B 137 14.31 -48.26 15.68
CA CYS B 137 15.34 -49.29 15.63
C CYS B 137 14.94 -50.60 14.95
N PHE B 138 15.89 -51.16 14.21
CA PHE B 138 15.80 -52.52 13.68
C PHE B 138 16.73 -53.52 14.45
N GLU B 139 16.18 -54.67 14.80
CA GLU B 139 17.00 -55.77 15.30
C GLU B 139 17.28 -56.78 14.18
N PHE B 140 18.55 -57.04 13.91
CA PHE B 140 18.93 -57.92 12.83
C PHE B 140 18.70 -59.39 13.22
N TYR B 141 18.28 -60.20 12.25
CA TYR B 141 18.12 -61.62 12.40
C TYR B 141 19.35 -62.36 11.90
N HIS B 142 20.44 -61.63 11.63
CA HIS B 142 21.70 -62.24 11.20
C HIS B 142 22.83 -61.46 11.83
N LYS B 143 24.05 -61.98 11.82
CA LYS B 143 25.19 -61.20 12.32
C LYS B 143 25.54 -60.07 11.34
N CYS B 144 25.35 -58.81 11.75
CA CYS B 144 25.67 -57.63 10.92
C CYS B 144 26.91 -56.88 11.42
N ASP B 145 28.05 -57.20 10.82
CA ASP B 145 29.32 -56.54 11.10
C ASP B 145 29.48 -55.17 10.44
N ASP B 146 30.40 -54.37 10.97
CA ASP B 146 30.72 -53.02 10.46
C ASP B 146 30.63 -52.85 8.93
N ALA B 147 31.08 -53.84 8.17
CA ALA B 147 30.94 -53.79 6.69
C ALA B 147 29.50 -53.85 6.22
N CYS B 148 28.75 -54.80 6.78
CA CYS B 148 27.32 -54.94 6.55
C CYS B 148 26.57 -53.68 7.03
N MET B 149 26.97 -53.13 8.16
CA MET B 149 26.37 -51.90 8.67
C MET B 149 26.55 -50.75 7.71
N GLU B 150 27.73 -50.63 7.14
CA GLU B 150 28.05 -49.55 6.23
C GLU B 150 27.18 -49.66 5.00
N SER B 151 26.99 -50.87 4.50
CA SER B 151 26.18 -51.08 3.31
C SER B 151 24.72 -50.65 3.52
N VAL B 152 24.28 -50.69 4.77
CA VAL B 152 22.94 -50.27 5.10
C VAL B 152 22.94 -48.77 5.02
N ARG B 153 23.86 -48.13 5.74
CA ARG B 153 24.00 -46.64 5.79
C ARG B 153 24.22 -46.00 4.44
N ASN B 154 24.63 -46.76 3.46
CA ASN B 154 24.87 -46.17 2.15
C ASN B 154 24.06 -46.85 1.05
N GLY B 155 22.93 -47.40 1.43
CA GLY B 155 21.95 -47.90 0.50
C GLY B 155 22.37 -49.07 -0.33
N THR B 156 23.34 -49.87 0.08
CA THR B 156 23.70 -51.06 -0.71
C THR B 156 23.52 -52.40 -0.04
N TYR B 157 22.73 -52.50 1.03
CA TYR B 157 22.54 -53.79 1.75
C TYR B 157 22.06 -54.88 0.85
N ASP B 158 22.74 -56.01 0.85
CA ASP B 158 22.41 -57.16 0.00
C ASP B 158 21.46 -58.17 0.73
N TYR B 159 20.16 -58.06 0.47
CA TYR B 159 19.15 -58.85 1.16
C TYR B 159 19.29 -60.33 0.96
N PRO B 160 19.39 -60.77 -0.29
CA PRO B 160 19.56 -62.19 -0.60
C PRO B 160 20.76 -62.84 0.08
N LYS B 161 21.88 -62.12 0.15
CA LYS B 161 23.03 -62.61 0.87
C LYS B 161 22.71 -63.11 2.27
N TYR B 162 21.90 -62.39 3.04
CA TYR B 162 21.54 -62.82 4.42
C TYR B 162 20.14 -63.41 4.58
N SER B 163 19.38 -63.54 3.49
CA SER B 163 17.99 -64.03 3.58
C SER B 163 17.88 -65.36 4.33
N GLU B 164 18.56 -66.39 3.83
CA GLU B 164 18.62 -67.74 4.43
C GLU B 164 19.08 -67.80 5.92
N GLU B 165 20.19 -67.15 6.27
CA GLU B 165 20.63 -67.12 7.65
C GLU B 165 19.51 -66.54 8.47
N SER B 166 19.06 -65.36 8.05
CA SER B 166 17.95 -64.66 8.67
C SER B 166 16.71 -65.52 8.77
N LYS B 167 16.40 -66.27 7.71
CA LYS B 167 15.25 -67.17 7.71
C LYS B 167 15.36 -68.04 8.96
N LEU B 168 16.45 -68.81 9.08
CA LEU B 168 16.64 -69.74 10.20
C LEU B 168 16.45 -69.03 11.50
N ASN B 169 17.28 -68.05 11.79
CA ASN B 169 17.17 -67.36 13.06
C ASN B 169 15.75 -66.87 13.39
N ARG B 170 15.04 -66.36 12.40
CA ARG B 170 13.73 -65.76 12.60
C ARG B 170 12.66 -66.81 12.83
N GLU B 171 12.63 -67.85 12.00
CA GLU B 171 11.71 -69.00 12.17
C GLU B 171 11.74 -69.44 13.62
N GLU B 172 12.93 -69.64 14.18
CA GLU B 172 13.08 -70.11 15.56
C GLU B 172 13.76 -69.09 16.52
N ILE B 173 13.22 -67.87 16.52
CA ILE B 173 13.57 -66.79 17.48
C ILE B 173 12.28 -66.04 17.74
N ASP B 174 11.68 -65.56 16.65
CA ASP B 174 10.36 -64.95 16.69
C ASP B 174 9.42 -65.81 15.83
N GLY B 175 8.56 -66.56 16.49
CA GLY B 175 7.77 -67.58 15.82
C GLY B 175 8.55 -68.90 15.88
N GLU C 8 5.66 -65.94 -8.91
CA GLU C 8 5.44 -64.99 -7.78
C GLU C 8 4.79 -63.68 -8.27
N ASP C 9 3.45 -63.69 -8.28
CA ASP C 9 2.61 -62.56 -8.60
C ASP C 9 2.99 -61.38 -7.69
N THR C 10 3.07 -60.21 -8.31
CA THR C 10 3.79 -59.05 -7.78
C THR C 10 3.04 -57.79 -8.17
N ILE C 11 2.87 -56.84 -7.26
CA ILE C 11 2.23 -55.55 -7.63
C ILE C 11 2.93 -54.34 -7.05
N CYS C 12 3.35 -53.41 -7.91
CA CYS C 12 3.93 -52.11 -7.50
C CYS C 12 2.99 -50.95 -7.61
N ILE C 13 3.06 -50.09 -6.63
CA ILE C 13 2.32 -48.87 -6.72
C ILE C 13 3.37 -47.75 -6.90
N GLY C 14 3.07 -46.87 -7.85
CA GLY C 14 3.93 -45.75 -8.13
C GLY C 14 3.15 -44.76 -8.96
N TYR C 15 3.88 -43.90 -9.65
CA TYR C 15 3.24 -42.87 -10.46
C TYR C 15 3.94 -42.75 -11.75
N HIS C 16 3.17 -42.40 -12.76
CA HIS C 16 3.67 -42.21 -14.08
C HIS C 16 3.67 -40.73 -14.36
N ALA C 17 4.74 -40.28 -15.00
CA ALA C 17 4.85 -38.91 -15.47
C ALA C 17 5.03 -38.88 -16.97
N ASN C 18 4.27 -37.99 -17.62
CA ASN C 18 4.36 -37.76 -19.06
C ASN C 18 5.61 -36.95 -19.40
N ASN C 19 5.99 -36.93 -20.68
CA ASN C 19 7.18 -36.24 -21.10
C ASN C 19 6.94 -34.78 -20.84
N SER C 20 7.95 -34.07 -20.34
CA SER C 20 7.87 -32.60 -20.18
C SER C 20 9.21 -31.87 -19.98
N THR C 21 9.23 -30.64 -20.49
CA THR C 21 10.37 -29.75 -20.35
C THR C 21 10.09 -28.61 -19.35
N ASP C 22 8.79 -28.43 -19.05
CA ASP C 22 8.32 -27.47 -18.07
C ASP C 22 9.13 -27.54 -16.81
N THR C 23 9.67 -26.41 -16.40
CA THR C 23 10.43 -26.31 -15.16
C THR C 23 9.89 -25.18 -14.34
N VAL C 24 9.96 -25.39 -13.03
CA VAL C 24 9.44 -24.48 -12.03
C VAL C 24 10.46 -24.40 -10.92
N ASP C 25 10.19 -23.56 -9.94
CA ASP C 25 11.05 -23.37 -8.77
C ASP C 25 10.22 -23.66 -7.54
N THR C 26 10.89 -24.10 -6.49
CA THR C 26 10.27 -24.22 -5.18
C THR C 26 11.18 -23.56 -4.16
N VAL C 27 10.75 -23.46 -2.92
CA VAL C 27 11.67 -22.95 -1.89
C VAL C 27 12.89 -23.85 -1.70
N LEU C 28 12.75 -25.16 -1.90
CA LEU C 28 13.87 -26.03 -1.61
C LEU C 28 14.75 -26.38 -2.79
N GLU C 29 14.28 -26.13 -4.02
CA GLU C 29 15.07 -26.46 -5.23
C GLU C 29 14.90 -25.45 -6.32
N LYS C 30 15.96 -25.36 -7.13
CA LYS C 30 16.10 -24.25 -8.03
C LYS C 30 15.63 -24.60 -9.39
N ASN C 31 15.66 -25.85 -9.86
CA ASN C 31 15.25 -25.97 -11.25
C ASN C 31 14.60 -27.28 -11.59
N VAL C 32 13.43 -27.50 -11.05
CA VAL C 32 12.80 -28.80 -11.09
C VAL C 32 11.98 -28.94 -12.35
N THR C 33 12.11 -30.05 -13.03
CA THR C 33 11.31 -30.31 -14.21
C THR C 33 10.05 -30.99 -13.83
N VAL C 34 8.93 -30.30 -13.95
CA VAL C 34 7.64 -30.92 -13.72
C VAL C 34 6.92 -31.18 -15.02
N THR C 35 5.88 -32.01 -14.97
CA THR C 35 5.08 -32.32 -16.15
C THR C 35 4.01 -31.34 -16.49
N HIS C 36 3.98 -30.17 -15.91
CA HIS C 36 2.92 -29.22 -16.23
C HIS C 36 2.91 -28.07 -15.26
N SER C 37 2.71 -26.87 -15.78
CA SER C 37 2.63 -25.70 -14.92
C SER C 37 1.66 -24.65 -15.51
N VAL C 38 1.12 -23.79 -14.67
CA VAL C 38 0.26 -22.72 -15.16
C VAL C 38 0.94 -21.42 -14.89
N ASN C 39 1.17 -20.63 -15.93
CA ASN C 39 1.71 -19.31 -15.81
C ASN C 39 0.73 -18.37 -15.11
N LEU C 40 1.18 -17.73 -14.04
CA LEU C 40 0.35 -16.76 -13.28
C LEU C 40 0.62 -15.31 -13.69
N LEU C 41 1.57 -15.16 -14.60
CA LEU C 41 2.07 -13.86 -14.99
C LEU C 41 1.63 -13.55 -16.41
N GLU C 42 0.98 -12.41 -16.60
CA GLU C 42 0.73 -11.85 -17.92
C GLU C 42 2.03 -11.17 -18.37
N ASP C 43 2.61 -11.63 -19.47
CA ASP C 43 3.87 -11.06 -19.89
C ASP C 43 4.01 -10.76 -21.36
N SER C 44 2.92 -10.31 -21.98
CA SER C 44 2.93 -9.86 -23.37
C SER C 44 1.72 -8.98 -23.69
N HIS C 45 1.80 -8.21 -24.76
CA HIS C 45 0.74 -7.28 -25.13
C HIS C 45 0.58 -7.15 -26.64
N ASN C 46 -0.65 -7.09 -27.12
CA ASN C 46 -0.96 -6.99 -28.54
C ASN C 46 -0.36 -5.80 -29.22
N GLY C 47 0.22 -4.86 -28.50
CA GLY C 47 0.89 -3.72 -29.15
C GLY C 47 0.00 -2.61 -29.74
N LYS C 48 -1.25 -2.54 -29.29
CA LYS C 48 -2.20 -1.57 -29.77
C LYS C 48 -3.04 -0.91 -28.67
N LEU C 49 -3.40 0.36 -28.87
CA LEU C 49 -4.31 1.03 -27.97
C LEU C 49 -5.76 0.74 -28.32
N CYS C 50 -6.38 -0.21 -27.59
CA CYS C 50 -7.73 -0.68 -27.87
C CYS C 50 -8.72 0.13 -27.11
N LYS C 51 -9.95 -0.32 -27.07
CA LYS C 51 -11.04 0.38 -26.43
C LYS C 51 -11.31 -0.12 -25.02
N LEU C 52 -11.51 0.79 -24.09
CA LEU C 52 -11.93 0.36 -22.76
C LEU C 52 -13.38 0.65 -22.69
N LYS C 53 -14.09 -0.03 -21.80
CA LYS C 53 -15.54 0.15 -21.67
C LYS C 53 -16.25 0.15 -23.06
N GLY C 54 -15.74 -0.64 -24.02
CA GLY C 54 -16.24 -0.62 -25.37
C GLY C 54 -16.38 0.78 -25.98
N ILE C 55 -15.36 1.61 -25.87
CA ILE C 55 -15.35 2.98 -26.40
C ILE C 55 -13.89 3.28 -26.79
N ALA C 56 -13.65 4.09 -27.81
CA ALA C 56 -12.26 4.36 -28.17
C ALA C 56 -11.79 5.55 -27.40
N PRO C 57 -10.48 5.64 -27.29
CA PRO C 57 -9.87 6.80 -26.62
C PRO C 57 -9.89 8.01 -27.50
N LEU C 58 -9.86 9.20 -26.92
CA LEU C 58 -9.66 10.45 -27.68
C LEU C 58 -8.23 10.51 -28.16
N GLN C 59 -8.05 10.70 -29.45
CA GLN C 59 -6.70 10.60 -30.01
C GLN C 59 -6.26 11.92 -30.57
N LEU C 60 -5.70 12.76 -29.72
CA LEU C 60 -5.19 14.04 -30.18
C LEU C 60 -4.00 13.78 -31.09
N GLY C 61 -3.92 14.54 -32.17
CA GLY C 61 -2.95 14.22 -33.18
C GLY C 61 -1.61 14.87 -32.97
N LYS C 62 -1.32 15.84 -33.83
CA LYS C 62 -0.08 16.59 -33.76
C LYS C 62 -0.15 17.58 -32.62
N CYS C 63 -1.15 17.48 -31.75
CA CYS C 63 -1.30 18.42 -30.65
C CYS C 63 -1.99 17.94 -29.35
N ASN C 64 -1.69 18.65 -28.28
CA ASN C 64 -2.06 18.26 -26.94
C ASN C 64 -3.40 18.82 -26.51
N ILE C 65 -3.85 18.50 -25.30
CA ILE C 65 -5.15 18.91 -24.82
C ILE C 65 -5.36 20.44 -24.90
N ALA C 66 -4.42 21.22 -24.43
CA ALA C 66 -4.52 22.67 -24.56
C ALA C 66 -4.76 23.24 -25.98
N GLY C 67 -3.91 22.88 -26.93
CA GLY C 67 -4.13 23.22 -28.32
C GLY C 67 -5.53 22.79 -28.85
N TRP C 68 -6.01 21.65 -28.39
CA TRP C 68 -7.26 21.11 -28.91
C TRP C 68 -8.44 21.80 -28.27
N LEU C 69 -8.32 22.15 -26.99
CA LEU C 69 -9.38 22.76 -26.22
C LEU C 69 -9.55 24.18 -26.66
N LEU C 70 -8.48 24.97 -26.55
CA LEU C 70 -8.35 26.23 -27.29
C LEU C 70 -8.32 25.76 -28.71
N GLY C 71 -8.59 26.62 -29.68
CA GLY C 71 -8.56 26.07 -31.03
C GLY C 71 -7.22 26.27 -31.73
N ASN C 72 -6.16 25.58 -31.33
CA ASN C 72 -4.90 25.86 -32.00
C ASN C 72 -5.03 25.53 -33.46
N PRO C 73 -4.52 26.35 -34.38
CA PRO C 73 -4.60 26.06 -35.82
C PRO C 73 -4.12 24.68 -36.29
N GLU C 74 -2.88 24.28 -36.07
CA GLU C 74 -2.44 22.93 -36.44
C GLU C 74 -3.47 21.86 -36.06
N CYS C 75 -4.05 22.02 -34.90
CA CYS C 75 -5.08 21.12 -34.37
C CYS C 75 -6.34 20.96 -35.27
N ASP C 76 -6.79 22.04 -35.90
CA ASP C 76 -7.91 21.99 -36.86
C ASP C 76 -7.92 20.73 -37.75
N LEU C 77 -6.75 20.27 -38.11
CA LEU C 77 -6.62 18.97 -38.78
C LEU C 77 -6.77 17.85 -37.74
N LEU C 78 -8.02 17.50 -37.45
CA LEU C 78 -8.34 16.56 -36.37
C LEU C 78 -9.87 16.47 -36.19
N LEU C 79 -10.36 15.30 -35.82
CA LEU C 79 -11.80 15.01 -35.68
C LEU C 79 -12.16 14.87 -34.20
N THR C 80 -13.45 14.86 -33.89
CA THR C 80 -13.82 14.60 -32.50
C THR C 80 -15.11 13.87 -32.48
N ALA C 81 -15.21 12.93 -31.53
CA ALA C 81 -16.43 12.13 -31.31
C ALA C 81 -17.10 12.58 -30.04
N SER C 82 -18.29 12.06 -29.79
CA SER C 82 -19.07 12.51 -28.65
C SER C 82 -18.70 11.84 -27.33
N SER C 83 -17.68 10.99 -27.28
CA SER C 83 -17.29 10.36 -26.02
C SER C 83 -15.96 9.67 -26.11
N TRP C 84 -15.37 9.41 -24.95
CA TRP C 84 -14.12 8.64 -24.91
C TRP C 84 -13.79 8.05 -23.54
N SER C 85 -13.03 6.94 -23.59
CA SER C 85 -12.66 6.10 -22.46
C SER C 85 -11.47 6.64 -21.76
N TYR C 86 -10.56 7.19 -22.57
CA TYR C 86 -9.32 7.79 -22.09
C TYR C 86 -8.77 8.64 -23.21
N ILE C 87 -7.59 9.19 -22.99
CA ILE C 87 -7.01 10.07 -23.98
C ILE C 87 -5.59 9.64 -24.22
N VAL C 88 -5.21 9.70 -25.49
CA VAL C 88 -3.90 9.36 -25.97
C VAL C 88 -3.25 10.56 -26.56
N GLU C 89 -2.14 10.99 -25.98
CA GLU C 89 -1.26 11.97 -26.59
C GLU C 89 -0.08 11.18 -27.15
N THR C 90 0.45 11.62 -28.29
CA THR C 90 1.62 10.97 -28.85
C THR C 90 2.84 11.76 -28.47
N SER C 91 3.98 11.17 -28.78
CA SER C 91 5.27 11.82 -28.54
C SER C 91 5.43 13.05 -29.46
N ASN C 92 4.50 13.28 -30.40
CA ASN C 92 4.47 14.48 -31.27
C ASN C 92 3.10 15.17 -31.19
N SER C 93 2.79 15.66 -29.98
CA SER C 93 1.64 16.52 -29.70
C SER C 93 2.23 17.77 -29.09
N GLU C 94 3.04 18.46 -29.86
CA GLU C 94 3.74 19.64 -29.36
C GLU C 94 2.91 20.93 -29.49
N ASN C 95 1.77 20.87 -30.17
CA ASN C 95 1.06 22.07 -30.53
C ASN C 95 -0.02 22.37 -29.53
N GLY C 96 0.30 23.24 -28.60
CA GLY C 96 -0.67 23.60 -27.60
C GLY C 96 -0.91 25.07 -27.61
N THR C 97 -0.55 25.71 -26.50
CA THR C 97 -0.75 27.11 -26.29
C THR C 97 0.32 27.87 -27.08
N CYS C 98 0.08 28.10 -28.36
CA CYS C 98 0.95 28.84 -29.30
C CYS C 98 1.28 30.33 -28.96
N TYR C 99 0.47 30.96 -28.14
CA TYR C 99 0.82 32.27 -27.67
C TYR C 99 1.27 32.17 -26.21
N PRO C 100 2.48 32.60 -25.90
CA PRO C 100 3.11 32.34 -24.61
C PRO C 100 2.20 32.73 -23.46
N GLY C 101 2.15 31.88 -22.43
CA GLY C 101 1.30 32.10 -21.28
C GLY C 101 1.05 30.86 -20.47
N ASP C 102 0.28 31.02 -19.41
CA ASP C 102 0.03 29.96 -18.46
C ASP C 102 -1.41 29.47 -18.52
N PHE C 103 -1.53 28.15 -18.61
CA PHE C 103 -2.81 27.50 -18.51
C PHE C 103 -3.02 27.15 -17.02
N ILE C 104 -3.98 27.80 -16.37
CA ILE C 104 -4.25 27.55 -14.97
C ILE C 104 -5.01 26.26 -14.78
N ASP C 105 -4.54 25.53 -13.79
CA ASP C 105 -5.03 24.21 -13.42
C ASP C 105 -5.09 23.32 -14.64
N TYR C 106 -4.03 23.35 -15.44
CA TYR C 106 -4.00 22.58 -16.65
C TYR C 106 -4.15 21.11 -16.28
N GLU C 107 -3.38 20.68 -15.31
CA GLU C 107 -3.39 19.29 -14.84
C GLU C 107 -4.77 18.78 -14.39
N GLU C 108 -5.49 19.63 -13.66
CA GLU C 108 -6.84 19.32 -13.21
C GLU C 108 -7.82 19.19 -14.34
N LEU C 109 -7.82 20.15 -15.24
CA LEU C 109 -8.69 20.02 -16.43
C LEU C 109 -8.46 18.70 -17.22
N ARG C 110 -7.18 18.39 -17.44
CA ARG C 110 -6.79 17.22 -18.21
C ARG C 110 -7.36 15.98 -17.52
N GLU C 111 -7.29 15.96 -16.19
CA GLU C 111 -7.81 14.85 -15.40
C GLU C 111 -9.31 14.73 -15.60
N GLN C 112 -10.01 15.85 -15.52
CA GLN C 112 -11.48 15.83 -15.58
C GLN C 112 -12.09 15.52 -16.96
N LEU C 113 -11.31 15.63 -18.02
CA LEU C 113 -11.76 15.42 -19.38
C LEU C 113 -11.39 14.00 -19.92
N SER C 114 -10.66 13.22 -19.11
CA SER C 114 -10.15 11.94 -19.53
C SER C 114 -11.24 10.94 -19.95
N SER C 115 -12.42 11.08 -19.40
CA SER C 115 -13.53 10.21 -19.73
C SER C 115 -14.69 11.16 -19.77
N VAL C 116 -15.26 11.27 -20.96
CA VAL C 116 -16.37 12.15 -21.24
C VAL C 116 -17.44 11.33 -21.94
N SER C 117 -18.68 11.79 -21.81
CA SER C 117 -19.80 11.03 -22.27
C SER C 117 -20.45 11.63 -23.51
N SER C 118 -20.76 12.94 -23.52
CA SER C 118 -21.49 13.50 -24.68
C SER C 118 -20.95 14.86 -25.06
N PHE C 119 -19.77 14.81 -25.65
CA PHE C 119 -19.13 16.02 -26.08
C PHE C 119 -19.93 16.73 -27.14
N GLU C 120 -19.87 18.06 -27.07
CA GLU C 120 -20.57 18.98 -27.95
C GLU C 120 -19.93 20.36 -27.83
N LYS C 121 -19.34 20.81 -28.91
CA LYS C 121 -18.80 22.14 -28.99
C LYS C 121 -19.89 23.04 -29.54
N PHE C 122 -20.00 24.23 -28.99
CA PHE C 122 -21.01 25.17 -29.41
C PHE C 122 -20.53 26.62 -29.35
N GLU C 123 -21.14 27.44 -30.15
CA GLU C 123 -20.76 28.80 -30.24
C GLU C 123 -21.45 29.55 -29.06
N ILE C 124 -20.70 29.78 -28.00
CA ILE C 124 -21.29 30.42 -26.82
C ILE C 124 -21.53 31.90 -27.01
N PHE C 125 -20.63 32.55 -27.74
CA PHE C 125 -20.74 34.02 -27.98
C PHE C 125 -20.38 34.26 -29.42
N PRO C 126 -21.35 34.21 -30.30
CA PRO C 126 -21.06 34.32 -31.72
C PRO C 126 -20.36 35.64 -32.08
N LYS C 127 -19.21 35.53 -32.77
CA LYS C 127 -18.40 36.67 -33.21
C LYS C 127 -19.22 37.73 -33.97
N THR C 128 -19.88 37.32 -35.04
CA THR C 128 -20.75 38.17 -35.85
C THR C 128 -21.63 39.14 -35.08
N SER C 129 -22.26 38.70 -33.99
CA SER C 129 -23.27 39.53 -33.31
C SER C 129 -23.03 39.93 -31.85
N SER C 130 -21.98 39.45 -31.22
CA SER C 130 -21.88 39.54 -29.77
C SER C 130 -21.22 40.82 -29.36
N TRP C 131 -20.42 41.42 -30.25
CA TRP C 131 -19.60 42.56 -29.85
C TRP C 131 -19.60 43.73 -30.86
N PRO C 132 -20.76 44.41 -31.00
CA PRO C 132 -20.90 45.51 -31.98
C PRO C 132 -20.00 46.69 -31.62
N ASN C 133 -19.84 46.95 -30.32
CA ASN C 133 -19.02 48.05 -29.83
C ASN C 133 -17.51 47.76 -29.80
N HIS C 134 -17.12 46.51 -29.86
CA HIS C 134 -15.70 46.17 -29.90
C HIS C 134 -15.27 45.67 -31.24
N GLU C 135 -13.96 45.68 -31.47
CA GLU C 135 -13.39 45.17 -32.70
C GLU C 135 -13.05 43.66 -32.61
N THR C 136 -13.63 42.87 -33.48
CA THR C 136 -13.35 41.44 -33.56
C THR C 136 -12.51 41.09 -34.79
N THR C 137 -12.63 41.88 -35.84
CA THR C 137 -11.90 41.70 -37.09
C THR C 137 -10.36 41.59 -36.92
N LYS C 138 -9.78 42.45 -36.12
CA LYS C 138 -8.33 42.48 -36.03
C LYS C 138 -7.99 41.93 -34.70
N GLY C 139 -6.82 41.34 -34.60
CA GLY C 139 -6.48 40.57 -33.42
C GLY C 139 -6.06 39.15 -33.75
N VAL C 140 -4.87 39.11 -34.34
CA VAL C 140 -4.20 37.90 -34.74
C VAL C 140 -2.72 38.05 -34.41
N THR C 141 -1.95 36.99 -34.50
CA THR C 141 -0.54 37.04 -34.14
C THR C 141 0.28 35.99 -34.89
N ALA C 142 1.52 36.32 -35.15
CA ALA C 142 2.44 35.37 -35.78
C ALA C 142 2.50 34.10 -34.91
N ALA C 143 2.51 34.26 -33.59
CA ALA C 143 2.58 33.14 -32.65
C ALA C 143 1.61 32.02 -33.01
N CYS C 144 0.39 32.34 -33.42
CA CYS C 144 -0.58 31.36 -33.86
C CYS C 144 -0.90 31.60 -35.31
N SER C 145 -0.10 31.03 -36.23
CA SER C 145 -0.32 31.27 -37.68
C SER C 145 -0.73 30.04 -38.47
N TYR C 146 -1.66 30.26 -39.37
CA TYR C 146 -2.24 29.21 -40.18
C TYR C 146 -2.09 29.62 -41.61
N ALA C 147 -1.73 28.65 -42.47
CA ALA C 147 -1.66 28.90 -43.92
C ALA C 147 -0.81 30.12 -44.24
N GLY C 148 0.33 30.24 -43.55
CA GLY C 148 1.29 31.31 -43.77
C GLY C 148 0.98 32.67 -43.18
N ALA C 149 -0.27 32.98 -42.92
CA ALA C 149 -0.66 34.29 -42.37
C ALA C 149 -0.79 34.30 -40.82
N SER C 150 -0.71 35.49 -40.27
CA SER C 150 -0.95 35.66 -38.85
C SER C 150 -2.40 35.25 -38.56
N SER C 151 -2.64 34.43 -37.51
CA SER C 151 -4.02 34.00 -37.10
C SER C 151 -4.25 34.00 -35.58
N PHE C 152 -5.18 33.19 -35.10
CA PHE C 152 -5.44 33.05 -33.65
C PHE C 152 -6.29 31.79 -33.34
N TYR C 153 -6.48 31.50 -32.06
CA TYR C 153 -7.24 30.33 -31.64
C TYR C 153 -8.60 30.30 -32.29
N ARG C 154 -9.07 29.12 -32.67
CA ARG C 154 -10.36 28.98 -33.32
C ARG C 154 -11.50 29.11 -32.30
N ASN C 155 -11.22 28.77 -31.05
CA ASN C 155 -12.26 28.71 -30.03
C ASN C 155 -12.38 29.94 -29.16
N LEU C 156 -11.43 30.83 -29.28
CA LEU C 156 -11.45 32.11 -28.58
C LEU C 156 -11.36 33.30 -29.54
N LEU C 157 -11.68 34.49 -29.00
CA LEU C 157 -11.77 35.74 -29.77
C LEU C 157 -11.09 36.91 -29.05
N TRP C 158 -10.18 37.59 -29.75
CA TRP C 158 -9.36 38.70 -29.20
C TRP C 158 -9.92 40.09 -29.43
N LEU C 159 -10.69 40.58 -28.48
CA LEU C 159 -11.39 41.84 -28.66
C LEU C 159 -10.43 42.99 -28.45
N THR C 160 -10.58 44.00 -29.29
CA THR C 160 -9.77 45.19 -29.35
C THR C 160 -10.64 46.43 -29.55
N LYS C 161 -10.17 47.56 -29.03
CA LYS C 161 -10.79 48.88 -29.25
C LYS C 161 -11.21 49.08 -30.73
N LYS C 162 -12.46 49.48 -30.94
CA LYS C 162 -13.03 49.64 -32.28
C LYS C 162 -12.48 50.86 -32.96
N GLY C 163 -12.18 51.86 -32.14
CA GLY C 163 -11.52 53.05 -32.63
C GLY C 163 -11.29 53.97 -31.46
N SER C 164 -10.05 54.07 -31.00
CA SER C 164 -9.71 54.88 -29.82
C SER C 164 -10.79 54.81 -28.68
N SER C 165 -11.37 53.62 -28.46
CA SER C 165 -12.26 53.38 -27.32
C SER C 165 -12.67 51.92 -27.16
N TYR C 166 -12.67 51.48 -25.91
CA TYR C 166 -13.03 50.14 -25.50
C TYR C 166 -14.00 50.37 -24.33
N PRO C 167 -15.27 50.54 -24.64
CA PRO C 167 -16.27 50.69 -23.58
C PRO C 167 -16.42 49.42 -22.79
N LYS C 168 -16.62 49.55 -21.48
CA LYS C 168 -16.85 48.39 -20.61
C LYS C 168 -17.80 47.49 -21.33
N LEU C 169 -17.45 46.21 -21.44
CA LEU C 169 -18.37 45.23 -22.00
C LEU C 169 -18.86 44.29 -20.94
N SER C 170 -20.06 43.76 -21.14
CA SER C 170 -20.63 42.84 -20.16
C SER C 170 -21.59 41.88 -20.82
N LYS C 171 -21.13 40.66 -21.07
CA LYS C 171 -21.97 39.63 -21.68
C LYS C 171 -22.02 38.39 -20.82
N SER C 172 -23.16 37.71 -20.78
CA SER C 172 -23.28 36.51 -19.96
C SER C 172 -24.11 35.41 -20.57
N TYR C 173 -23.58 34.19 -20.56
CA TYR C 173 -24.22 32.99 -21.06
C TYR C 173 -25.07 32.42 -19.94
N VAL C 174 -26.08 31.62 -20.32
CA VAL C 174 -27.01 31.06 -19.35
C VAL C 174 -27.10 29.53 -19.27
N ASN C 175 -26.60 28.79 -20.24
CA ASN C 175 -26.53 27.32 -20.09
C ASN C 175 -27.88 26.70 -19.89
N ASN C 176 -28.58 26.61 -21.00
CA ASN C 176 -29.83 25.91 -21.14
C ASN C 176 -29.58 24.51 -21.68
N LYS C 177 -28.32 24.07 -21.77
CA LYS C 177 -28.04 22.68 -22.16
C LYS C 177 -28.34 21.88 -20.91
N GLY C 178 -28.41 20.57 -21.06
CA GLY C 178 -28.82 19.75 -19.93
C GLY C 178 -27.70 19.16 -19.12
N LYS C 179 -26.47 19.56 -19.45
CA LYS C 179 -25.24 19.02 -18.90
C LYS C 179 -24.31 20.17 -18.47
N GLU C 180 -23.10 19.88 -18.02
CA GLU C 180 -22.14 20.93 -17.66
C GLU C 180 -21.57 21.66 -18.86
N VAL C 181 -21.30 22.94 -18.75
CA VAL C 181 -20.52 23.60 -19.81
C VAL C 181 -19.12 23.97 -19.33
N LEU C 182 -18.12 23.67 -20.15
CA LEU C 182 -16.73 24.06 -19.92
C LEU C 182 -16.49 25.34 -20.77
N VAL C 183 -16.29 26.45 -20.10
CA VAL C 183 -16.06 27.75 -20.71
C VAL C 183 -14.61 28.15 -20.51
N LEU C 184 -13.92 28.45 -21.61
CA LEU C 184 -12.56 28.90 -21.50
C LEU C 184 -12.44 30.33 -22.02
N TRP C 185 -11.59 31.10 -21.36
CA TRP C 185 -11.23 32.41 -21.83
C TRP C 185 -9.79 32.70 -21.53
N GLY C 186 -9.37 33.93 -21.79
CA GLY C 186 -8.02 34.31 -21.53
C GLY C 186 -7.95 35.77 -21.26
N VAL C 187 -6.88 36.14 -20.59
CA VAL C 187 -6.56 37.51 -20.21
C VAL C 187 -5.21 37.78 -20.77
N HIS C 188 -5.06 38.94 -21.41
CA HIS C 188 -3.78 39.30 -22.06
C HIS C 188 -3.02 40.28 -21.21
N HIS C 189 -1.72 40.11 -21.24
CA HIS C 189 -0.80 40.95 -20.53
C HIS C 189 0.14 41.50 -21.54
N PRO C 190 -0.13 42.71 -22.01
CA PRO C 190 0.78 43.41 -22.94
C PRO C 190 2.16 43.59 -22.32
N PRO C 191 3.20 43.76 -23.12
CA PRO C 191 4.56 43.85 -22.56
C PRO C 191 4.91 45.28 -22.12
N THR C 192 4.10 46.28 -22.53
CA THR C 192 4.32 47.71 -22.21
C THR C 192 2.97 48.49 -22.26
N GLY C 193 2.92 49.61 -21.54
CA GLY C 193 1.72 50.44 -21.52
C GLY C 193 1.33 51.05 -22.87
N THR C 194 2.31 51.26 -23.76
CA THR C 194 2.01 51.70 -25.14
C THR C 194 1.10 50.70 -25.85
N ASP C 195 1.43 49.39 -25.75
CA ASP C 195 0.64 48.30 -26.33
C ASP C 195 -0.71 48.29 -25.70
N GLN C 196 -0.77 48.37 -24.38
CA GLN C 196 -2.06 48.52 -23.71
C GLN C 196 -2.98 49.46 -24.46
N GLN C 197 -2.47 50.67 -24.71
CA GLN C 197 -3.21 51.71 -25.44
C GLN C 197 -3.58 51.25 -26.85
N SER C 198 -2.57 50.90 -27.64
CA SER C 198 -2.78 50.42 -29.00
C SER C 198 -3.92 49.39 -29.09
N LEU C 199 -3.91 48.44 -28.15
CA LEU C 199 -4.85 47.34 -28.14
C LEU C 199 -6.18 47.76 -27.48
N TYR C 200 -6.14 48.20 -26.22
CA TYR C 200 -7.35 48.38 -25.42
C TYR C 200 -7.67 49.83 -25.08
N GLN C 201 -6.74 50.73 -25.36
CA GLN C 201 -6.97 52.15 -25.13
C GLN C 201 -7.50 52.44 -23.72
N ASN C 202 -6.95 51.83 -22.70
CA ASN C 202 -7.54 51.93 -21.36
C ASN C 202 -6.57 51.61 -20.19
N ALA C 203 -5.36 52.21 -20.24
CA ALA C 203 -4.34 52.05 -19.19
C ALA C 203 -4.77 51.29 -17.93
N ASP C 204 -5.78 51.80 -17.21
CA ASP C 204 -6.27 51.16 -15.98
C ASP C 204 -7.51 50.26 -16.14
N ALA C 205 -7.39 49.20 -16.96
CA ALA C 205 -8.52 48.31 -17.34
C ALA C 205 -8.52 47.02 -16.57
N TYR C 206 -9.60 46.27 -16.67
CA TYR C 206 -9.71 44.97 -15.97
C TYR C 206 -10.65 43.98 -16.67
N VAL C 207 -10.63 42.75 -16.16
CA VAL C 207 -11.51 41.66 -16.60
C VAL C 207 -12.15 40.98 -15.35
N SER C 208 -13.48 40.90 -15.36
CA SER C 208 -14.19 40.25 -14.28
C SER C 208 -15.12 39.17 -14.87
N VAL C 209 -15.01 37.97 -14.30
CA VAL C 209 -15.75 36.80 -14.73
C VAL C 209 -16.47 36.18 -13.54
N GLY C 210 -17.80 36.01 -13.62
CA GLY C 210 -18.63 35.58 -12.50
C GLY C 210 -19.75 34.57 -12.79
N SER C 211 -19.57 33.35 -12.30
CA SER C 211 -20.67 32.41 -12.21
C SER C 211 -21.17 32.42 -10.79
N SER C 212 -22.18 31.60 -10.52
CA SER C 212 -22.77 31.56 -9.18
C SER C 212 -21.85 30.82 -8.23
N LYS C 213 -20.89 30.13 -8.80
CA LYS C 213 -19.91 29.40 -8.03
C LYS C 213 -18.48 29.86 -8.38
N TYR C 214 -18.27 31.05 -8.94
CA TYR C 214 -16.95 31.42 -9.44
C TYR C 214 -16.82 32.90 -9.58
N ASN C 215 -16.26 33.58 -8.61
CA ASN C 215 -15.96 35.02 -8.77
C ASN C 215 -14.45 35.09 -8.96
N ARG C 216 -13.98 35.99 -9.84
CA ARG C 216 -12.53 36.22 -10.02
C ARG C 216 -12.22 37.39 -10.91
N ARG C 217 -11.46 38.33 -10.37
CA ARG C 217 -10.98 39.53 -11.05
C ARG C 217 -9.58 39.25 -11.70
N PHE C 218 -9.30 40.05 -12.74
CA PHE C 218 -8.06 39.94 -13.49
C PHE C 218 -7.62 41.33 -13.83
N THR C 219 -6.31 41.53 -13.91
CA THR C 219 -5.73 42.82 -14.28
C THR C 219 -4.51 42.61 -15.11
N PRO C 220 -4.22 43.51 -16.05
CA PRO C 220 -3.04 43.35 -16.90
C PRO C 220 -1.75 43.52 -16.09
N GLU C 221 -0.97 42.45 -16.03
CA GLU C 221 0.36 42.48 -15.45
C GLU C 221 1.30 43.03 -16.51
N ILE C 222 1.29 44.35 -16.75
CA ILE C 222 2.12 44.96 -17.78
C ILE C 222 3.63 44.93 -17.41
N ALA C 223 4.43 44.18 -18.15
CA ALA C 223 5.86 44.00 -17.80
C ALA C 223 6.73 43.56 -18.97
N ALA C 224 8.04 43.80 -18.87
CA ALA C 224 8.98 43.44 -19.91
C ALA C 224 9.39 41.98 -19.68
N ARG C 225 9.46 41.21 -20.76
CA ARG C 225 9.83 39.82 -20.71
C ARG C 225 10.38 39.30 -21.99
N PRO C 226 11.14 38.22 -21.88
CA PRO C 226 11.72 37.55 -23.05
C PRO C 226 10.66 37.15 -24.10
N LYS C 227 11.11 37.10 -25.35
CA LYS C 227 10.23 36.80 -26.45
C LYS C 227 10.04 35.29 -26.37
N VAL C 228 8.86 34.82 -26.75
CA VAL C 228 8.55 33.42 -26.94
C VAL C 228 7.65 33.38 -28.15
N ARG C 229 8.12 32.63 -29.15
CA ARG C 229 7.52 32.61 -30.48
C ARG C 229 7.35 34.04 -30.97
N ASP C 230 8.34 34.88 -30.67
CA ASP C 230 8.40 36.31 -30.98
C ASP C 230 7.40 37.24 -30.25
N GLN C 231 7.03 36.90 -29.01
CA GLN C 231 6.04 37.67 -28.26
C GLN C 231 6.50 37.99 -26.83
N ALA C 232 6.63 39.28 -26.55
CA ALA C 232 6.95 39.80 -25.22
C ALA C 232 5.71 39.86 -24.33
N GLY C 233 4.55 39.75 -24.96
CA GLY C 233 3.30 39.69 -24.27
C GLY C 233 2.97 38.26 -23.85
N ARG C 234 2.16 38.17 -22.80
CA ARG C 234 1.75 36.89 -22.28
C ARG C 234 0.25 36.88 -22.20
N MET C 235 -0.33 35.68 -22.18
CA MET C 235 -1.73 35.58 -21.79
C MET C 235 -2.02 34.31 -21.03
N ASN C 236 -2.78 34.45 -19.97
CA ASN C 236 -3.20 33.32 -19.17
C ASN C 236 -4.55 32.82 -19.63
N TYR C 237 -4.67 31.52 -19.74
CA TYR C 237 -5.91 30.88 -20.13
C TYR C 237 -6.57 30.27 -18.88
N TYR C 238 -7.78 30.67 -18.55
CA TYR C 238 -8.45 30.08 -17.39
C TYR C 238 -9.64 29.30 -17.86
N TRP C 239 -10.22 28.50 -17.00
CA TRP C 239 -11.43 27.74 -17.37
C TRP C 239 -12.36 27.60 -16.20
N THR C 240 -13.51 27.01 -16.43
CA THR C 240 -14.44 26.75 -15.33
C THR C 240 -15.60 25.91 -15.80
N LEU C 241 -16.16 25.08 -14.94
CA LEU C 241 -17.33 24.28 -15.34
C LEU C 241 -18.62 24.96 -14.91
N LEU C 242 -19.44 25.29 -15.89
CA LEU C 242 -20.70 25.92 -15.60
C LEU C 242 -21.74 24.84 -15.38
N GLU C 243 -22.54 25.04 -14.33
CA GLU C 243 -23.57 24.10 -13.94
C GLU C 243 -24.86 24.40 -14.68
N PRO C 244 -25.63 23.34 -14.97
CA PRO C 244 -26.84 23.38 -15.81
C PRO C 244 -27.77 24.57 -15.74
N GLY C 245 -28.24 24.95 -14.57
CA GLY C 245 -29.10 26.12 -14.52
C GLY C 245 -28.31 27.42 -14.47
N ASP C 246 -27.05 27.35 -14.07
CA ASP C 246 -26.27 28.54 -13.68
C ASP C 246 -25.82 29.39 -14.89
N THR C 247 -25.51 30.66 -14.66
CA THR C 247 -25.07 31.51 -15.72
C THR C 247 -23.73 32.10 -15.39
N ILE C 248 -22.87 32.23 -16.39
CA ILE C 248 -21.55 32.81 -16.22
C ILE C 248 -21.65 34.17 -16.82
N THR C 249 -21.03 35.18 -16.20
CA THR C 249 -21.01 36.52 -16.79
C THR C 249 -19.68 37.26 -16.84
N PHE C 250 -19.30 37.65 -18.05
CA PHE C 250 -18.04 38.34 -18.29
C PHE C 250 -18.32 39.82 -18.31
N GLU C 251 -17.27 40.57 -18.02
CA GLU C 251 -17.37 42.03 -17.92
C GLU C 251 -15.95 42.60 -17.96
N ALA C 252 -15.65 43.50 -18.89
CA ALA C 252 -14.29 44.01 -18.97
C ALA C 252 -14.14 45.33 -19.70
N THR C 253 -13.01 46.00 -19.44
CA THR C 253 -12.64 47.25 -20.11
C THR C 253 -11.39 47.10 -20.96
N GLY C 254 -10.93 45.86 -21.06
CA GLY C 254 -9.74 45.53 -21.84
C GLY C 254 -9.25 44.10 -21.56
N ASN C 255 -8.45 43.58 -22.48
CA ASN C 255 -7.64 42.39 -22.23
C ASN C 255 -8.41 41.10 -22.16
N LEU C 256 -9.63 41.05 -22.70
CA LEU C 256 -10.37 39.77 -22.68
C LEU C 256 -10.22 39.05 -23.98
N ILE C 257 -9.58 37.89 -23.93
CA ILE C 257 -9.63 36.96 -25.04
C ILE C 257 -10.89 36.20 -24.72
N ALA C 258 -11.95 36.71 -25.29
CA ALA C 258 -13.28 36.28 -24.94
C ALA C 258 -13.50 34.87 -25.47
N PRO C 259 -14.40 34.16 -24.81
CA PRO C 259 -14.89 32.90 -25.33
C PRO C 259 -15.70 33.15 -26.60
N TRP C 260 -15.47 32.22 -27.53
CA TRP C 260 -16.21 32.10 -28.76
C TRP C 260 -16.95 30.75 -28.72
N TYR C 261 -16.22 29.63 -28.64
CA TYR C 261 -16.89 28.35 -28.55
C TYR C 261 -16.63 27.83 -27.20
N ALA C 262 -17.65 27.21 -26.60
CA ALA C 262 -17.53 26.48 -25.34
C ALA C 262 -17.86 25.00 -25.61
N PHE C 263 -17.80 24.17 -24.57
CA PHE C 263 -18.02 22.74 -24.65
C PHE C 263 -19.08 22.29 -23.70
N ALA C 264 -19.78 21.23 -24.06
CA ALA C 264 -20.80 20.71 -23.19
C ALA C 264 -20.66 19.21 -23.11
N LEU C 265 -20.67 18.67 -21.90
CA LEU C 265 -20.33 17.26 -21.74
C LEU C 265 -20.77 16.72 -20.43
N ASN C 266 -20.82 15.38 -20.34
CA ASN C 266 -20.98 14.70 -19.05
C ASN C 266 -19.66 14.04 -18.73
N ARG C 267 -19.05 14.45 -17.62
CA ARG C 267 -17.76 13.91 -17.20
C ARG C 267 -17.93 12.50 -16.68
N GLY C 268 -16.96 11.66 -17.01
CA GLY C 268 -16.97 10.26 -16.65
C GLY C 268 -16.41 9.98 -15.27
N SER C 269 -16.63 8.75 -14.85
CA SER C 269 -16.14 8.23 -13.58
C SER C 269 -14.76 8.77 -13.32
N GLY C 270 -13.75 8.33 -14.08
CA GLY C 270 -12.38 8.69 -13.76
C GLY C 270 -11.34 7.89 -14.52
N SER C 271 -11.07 8.32 -15.75
CA SER C 271 -10.05 7.65 -16.56
C SER C 271 -8.67 8.30 -16.32
N GLY C 272 -7.96 8.49 -17.44
CA GLY C 272 -6.70 9.19 -17.44
C GLY C 272 -6.13 9.29 -18.82
N ILE C 273 -4.86 9.72 -18.90
CA ILE C 273 -4.15 9.99 -20.14
C ILE C 273 -2.98 9.07 -20.32
N ILE C 274 -2.82 8.55 -21.52
CA ILE C 274 -1.70 7.71 -21.88
C ILE C 274 -0.88 8.37 -22.98
N THR C 275 0.43 8.42 -22.83
CA THR C 275 1.28 8.87 -23.92
C THR C 275 1.89 7.69 -24.64
N SER C 276 1.37 7.36 -25.80
CA SER C 276 1.86 6.18 -26.55
C SER C 276 1.94 6.45 -28.08
N ASP C 277 3.03 6.03 -28.70
CA ASP C 277 3.11 6.12 -30.17
C ASP C 277 2.55 4.88 -30.88
N ALA C 278 1.98 3.94 -30.12
CA ALA C 278 1.29 2.76 -30.67
C ALA C 278 0.01 3.16 -31.36
N PRO C 279 -0.39 2.37 -32.32
CA PRO C 279 -1.59 2.60 -33.10
C PRO C 279 -2.86 2.20 -32.41
N VAL C 280 -3.85 3.08 -32.42
CA VAL C 280 -5.21 2.78 -31.96
C VAL C 280 -6.01 1.91 -32.92
N HIS C 281 -6.41 0.71 -32.50
CA HIS C 281 -7.23 -0.20 -33.32
C HIS C 281 -8.60 -0.44 -32.68
N ASP C 282 -9.52 -1.02 -33.46
CA ASP C 282 -10.90 -1.35 -32.98
C ASP C 282 -11.03 -2.74 -32.31
N CYS C 283 -10.24 -3.00 -31.26
CA CYS C 283 -10.39 -4.18 -30.41
C CYS C 283 -10.77 -3.74 -29.04
N ASN C 284 -11.24 -4.67 -28.22
CA ASN C 284 -11.60 -4.34 -26.84
C ASN C 284 -10.54 -4.78 -25.80
N THR C 285 -10.55 -4.13 -24.62
CA THR C 285 -9.60 -4.47 -23.52
C THR C 285 -10.21 -4.16 -22.19
N LYS C 286 -9.96 -5.02 -21.20
CA LYS C 286 -10.25 -4.68 -19.81
C LYS C 286 -9.09 -3.87 -19.25
N CYS C 287 -7.89 -4.17 -19.72
CA CYS C 287 -6.69 -3.50 -19.30
C CYS C 287 -5.82 -2.90 -20.41
N GLN C 288 -5.70 -1.57 -20.41
CA GLN C 288 -4.81 -0.89 -21.33
C GLN C 288 -3.53 -0.40 -20.71
N THR C 289 -2.42 -0.67 -21.38
CA THR C 289 -1.07 -0.23 -21.05
C THR C 289 -0.50 0.59 -22.19
N PRO C 290 0.41 1.49 -21.88
CA PRO C 290 0.99 2.37 -22.91
C PRO C 290 1.66 1.67 -24.11
N HIS C 291 2.35 0.55 -23.97
CA HIS C 291 2.89 -0.18 -25.14
C HIS C 291 1.87 -1.07 -25.86
N GLY C 292 0.76 -1.36 -25.21
CA GLY C 292 -0.20 -2.30 -25.76
C GLY C 292 -1.18 -2.77 -24.72
N ALA C 293 -2.27 -3.34 -25.18
CA ALA C 293 -3.30 -3.90 -24.32
C ALA C 293 -2.86 -5.27 -23.82
N ILE C 294 -3.43 -5.74 -22.70
CA ILE C 294 -3.10 -7.05 -22.13
C ILE C 294 -4.32 -7.83 -21.68
N ASN C 295 -4.20 -9.14 -21.65
CA ASN C 295 -5.22 -9.98 -21.04
C ASN C 295 -5.23 -9.70 -19.53
N SER C 296 -6.41 -9.73 -18.93
CA SER C 296 -6.51 -9.48 -17.50
C SER C 296 -7.20 -10.63 -16.78
N SER C 297 -7.02 -11.85 -17.25
CA SER C 297 -7.59 -13.01 -16.54
C SER C 297 -6.60 -13.51 -15.50
N LEU C 298 -5.31 -13.30 -15.75
CA LEU C 298 -4.32 -13.68 -14.78
C LEU C 298 -4.14 -12.62 -13.73
N PRO C 299 -3.64 -12.96 -12.55
CA PRO C 299 -3.57 -11.98 -11.46
C PRO C 299 -2.39 -11.01 -11.45
N PHE C 300 -1.35 -11.31 -12.20
CA PHE C 300 -0.13 -10.49 -12.20
C PHE C 300 0.37 -10.24 -13.63
N GLN C 301 1.23 -9.24 -13.76
CA GLN C 301 1.61 -8.71 -15.05
C GLN C 301 2.89 -7.89 -14.92
N ASN C 302 3.76 -8.04 -15.91
CA ASN C 302 5.04 -7.33 -15.91
C ASN C 302 5.30 -6.44 -17.13
N ILE C 303 4.26 -5.90 -17.73
CA ILE C 303 4.44 -5.10 -18.90
C ILE C 303 4.81 -3.65 -18.52
N HIS C 304 3.92 -3.00 -17.77
CA HIS C 304 4.12 -1.62 -17.34
C HIS C 304 3.38 -1.38 -16.03
N PRO C 305 3.94 -0.65 -15.10
CA PRO C 305 3.18 -0.31 -13.89
C PRO C 305 2.05 0.66 -14.16
N VAL C 306 2.19 1.54 -15.14
CA VAL C 306 1.20 2.58 -15.42
C VAL C 306 0.22 2.01 -16.41
N THR C 307 -0.99 1.80 -15.92
CA THR C 307 -2.01 1.07 -16.59
C THR C 307 -3.38 1.78 -16.50
N ILE C 308 -4.33 1.47 -17.37
CA ILE C 308 -5.72 1.94 -17.20
C ILE C 308 -6.74 0.80 -17.46
N GLY C 309 -7.64 0.57 -16.50
CA GLY C 309 -8.60 -0.50 -16.58
C GLY C 309 -8.71 -1.34 -15.32
N GLU C 310 -9.32 -2.49 -15.42
CA GLU C 310 -9.35 -3.43 -14.34
C GLU C 310 -8.14 -4.26 -14.68
N CYS C 311 -6.99 -3.88 -14.12
CA CYS C 311 -5.72 -4.48 -14.52
C CYS C 311 -5.11 -5.48 -13.54
N PRO C 312 -4.37 -6.46 -14.01
CA PRO C 312 -3.55 -7.25 -13.11
C PRO C 312 -2.51 -6.40 -12.40
N LYS C 313 -1.98 -6.88 -11.31
CA LYS C 313 -1.03 -6.16 -10.50
C LYS C 313 0.31 -6.18 -11.20
N TYR C 314 0.91 -5.00 -11.29
CA TYR C 314 2.23 -4.91 -11.84
C TYR C 314 3.20 -5.49 -10.82
N VAL C 315 3.97 -6.47 -11.28
CA VAL C 315 4.98 -7.13 -10.50
C VAL C 315 6.31 -7.06 -11.28
N ARG C 316 7.46 -7.00 -10.64
CA ARG C 316 8.70 -6.96 -11.41
C ARG C 316 9.33 -8.34 -11.67
N SER C 317 8.56 -9.39 -11.52
CA SER C 317 9.00 -10.75 -11.87
C SER C 317 9.11 -11.03 -13.36
N THR C 318 9.92 -12.00 -13.68
CA THR C 318 10.19 -12.39 -15.07
C THR C 318 9.29 -13.53 -15.54
N LYS C 319 9.03 -14.48 -14.63
CA LYS C 319 8.21 -15.67 -14.88
C LYS C 319 7.67 -16.10 -13.52
N LEU C 320 6.43 -16.57 -13.48
CA LEU C 320 5.82 -17.07 -12.23
C LEU C 320 5.05 -18.30 -12.58
N ARG C 321 5.71 -19.44 -12.59
CA ARG C 321 5.07 -20.70 -12.96
C ARG C 321 4.70 -21.46 -11.71
N MET C 322 3.42 -21.71 -11.59
CA MET C 322 2.83 -22.57 -10.57
C MET C 322 2.82 -24.04 -11.06
N ALA C 323 3.62 -24.88 -10.43
CA ALA C 323 3.62 -26.32 -10.70
C ALA C 323 2.31 -27.00 -10.33
N THR C 324 1.91 -27.93 -11.18
CA THR C 324 0.70 -28.70 -10.98
C THR C 324 0.92 -30.13 -11.31
N GLY C 325 2.00 -30.39 -12.05
CA GLY C 325 2.36 -31.73 -12.46
C GLY C 325 3.27 -32.53 -11.52
N LEU C 326 3.68 -33.67 -12.02
CA LEU C 326 4.51 -34.61 -11.31
C LEU C 326 5.93 -34.26 -11.64
N ARG C 327 6.86 -34.66 -10.80
CA ARG C 327 8.24 -34.48 -11.10
C ARG C 327 8.61 -35.48 -12.17
N ASN C 328 9.49 -35.10 -13.08
CA ASN C 328 10.04 -36.04 -14.05
C ASN C 328 11.24 -36.79 -13.53
N ILE C 329 12.10 -36.13 -12.76
CA ILE C 329 13.13 -36.82 -11.99
C ILE C 329 12.55 -37.03 -10.60
N PRO C 330 12.26 -38.28 -10.21
CA PRO C 330 11.69 -38.54 -8.89
C PRO C 330 12.50 -37.95 -7.70
N SER C 331 11.78 -37.61 -6.63
CA SER C 331 12.40 -36.94 -5.49
C SER C 331 13.25 -37.86 -4.65
N ILE C 332 14.13 -37.23 -3.89
CA ILE C 332 14.97 -37.97 -2.94
C ILE C 332 14.13 -38.68 -1.89
N GLN C 333 12.98 -38.08 -1.55
CA GLN C 333 12.04 -38.64 -0.59
C GLN C 333 11.54 -39.98 -1.10
N SER C 334 11.20 -40.07 -2.38
CA SER C 334 10.56 -41.26 -2.94
C SER C 334 11.52 -42.43 -3.16
N ARG C 335 12.82 -42.16 -3.21
CA ARG C 335 13.77 -43.23 -3.51
C ARG C 335 13.58 -44.41 -2.53
N GLY D 1 13.31 -45.59 -3.08
CA GLY D 1 13.20 -46.77 -2.25
C GLY D 1 11.84 -47.05 -1.65
N LEU D 2 10.92 -46.09 -1.75
CA LEU D 2 9.57 -46.22 -1.19
C LEU D 2 8.51 -46.39 -2.25
N PHE D 3 8.79 -45.84 -3.42
CA PHE D 3 7.94 -46.01 -4.58
C PHE D 3 8.66 -45.44 -5.81
N GLY D 4 8.43 -46.07 -6.95
CA GLY D 4 9.16 -45.71 -8.13
C GLY D 4 8.27 -45.06 -9.14
N ALA D 5 8.88 -44.71 -10.27
CA ALA D 5 8.14 -44.19 -11.41
C ALA D 5 7.60 -45.35 -12.24
N ILE D 6 6.33 -45.67 -12.12
CA ILE D 6 5.71 -46.65 -13.02
C ILE D 6 6.17 -46.36 -14.44
N ALA D 7 7.05 -47.23 -14.91
CA ALA D 7 7.76 -47.09 -16.18
C ALA D 7 6.83 -47.10 -17.43
N GLY D 8 5.60 -46.60 -17.29
CA GLY D 8 4.73 -46.41 -18.44
C GLY D 8 5.61 -45.89 -19.56
N PHE D 9 5.32 -46.34 -20.79
CA PHE D 9 6.16 -46.02 -21.96
C PHE D 9 6.20 -44.52 -22.27
N ILE D 10 5.16 -43.80 -21.87
CA ILE D 10 5.04 -42.37 -22.12
C ILE D 10 3.81 -42.18 -22.97
N GLU D 11 2.66 -42.56 -22.41
CA GLU D 11 1.39 -42.48 -23.11
C GLU D 11 0.87 -41.02 -23.07
N GLY D 12 -0.15 -40.74 -23.87
CA GLY D 12 -0.97 -39.56 -23.70
C GLY D 12 -1.83 -39.73 -22.45
N GLY D 13 -1.85 -40.95 -21.91
CA GLY D 13 -2.30 -41.26 -20.56
C GLY D 13 -3.51 -40.51 -20.05
N TRP D 14 -3.29 -39.42 -19.29
CA TRP D 14 -4.41 -38.75 -18.60
C TRP D 14 -4.64 -37.24 -18.85
N THR D 15 -5.45 -36.66 -17.96
CA THR D 15 -5.91 -35.29 -18.07
C THR D 15 -4.87 -34.28 -17.58
N GLY D 16 -4.95 -33.09 -18.17
CA GLY D 16 -4.08 -31.97 -17.89
C GLY D 16 -4.08 -31.56 -16.44
N MET D 17 -3.29 -30.55 -16.14
CA MET D 17 -2.95 -30.12 -14.81
C MET D 17 -1.87 -31.01 -14.27
N ILE D 18 -2.22 -32.22 -13.81
CA ILE D 18 -1.25 -33.22 -13.42
C ILE D 18 -1.00 -33.85 -14.73
N ASP D 19 0.22 -34.06 -15.19
CA ASP D 19 0.30 -34.69 -16.54
C ASP D 19 0.84 -36.07 -16.35
N GLY D 20 0.02 -36.86 -15.70
CA GLY D 20 0.38 -38.18 -15.25
C GLY D 20 -0.67 -38.71 -14.31
N TRP D 21 -0.29 -39.73 -13.55
CA TRP D 21 -1.25 -40.41 -12.70
C TRP D 21 -0.55 -41.31 -11.70
N TYR D 22 -1.30 -41.59 -10.65
CA TYR D 22 -0.97 -42.57 -9.64
C TYR D 22 -1.52 -43.91 -10.12
N GLY D 23 -0.71 -44.93 -10.06
CA GLY D 23 -1.19 -46.23 -10.44
C GLY D 23 -0.35 -47.44 -10.02
N TYR D 24 -0.60 -48.53 -10.73
CA TYR D 24 0.01 -49.77 -10.44
C TYR D 24 0.74 -50.33 -11.61
N HIS D 25 1.45 -51.40 -11.34
CA HIS D 25 2.24 -52.16 -12.30
C HIS D 25 2.34 -53.57 -11.76
N HIS D 26 1.59 -54.49 -12.35
CA HIS D 26 1.63 -55.84 -11.84
C HIS D 26 2.40 -56.81 -12.75
N GLN D 27 2.53 -58.05 -12.28
CA GLN D 27 3.20 -59.19 -12.94
C GLN D 27 2.61 -60.46 -12.36
N ASN D 28 1.85 -61.19 -13.17
CA ASN D 28 1.31 -62.48 -12.79
C ASN D 28 1.44 -63.50 -13.90
N GLU D 29 0.92 -64.71 -13.70
CA GLU D 29 1.07 -65.76 -14.71
C GLU D 29 0.68 -65.20 -16.06
N GLN D 30 -0.56 -64.72 -16.15
CA GLN D 30 -1.14 -64.08 -17.33
C GLN D 30 -0.23 -63.08 -18.01
N GLY D 31 0.57 -62.34 -17.25
CA GLY D 31 1.53 -61.41 -17.83
C GLY D 31 1.64 -60.15 -17.04
N SER D 32 2.23 -59.10 -17.61
CA SER D 32 2.37 -57.82 -16.92
C SER D 32 1.33 -56.75 -17.39
N GLY D 33 1.06 -55.78 -16.52
CA GLY D 33 0.06 -54.73 -16.69
C GLY D 33 0.43 -53.38 -16.04
N TYR D 34 -0.07 -52.30 -16.61
CA TYR D 34 0.10 -50.96 -16.09
C TYR D 34 -1.31 -50.37 -16.03
N ALA D 35 -1.73 -49.93 -14.86
CA ALA D 35 -3.06 -49.37 -14.70
C ALA D 35 -2.99 -48.15 -13.79
N ALA D 36 -3.56 -47.06 -14.22
CA ALA D 36 -3.60 -45.90 -13.40
C ALA D 36 -4.81 -46.02 -12.47
N ASP D 37 -4.65 -45.60 -11.21
CA ASP D 37 -5.74 -45.54 -10.24
C ASP D 37 -6.64 -44.32 -10.45
N GLN D 38 -7.85 -44.53 -10.99
CA GLN D 38 -8.87 -43.47 -11.17
C GLN D 38 -9.12 -42.66 -9.88
N LYS D 39 -9.72 -43.27 -8.86
CA LYS D 39 -10.16 -42.53 -7.63
C LYS D 39 -9.08 -41.62 -7.03
N SER D 40 -7.82 -42.06 -6.97
CA SER D 40 -6.81 -41.22 -6.36
C SER D 40 -6.31 -40.14 -7.34
N THR D 41 -5.93 -40.50 -8.55
CA THR D 41 -5.47 -39.53 -9.50
C THR D 41 -6.47 -38.42 -9.67
N GLN D 42 -7.71 -38.77 -9.97
CA GLN D 42 -8.78 -37.78 -10.14
C GLN D 42 -8.91 -36.80 -8.97
N ASN D 43 -8.95 -37.30 -7.73
CA ASN D 43 -9.04 -36.43 -6.56
C ASN D 43 -7.97 -35.36 -6.58
N ALA D 44 -6.75 -35.73 -6.95
CA ALA D 44 -5.67 -34.76 -7.00
C ALA D 44 -5.90 -33.74 -8.07
N ILE D 45 -6.33 -34.16 -9.26
CA ILE D 45 -6.65 -33.23 -10.35
C ILE D 45 -7.68 -32.16 -9.93
N ASP D 46 -8.72 -32.59 -9.28
CA ASP D 46 -9.72 -31.69 -8.75
C ASP D 46 -9.13 -30.77 -7.74
N GLY D 47 -8.26 -31.28 -6.88
CA GLY D 47 -7.66 -30.48 -5.83
C GLY D 47 -6.71 -29.43 -6.39
N ILE D 48 -5.82 -29.84 -7.26
CA ILE D 48 -4.85 -28.91 -7.78
C ILE D 48 -5.56 -27.88 -8.66
N THR D 49 -6.66 -28.22 -9.34
CA THR D 49 -7.30 -27.21 -10.21
C THR D 49 -8.09 -26.24 -9.34
N ASN D 50 -8.53 -26.76 -8.21
CA ASN D 50 -9.24 -25.94 -7.25
C ASN D 50 -8.22 -24.93 -6.69
N LYS D 51 -6.96 -25.37 -6.64
CA LYS D 51 -5.88 -24.63 -6.03
C LYS D 51 -5.47 -23.54 -6.95
N VAL D 52 -5.23 -23.89 -8.21
CA VAL D 52 -4.87 -22.91 -9.24
C VAL D 52 -5.99 -21.86 -9.43
N ASN D 53 -7.22 -22.29 -9.36
CA ASN D 53 -8.29 -21.36 -9.53
C ASN D 53 -8.31 -20.38 -8.40
N SER D 54 -8.19 -20.81 -7.16
CA SER D 54 -8.20 -19.87 -6.03
C SER D 54 -7.13 -18.79 -6.25
N VAL D 55 -5.91 -19.23 -6.55
CA VAL D 55 -4.83 -18.29 -6.74
C VAL D 55 -5.11 -17.21 -7.79
N ILE D 56 -5.86 -17.57 -8.82
CA ILE D 56 -6.32 -16.64 -9.84
C ILE D 56 -7.64 -15.89 -9.53
N GLU D 57 -8.70 -16.61 -9.16
CA GLU D 57 -10.04 -16.03 -8.94
C GLU D 57 -9.99 -14.98 -7.87
N LYS D 58 -9.54 -15.35 -6.69
CA LYS D 58 -9.52 -14.46 -5.52
C LYS D 58 -8.85 -13.09 -5.76
N MET D 59 -7.97 -12.97 -6.75
CA MET D 59 -7.44 -11.68 -7.12
C MET D 59 -8.60 -10.97 -7.67
N ASN D 60 -8.90 -11.13 -8.95
CA ASN D 60 -10.10 -10.52 -9.59
C ASN D 60 -10.90 -9.65 -8.61
N THR D 61 -10.17 -8.62 -8.18
CA THR D 61 -10.66 -7.58 -7.35
C THR D 61 -10.45 -6.32 -8.17
N GLN D 62 -9.28 -6.12 -8.77
CA GLN D 62 -9.04 -4.87 -9.46
C GLN D 62 -10.31 -4.16 -10.01
N PHE D 63 -10.26 -2.83 -10.06
CA PHE D 63 -11.29 -1.95 -10.55
C PHE D 63 -10.61 -0.87 -11.41
N THR D 64 -11.36 -0.17 -12.28
CA THR D 64 -10.79 0.89 -13.15
C THR D 64 -9.97 1.74 -12.23
N ALA D 65 -8.66 1.82 -12.49
CA ALA D 65 -7.69 2.58 -11.72
C ALA D 65 -6.70 3.04 -12.77
N VAL D 66 -5.59 3.72 -12.34
CA VAL D 66 -4.57 4.42 -13.19
C VAL D 66 -3.04 4.79 -12.73
N GLY D 67 -2.67 6.08 -12.95
CA GLY D 67 -1.37 6.77 -12.87
C GLY D 67 -1.60 8.31 -13.19
N LYS D 68 -0.71 9.20 -12.79
CA LYS D 68 -1.09 10.61 -12.57
C LYS D 68 -0.08 11.62 -13.11
N GLU D 69 -0.47 12.89 -13.30
CA GLU D 69 0.43 13.96 -13.79
C GLU D 69 0.42 15.31 -13.03
N PHE D 70 1.59 15.77 -12.64
CA PHE D 70 1.78 16.94 -11.80
C PHE D 70 2.75 17.92 -12.47
N ASN D 71 2.86 19.12 -11.91
CA ASN D 71 3.67 20.19 -12.50
C ASN D 71 4.92 20.50 -11.69
N ASN D 72 5.77 21.36 -12.22
CA ASN D 72 7.05 21.76 -11.60
C ASN D 72 6.99 22.32 -10.16
N LEU D 73 5.80 22.67 -9.67
CA LEU D 73 5.63 23.02 -8.25
C LEU D 73 4.88 21.97 -7.45
N GLU D 74 4.75 20.78 -8.01
CA GLU D 74 4.06 19.68 -7.37
C GLU D 74 5.01 18.48 -7.26
N ARG D 75 6.30 18.74 -7.09
CA ARG D 75 7.26 17.67 -6.95
C ARG D 75 6.96 16.76 -5.79
N ARG D 76 6.43 17.27 -4.71
CA ARG D 76 6.25 16.46 -3.53
C ARG D 76 5.13 15.46 -3.67
N ILE D 77 4.03 15.87 -4.30
CA ILE D 77 2.90 14.96 -4.54
C ILE D 77 3.36 13.91 -5.53
N GLU D 78 4.12 14.34 -6.49
CA GLU D 78 4.53 13.43 -7.50
C GLU D 78 5.23 12.29 -6.83
N ASN D 79 6.19 12.60 -5.96
CA ASN D 79 6.98 11.61 -5.22
C ASN D 79 6.21 10.86 -4.17
N LEU D 80 5.22 11.48 -3.58
CA LEU D 80 4.32 10.73 -2.77
C LEU D 80 3.64 9.69 -3.67
N ASN D 81 3.30 10.08 -4.89
CA ASN D 81 2.58 9.19 -5.80
C ASN D 81 3.41 7.97 -6.18
N LYS D 82 4.72 8.17 -6.30
CA LYS D 82 5.64 7.10 -6.64
C LYS D 82 5.83 6.17 -5.48
N LYS D 83 5.96 6.72 -4.29
CA LYS D 83 6.07 5.94 -3.07
C LYS D 83 4.95 4.93 -3.03
N VAL D 84 3.78 5.31 -3.54
CA VAL D 84 2.64 4.40 -3.50
C VAL D 84 2.78 3.31 -4.54
N ASP D 85 3.04 3.72 -5.77
CA ASP D 85 3.23 2.79 -6.86
C ASP D 85 4.27 1.76 -6.46
N ASP D 86 5.47 2.21 -6.08
CA ASP D 86 6.55 1.31 -5.81
C ASP D 86 6.26 0.48 -4.60
N GLY D 87 5.61 1.07 -3.60
CA GLY D 87 5.24 0.33 -2.41
C GLY D 87 4.50 -0.95 -2.80
N PHE D 88 3.43 -0.76 -3.57
CA PHE D 88 2.64 -1.84 -4.08
C PHE D 88 3.45 -2.79 -4.90
N LEU D 89 4.31 -2.29 -5.75
CA LEU D 89 5.14 -3.14 -6.60
C LEU D 89 5.97 -4.14 -5.81
N ASP D 90 6.57 -3.66 -4.71
CA ASP D 90 7.40 -4.46 -3.80
C ASP D 90 6.58 -5.51 -3.14
N ILE D 91 5.42 -5.11 -2.66
CA ILE D 91 4.50 -5.99 -1.94
C ILE D 91 4.03 -7.15 -2.81
N TRP D 92 3.56 -6.89 -4.01
CA TRP D 92 3.04 -7.96 -4.85
C TRP D 92 4.17 -8.85 -5.33
N THR D 93 5.27 -8.24 -5.71
CA THR D 93 6.37 -9.01 -6.24
C THR D 93 6.90 -9.96 -5.19
N TYR D 94 7.13 -9.48 -3.98
CA TYR D 94 7.51 -10.38 -2.90
C TYR D 94 6.46 -11.46 -2.58
N ASN D 95 5.19 -11.10 -2.48
CA ASN D 95 4.19 -12.10 -2.16
C ASN D 95 3.94 -13.10 -3.30
N ALA D 96 3.77 -12.61 -4.53
CA ALA D 96 3.54 -13.50 -5.68
C ALA D 96 4.71 -14.47 -5.87
N GLU D 97 5.92 -13.97 -5.66
CA GLU D 97 7.09 -14.82 -5.71
C GLU D 97 7.13 -15.87 -4.55
N LEU D 98 7.10 -15.42 -3.32
CA LEU D 98 7.06 -16.35 -2.22
C LEU D 98 5.96 -17.28 -2.41
N LEU D 99 4.77 -16.75 -2.68
CA LEU D 99 3.58 -17.57 -2.83
C LEU D 99 3.74 -18.68 -3.85
N VAL D 100 4.39 -18.45 -4.99
CA VAL D 100 4.57 -19.55 -5.96
C VAL D 100 5.59 -20.58 -5.49
N LEU D 101 6.72 -20.09 -4.99
CA LEU D 101 7.78 -20.92 -4.44
C LEU D 101 7.31 -21.86 -3.34
N LEU D 102 6.61 -21.29 -2.34
CA LEU D 102 6.15 -22.04 -1.19
C LEU D 102 5.14 -23.08 -1.60
N GLU D 103 4.21 -22.64 -2.44
CA GLU D 103 3.08 -23.44 -2.87
C GLU D 103 3.48 -24.47 -3.92
N ASN D 104 4.72 -24.40 -4.38
CA ASN D 104 5.22 -25.36 -5.35
C ASN D 104 5.86 -26.53 -4.61
N GLU D 105 6.53 -26.26 -3.47
CA GLU D 105 7.05 -27.32 -2.62
C GLU D 105 5.83 -28.09 -2.07
N ARG D 106 4.71 -27.41 -1.95
CA ARG D 106 3.51 -28.05 -1.48
C ARG D 106 2.92 -29.00 -2.46
N THR D 107 2.66 -28.53 -3.67
CA THR D 107 2.13 -29.38 -4.73
C THR D 107 2.99 -30.60 -4.98
N LEU D 108 4.30 -30.43 -4.96
CA LEU D 108 5.17 -31.56 -5.17
C LEU D 108 5.14 -32.60 -4.05
N ASP D 109 5.04 -32.15 -2.77
CA ASP D 109 4.91 -33.09 -1.63
C ASP D 109 3.60 -33.79 -1.69
N PHE D 110 2.56 -33.05 -2.07
CA PHE D 110 1.19 -33.55 -2.22
C PHE D 110 1.15 -34.76 -3.12
N HIS D 111 1.90 -34.70 -4.21
CA HIS D 111 1.91 -35.79 -5.13
C HIS D 111 2.61 -36.94 -4.45
N ASP D 112 3.79 -36.71 -3.88
CA ASP D 112 4.53 -37.81 -3.28
C ASP D 112 3.69 -38.48 -2.15
N SER D 113 2.89 -37.72 -1.45
CA SER D 113 2.11 -38.24 -0.37
C SER D 113 0.94 -39.08 -0.83
N ASN D 114 0.29 -38.67 -1.93
CA ASN D 114 -0.81 -39.46 -2.49
C ASN D 114 -0.32 -40.85 -2.95
N VAL D 115 0.90 -40.91 -3.47
CA VAL D 115 1.45 -42.16 -3.98
C VAL D 115 1.73 -43.07 -2.83
N ARG D 116 2.25 -42.50 -1.77
CA ARG D 116 2.59 -43.27 -0.59
C ARG D 116 1.32 -43.67 0.14
N ASN D 117 0.28 -42.86 0.04
CA ASN D 117 -0.97 -43.13 0.73
C ASN D 117 -1.66 -44.26 0.04
N LEU D 118 -1.54 -44.33 -1.28
CA LEU D 118 -2.06 -45.43 -2.09
C LEU D 118 -1.38 -46.74 -1.71
N TYR D 119 -0.08 -46.69 -1.53
CA TYR D 119 0.66 -47.85 -1.07
C TYR D 119 0.11 -48.36 0.28
N GLU D 120 -0.17 -47.44 1.19
CA GLU D 120 -0.61 -47.84 2.51
C GLU D 120 -1.97 -48.44 2.37
N LYS D 121 -2.75 -47.92 1.45
CA LYS D 121 -4.07 -48.46 1.19
C LYS D 121 -4.07 -49.91 0.68
N VAL D 122 -3.12 -50.25 -0.16
CA VAL D 122 -3.04 -51.58 -0.67
C VAL D 122 -2.48 -52.47 0.44
N LYS D 123 -1.53 -51.95 1.19
CA LYS D 123 -0.99 -52.69 2.30
C LYS D 123 -2.09 -53.07 3.27
N SER D 124 -3.11 -52.23 3.35
CA SER D 124 -4.20 -52.37 4.27
C SER D 124 -5.07 -53.55 3.91
N GLN D 125 -5.20 -53.81 2.62
CA GLN D 125 -6.06 -54.89 2.11
C GLN D 125 -5.35 -56.24 2.23
N LEU D 126 -4.13 -56.29 1.70
CA LEU D 126 -3.45 -57.53 1.57
C LEU D 126 -3.08 -58.07 2.90
N LYS D 127 -2.52 -57.22 3.78
CA LYS D 127 -2.00 -57.71 5.05
C LYS D 127 -1.00 -58.89 4.89
N ASN D 128 -1.10 -59.86 5.79
CA ASN D 128 -0.51 -61.17 5.72
C ASN D 128 -0.31 -61.81 4.32
N ASN D 129 -1.28 -61.59 3.43
CA ASN D 129 -1.34 -62.29 2.18
C ASN D 129 -0.28 -61.84 1.23
N ALA D 130 0.52 -60.87 1.62
CA ALA D 130 1.61 -60.49 0.76
C ALA D 130 2.79 -60.03 1.58
N LYS D 131 3.91 -59.86 0.87
CA LYS D 131 5.17 -59.54 1.49
C LYS D 131 5.64 -58.15 0.96
N GLU D 132 6.05 -57.28 1.85
CA GLU D 132 6.61 -56.05 1.43
C GLU D 132 8.04 -56.29 0.96
N ILE D 133 8.34 -55.98 -0.29
CA ILE D 133 9.67 -56.17 -0.80
C ILE D 133 10.40 -54.93 -1.26
N GLY D 134 9.98 -53.76 -0.83
CA GLY D 134 10.74 -52.57 -1.12
C GLY D 134 10.31 -51.93 -2.40
N ASN D 135 10.75 -50.69 -2.60
CA ASN D 135 10.44 -49.93 -3.80
C ASN D 135 8.95 -49.93 -4.11
N GLY D 136 8.13 -49.83 -3.07
CA GLY D 136 6.68 -49.79 -3.23
C GLY D 136 6.06 -51.01 -3.93
N CYS D 137 6.68 -52.18 -3.80
CA CYS D 137 6.10 -53.46 -4.28
C CYS D 137 5.67 -54.46 -3.21
N PHE D 138 4.58 -55.15 -3.51
CA PHE D 138 4.15 -56.31 -2.76
C PHE D 138 4.31 -57.63 -3.57
N GLU D 139 4.93 -58.63 -2.94
CA GLU D 139 4.97 -59.97 -3.51
C GLU D 139 3.83 -60.77 -2.89
N PHE D 140 2.99 -61.38 -3.73
CA PHE D 140 1.87 -62.17 -3.25
C PHE D 140 2.32 -63.53 -2.78
N TYR D 141 1.71 -64.01 -1.70
CA TYR D 141 1.90 -65.36 -1.22
C TYR D 141 0.83 -66.29 -1.77
N HIS D 142 0.10 -65.88 -2.78
CA HIS D 142 -0.91 -66.74 -3.40
C HIS D 142 -0.95 -66.41 -4.88
N LYS D 143 -1.53 -67.27 -5.71
CA LYS D 143 -1.60 -66.94 -7.13
C LYS D 143 -2.63 -65.83 -7.29
N CYS D 144 -2.20 -64.66 -7.76
CA CYS D 144 -3.09 -63.52 -8.03
C CYS D 144 -3.26 -63.26 -9.50
N ASP D 145 -4.36 -63.74 -10.05
CA ASP D 145 -4.70 -63.48 -11.47
C ASP D 145 -5.34 -62.08 -11.75
N ASP D 146 -5.29 -61.65 -13.00
CA ASP D 146 -5.91 -60.42 -13.47
C ASP D 146 -7.18 -59.98 -12.77
N ALA D 147 -8.09 -60.90 -12.46
CA ALA D 147 -9.29 -60.56 -11.68
C ALA D 147 -8.99 -60.14 -10.23
N CYS D 148 -8.15 -60.95 -9.58
CA CYS D 148 -7.71 -60.68 -8.22
C CYS D 148 -6.95 -59.35 -8.20
N MET D 149 -6.14 -59.10 -9.24
CA MET D 149 -5.38 -57.85 -9.36
C MET D 149 -6.34 -56.68 -9.41
N GLU D 150 -7.40 -56.81 -10.20
CA GLU D 150 -8.35 -55.73 -10.40
C GLU D 150 -8.98 -55.37 -9.11
N SER D 151 -9.31 -56.37 -8.29
CA SER D 151 -9.95 -56.20 -6.98
C SER D 151 -9.06 -55.46 -5.98
N VAL D 152 -7.75 -55.58 -6.18
CA VAL D 152 -6.81 -54.81 -5.39
C VAL D 152 -6.87 -53.33 -5.85
N ARG D 153 -6.67 -53.09 -7.14
CA ARG D 153 -6.68 -51.74 -7.73
C ARG D 153 -7.97 -50.97 -7.52
N ASN D 154 -9.07 -51.66 -7.17
CA ASN D 154 -10.34 -50.98 -6.96
C ASN D 154 -10.91 -51.17 -5.56
N GLY D 155 -10.03 -51.55 -4.64
CA GLY D 155 -10.34 -51.63 -3.22
C GLY D 155 -11.24 -52.75 -2.73
N THR D 156 -11.39 -53.83 -3.49
CA THR D 156 -12.29 -54.91 -3.07
C THR D 156 -11.63 -56.30 -2.79
N TYR D 157 -10.30 -56.32 -2.66
CA TYR D 157 -9.55 -57.55 -2.46
C TYR D 157 -10.09 -58.31 -1.29
N ASP D 158 -10.41 -59.57 -1.49
CA ASP D 158 -10.99 -60.38 -0.44
C ASP D 158 -9.89 -61.18 0.31
N TYR D 159 -9.49 -60.66 1.47
CA TYR D 159 -8.42 -61.28 2.28
C TYR D 159 -8.65 -62.71 2.73
N PRO D 160 -9.77 -62.99 3.38
CA PRO D 160 -10.13 -64.32 3.83
C PRO D 160 -10.16 -65.38 2.71
N LYS D 161 -10.59 -65.00 1.51
CA LYS D 161 -10.56 -65.90 0.36
C LYS D 161 -9.19 -66.52 0.16
N TYR D 162 -8.10 -65.75 0.24
CA TYR D 162 -6.72 -66.26 0.03
C TYR D 162 -5.91 -66.49 1.34
N SER D 163 -6.50 -66.23 2.50
CA SER D 163 -5.76 -66.30 3.75
C SER D 163 -5.05 -67.62 3.97
N GLU D 164 -5.81 -68.70 3.92
CA GLU D 164 -5.30 -70.09 4.04
C GLU D 164 -4.23 -70.48 3.01
N GLU D 165 -4.47 -70.26 1.70
CA GLU D 165 -3.47 -70.56 0.69
C GLU D 165 -2.21 -69.80 1.07
N SER D 166 -2.37 -68.50 1.27
CA SER D 166 -1.27 -67.63 1.64
C SER D 166 -0.58 -68.18 2.85
N LYS D 167 -1.37 -68.63 3.84
CA LYS D 167 -0.82 -69.15 5.09
C LYS D 167 0.23 -70.20 4.73
N LEU D 168 -0.21 -71.27 4.06
CA LEU D 168 0.67 -72.35 3.65
C LEU D 168 1.90 -71.86 2.98
N ASN D 169 1.76 -71.18 1.84
CA ASN D 169 2.92 -70.63 1.13
C ASN D 169 3.87 -69.82 2.01
N ARG D 170 3.34 -69.00 2.90
CA ARG D 170 4.19 -68.12 3.69
C ARG D 170 4.93 -68.84 4.77
N GLU D 171 4.22 -69.72 5.52
CA GLU D 171 4.81 -70.59 6.58
C GLU D 171 6.06 -71.28 6.06
N GLU D 172 5.97 -71.86 4.86
CA GLU D 172 7.10 -72.56 4.24
C GLU D 172 7.57 -71.90 2.91
N ILE D 173 7.86 -70.59 2.97
CA ILE D 173 8.53 -69.81 1.90
C ILE D 173 9.40 -68.78 2.61
N ASP D 174 8.73 -67.98 3.44
CA ASP D 174 9.40 -67.05 4.33
C ASP D 174 9.09 -67.45 5.78
N GLY D 175 10.06 -68.07 6.43
CA GLY D 175 9.82 -68.80 7.67
C GLY D 175 9.72 -70.29 7.35
N GLU E 8 -10.74 -62.64 20.32
CA GLU E 8 -9.62 -61.88 19.72
C GLU E 8 -9.77 -60.41 20.10
N ASP E 9 -9.06 -60.04 21.15
CA ASP E 9 -8.93 -58.67 21.64
C ASP E 9 -8.31 -57.75 20.58
N THR E 10 -8.90 -56.60 20.43
CA THR E 10 -8.79 -55.78 19.23
C THR E 10 -8.74 -54.30 19.62
N ILE E 11 -7.83 -53.51 19.05
CA ILE E 11 -7.82 -52.09 19.33
C ILE E 11 -7.68 -51.17 18.09
N CYS E 12 -8.68 -50.33 17.84
CA CYS E 12 -8.63 -49.29 16.78
C CYS E 12 -8.27 -47.86 17.19
N ILE E 13 -7.42 -47.24 16.41
CA ILE E 13 -7.11 -45.88 16.68
C ILE E 13 -7.76 -45.09 15.55
N GLY E 14 -8.39 -43.99 15.92
CA GLY E 14 -9.06 -43.13 14.96
C GLY E 14 -9.50 -41.89 15.66
N TYR E 15 -10.43 -41.16 15.12
CA TYR E 15 -10.81 -39.88 15.73
C TYR E 15 -12.30 -39.74 15.73
N HIS E 16 -12.78 -39.07 16.75
CA HIS E 16 -14.18 -38.81 16.88
C HIS E 16 -14.47 -37.38 16.55
N ALA E 17 -15.55 -37.13 15.84
CA ALA E 17 -15.96 -35.79 15.50
C ALA E 17 -17.37 -35.56 16.03
N ASN E 18 -17.54 -34.41 16.66
CA ASN E 18 -18.84 -34.01 17.18
C ASN E 18 -19.73 -33.54 16.03
N ASN E 19 -21.04 -33.44 16.28
CA ASN E 19 -21.99 -33.03 15.25
C ASN E 19 -21.67 -31.61 14.88
N SER E 20 -21.72 -31.29 13.59
CA SER E 20 -21.53 -29.91 13.15
C SER E 20 -21.98 -29.62 11.72
N THR E 21 -22.45 -28.40 11.53
CA THR E 21 -22.87 -27.88 10.24
C THR E 21 -21.86 -26.90 9.68
N ASP E 22 -20.93 -26.45 10.55
CA ASP E 22 -19.86 -25.51 10.18
C ASP E 22 -19.17 -25.97 8.92
N THR E 23 -19.09 -25.09 7.95
CA THR E 23 -18.38 -25.37 6.71
C THR E 23 -17.38 -24.27 6.42
N VAL E 24 -16.31 -24.69 5.77
CA VAL E 24 -15.18 -23.84 5.46
C VAL E 24 -14.74 -24.24 4.07
N ASP E 25 -13.71 -23.55 3.59
CA ASP E 25 -13.08 -23.83 2.30
C ASP E 25 -11.58 -24.03 2.49
N THR E 26 -11.00 -24.82 1.61
CA THR E 26 -9.56 -25.00 1.56
C THR E 26 -9.11 -24.86 0.12
N VAL E 27 -7.81 -24.77 -0.09
CA VAL E 27 -7.36 -24.71 -1.48
C VAL E 27 -7.83 -25.91 -2.32
N LEU E 28 -7.94 -27.07 -1.71
CA LEU E 28 -8.23 -28.27 -2.49
C LEU E 28 -9.70 -28.66 -2.55
N GLU E 29 -10.54 -28.13 -1.65
CA GLU E 29 -11.98 -28.46 -1.63
C GLU E 29 -12.83 -27.26 -1.37
N LYS E 30 -14.07 -27.33 -1.88
CA LYS E 30 -14.90 -26.17 -1.94
C LYS E 30 -15.89 -26.12 -0.85
N ASN E 31 -16.28 -27.22 -0.24
CA ASN E 31 -17.30 -27.02 0.80
C ASN E 31 -17.28 -28.05 1.90
N VAL E 32 -16.21 -28.02 2.68
CA VAL E 32 -15.94 -29.10 3.64
C VAL E 32 -16.63 -28.84 4.96
N THR E 33 -17.26 -29.85 5.52
CA THR E 33 -17.93 -29.69 6.79
C THR E 33 -16.97 -30.02 7.89
N VAL E 34 -16.59 -29.05 8.69
CA VAL E 34 -15.76 -29.30 9.83
C VAL E 34 -16.52 -29.06 11.09
N THR E 35 -15.98 -29.57 12.21
CA THR E 35 -16.64 -29.48 13.54
C THR E 35 -16.40 -28.20 14.25
N HIS E 36 -15.86 -27.21 13.60
CA HIS E 36 -15.63 -25.97 14.30
C HIS E 36 -14.76 -25.04 13.50
N SER E 37 -15.13 -23.77 13.50
CA SER E 37 -14.36 -22.75 12.83
C SER E 37 -14.40 -21.43 13.59
N VAL E 38 -13.41 -20.58 13.37
CA VAL E 38 -13.41 -19.25 13.99
C VAL E 38 -13.51 -18.24 12.90
N ASN E 39 -14.54 -17.41 12.94
CA ASN E 39 -14.69 -16.32 12.00
C ASN E 39 -13.57 -15.27 12.21
N LEU E 40 -12.84 -14.93 11.14
CA LEU E 40 -11.79 -13.90 11.19
C LEU E 40 -12.29 -12.51 10.73
N LEU E 41 -13.54 -12.48 10.28
CA LEU E 41 -14.14 -11.33 9.62
C LEU E 41 -15.19 -10.67 10.50
N GLU E 42 -15.01 -9.38 10.76
CA GLU E 42 -16.03 -8.56 11.39
C GLU E 42 -17.04 -8.15 10.31
N ASP E 43 -18.28 -8.59 10.46
CA ASP E 43 -19.27 -8.37 9.42
C ASP E 43 -20.64 -7.89 9.89
N SER E 44 -20.65 -7.08 10.95
CA SER E 44 -21.88 -6.46 11.47
C SER E 44 -21.55 -5.22 12.36
N HIS E 45 -22.52 -4.34 12.53
CA HIS E 45 -22.32 -3.13 13.29
C HIS E 45 -23.55 -2.73 14.09
N ASN E 46 -23.36 -2.27 15.32
CA ASN E 46 -24.47 -1.87 16.19
C ASN E 46 -25.38 -0.79 15.66
N GLY E 47 -25.00 -0.16 14.56
CA GLY E 47 -25.90 0.81 13.91
C GLY E 47 -25.97 2.18 14.56
N LYS E 48 -24.96 2.51 15.35
CA LYS E 48 -24.91 3.79 16.07
C LYS E 48 -23.53 4.47 16.04
N LEU E 49 -23.53 5.79 16.09
CA LEU E 49 -22.31 6.55 16.19
C LEU E 49 -21.95 6.69 17.67
N CYS E 50 -21.00 5.90 18.11
CA CYS E 50 -20.57 5.89 19.50
C CYS E 50 -19.42 6.82 19.69
N LYS E 51 -18.78 6.72 20.84
CA LYS E 51 -17.69 7.58 21.26
C LYS E 51 -16.36 6.93 21.02
N LEU E 52 -15.42 7.70 20.48
CA LEU E 52 -14.07 7.19 20.32
C LEU E 52 -13.30 7.87 21.38
N LYS E 53 -12.19 7.27 21.78
CA LYS E 53 -11.34 7.83 22.84
C LYS E 53 -12.20 8.23 24.05
N GLY E 54 -13.26 7.49 24.33
CA GLY E 54 -14.21 7.92 25.36
C GLY E 54 -14.67 9.40 25.30
N ILE E 55 -15.10 9.86 24.14
CA ILE E 55 -15.57 11.22 23.94
C ILE E 55 -16.63 11.16 22.84
N ALA E 56 -17.62 12.05 22.86
CA ALA E 56 -18.64 12.00 21.80
C ALA E 56 -18.21 12.86 20.66
N PRO E 57 -18.73 12.54 19.48
CA PRO E 57 -18.42 13.36 18.29
C PRO E 57 -19.19 14.64 18.35
N LEU E 58 -18.72 15.68 17.67
CA LEU E 58 -19.47 16.92 17.50
C LEU E 58 -20.56 16.62 16.51
N GLN E 59 -21.78 17.00 16.86
CA GLN E 59 -22.90 16.63 16.04
C GLN E 59 -23.62 17.85 15.53
N LEU E 60 -23.18 18.34 14.39
CA LEU E 60 -23.82 19.48 13.77
C LEU E 60 -25.18 19.01 13.32
N GLY E 61 -26.16 19.88 13.47
CA GLY E 61 -27.53 19.49 13.24
C GLY E 61 -28.00 19.71 11.82
N LYS E 62 -28.87 20.69 11.67
CA LYS E 62 -29.40 21.04 10.35
C LYS E 62 -28.36 21.86 9.57
N CYS E 63 -27.12 21.90 10.04
CA CYS E 63 -26.09 22.65 9.35
C CYS E 63 -24.65 22.15 9.45
N ASN E 64 -23.83 22.61 8.50
CA ASN E 64 -22.48 22.12 8.31
C ASN E 64 -21.48 22.95 9.07
N ILE E 65 -20.21 22.59 9.01
CA ILE E 65 -19.14 23.29 9.73
C ILE E 65 -19.07 24.79 9.41
N ALA E 66 -19.13 25.17 8.16
CA ALA E 66 -19.17 26.60 7.85
C ALA E 66 -20.29 27.37 8.58
N GLY E 67 -21.54 26.95 8.43
CA GLY E 67 -22.65 27.55 9.13
C GLY E 67 -22.50 27.58 10.64
N TRP E 68 -21.78 26.63 11.18
CA TRP E 68 -21.64 26.56 12.65
C TRP E 68 -20.54 27.46 13.10
N LEU E 69 -19.45 27.51 12.32
CA LEU E 69 -18.25 28.28 12.66
C LEU E 69 -18.52 29.76 12.53
N LEU E 70 -18.94 30.21 11.35
CA LEU E 70 -19.65 31.46 11.21
C LEU E 70 -20.95 31.23 11.98
N GLY E 71 -21.65 32.26 12.39
CA GLY E 71 -22.87 31.95 13.13
C GLY E 71 -24.11 31.91 12.28
N ASN E 72 -24.28 30.93 11.41
CA ASN E 72 -25.50 30.94 10.60
C ASN E 72 -26.72 30.85 11.52
N PRO E 73 -27.75 31.64 11.25
CA PRO E 73 -28.98 31.60 12.09
C PRO E 73 -29.63 30.23 12.35
N GLU E 74 -30.09 29.50 11.34
CA GLU E 74 -30.61 28.15 11.55
C GLU E 74 -29.74 27.34 12.54
N CYS E 75 -28.44 27.52 12.47
CA CYS E 75 -27.47 26.86 13.36
C CYS E 75 -27.63 27.19 14.86
N ASP E 76 -27.94 28.44 15.19
CA ASP E 76 -28.25 28.84 16.57
C ASP E 76 -29.05 27.83 17.39
N LEU E 77 -29.95 27.09 16.73
CA LEU E 77 -30.60 25.93 17.33
C LEU E 77 -29.61 24.76 17.32
N LEU E 78 -28.77 24.69 18.35
CA LEU E 78 -27.68 23.71 18.46
C LEU E 78 -26.78 24.02 19.69
N LEU E 79 -26.19 22.97 20.25
CA LEU E 79 -25.37 23.10 21.46
C LEU E 79 -23.91 22.83 21.10
N THR E 80 -23.01 23.12 22.02
CA THR E 80 -21.62 22.77 21.78
C THR E 80 -21.00 22.44 23.09
N ALA E 81 -20.12 21.41 23.05
CA ALA E 81 -19.33 20.95 24.23
C ALA E 81 -17.88 21.37 24.09
N SER E 82 -17.07 21.14 25.11
CA SER E 82 -15.70 21.62 25.10
C SER E 82 -14.75 20.69 24.40
N SER E 83 -15.21 19.62 23.75
CA SER E 83 -14.30 18.71 23.06
C SER E 83 -15.00 17.68 22.19
N TRP E 84 -14.28 17.10 21.24
CA TRP E 84 -14.86 16.02 20.44
C TRP E 84 -13.84 15.12 19.72
N SER E 85 -14.29 13.90 19.46
CA SER E 85 -13.47 12.85 18.90
C SER E 85 -13.44 12.98 17.44
N TYR E 86 -14.59 13.31 16.89
CA TYR E 86 -14.73 13.46 15.47
C TYR E 86 -15.95 14.33 15.24
N ILE E 87 -16.36 14.46 14.00
CA ILE E 87 -17.51 15.29 13.73
C ILE E 87 -18.40 14.51 12.78
N VAL E 88 -19.71 14.70 12.98
CA VAL E 88 -20.76 14.08 12.22
C VAL E 88 -21.60 15.14 11.57
N GLU E 89 -21.61 15.14 10.26
CA GLU E 89 -22.56 15.90 9.51
C GLU E 89 -23.62 14.91 8.99
N THR E 90 -24.87 15.36 8.95
CA THR E 90 -25.96 14.55 8.46
C THR E 90 -26.23 14.93 7.03
N SER E 91 -27.05 14.10 6.40
CA SER E 91 -27.48 14.31 5.04
C SER E 91 -28.37 15.53 4.94
N ASN E 92 -28.71 16.13 6.08
CA ASN E 92 -29.45 17.41 6.12
C ASN E 92 -28.70 18.45 7.00
N SER E 93 -27.51 18.80 6.53
CA SER E 93 -26.71 19.88 7.10
C SER E 93 -26.48 20.82 5.94
N GLU E 94 -27.56 21.37 5.40
CA GLU E 94 -27.46 22.20 4.22
C GLU E 94 -27.13 23.67 4.55
N ASN E 95 -27.16 24.03 5.83
CA ASN E 95 -27.09 25.44 6.17
C ASN E 95 -25.73 25.84 6.48
N GLY E 96 -25.05 26.42 5.51
CA GLY E 96 -23.70 26.89 5.76
C GLY E 96 -23.58 28.39 5.51
N THR E 97 -22.78 28.69 4.52
CA THR E 97 -22.54 30.03 4.14
C THR E 97 -23.76 30.59 3.37
N CYS E 98 -24.76 31.06 4.11
CA CYS E 98 -25.99 31.63 3.55
C CYS E 98 -25.79 32.86 2.64
N TYR E 99 -24.69 33.61 2.77
CA TYR E 99 -24.43 34.71 1.84
C TYR E 99 -23.40 34.25 0.82
N PRO E 100 -23.71 34.34 -0.45
CA PRO E 100 -22.88 33.73 -1.51
C PRO E 100 -21.44 34.16 -1.47
N GLY E 101 -20.54 33.21 -1.67
CA GLY E 101 -19.13 33.46 -1.52
C GLY E 101 -18.31 32.22 -1.26
N ASP E 102 -17.01 32.42 -1.14
CA ASP E 102 -16.05 31.35 -1.01
C ASP E 102 -15.38 31.29 0.35
N PHE E 103 -15.40 30.09 0.92
CA PHE E 103 -14.70 29.81 2.15
C PHE E 103 -13.26 29.31 1.83
N ILE E 104 -12.25 30.13 2.08
CA ILE E 104 -10.91 29.70 1.75
C ILE E 104 -10.38 28.60 2.65
N ASP E 105 -9.74 27.63 2.02
CA ASP E 105 -9.20 26.45 2.68
C ASP E 105 -10.25 25.81 3.57
N TYR E 106 -11.46 25.67 3.04
CA TYR E 106 -12.55 25.12 3.83
C TYR E 106 -12.18 23.71 4.19
N GLU E 107 -11.61 22.99 3.26
CA GLU E 107 -11.25 21.60 3.55
C GLU E 107 -10.20 21.48 4.67
N GLU E 108 -9.23 22.37 4.68
CA GLU E 108 -8.15 22.37 5.67
C GLU E 108 -8.67 22.68 7.05
N LEU E 109 -9.44 23.73 7.17
CA LEU E 109 -10.05 24.01 8.45
C LEU E 109 -10.88 22.80 9.03
N ARG E 110 -11.67 22.19 8.17
CA ARG E 110 -12.52 21.08 8.55
C ARG E 110 -11.65 19.98 9.09
N GLU E 111 -10.54 19.73 8.44
CA GLU E 111 -9.60 18.70 8.87
C GLU E 111 -9.05 19.04 10.24
N GLN E 112 -8.65 20.28 10.46
CA GLN E 112 -7.97 20.68 11.72
C GLN E 112 -8.83 20.79 12.96
N LEU E 113 -10.13 20.83 12.74
CA LEU E 113 -11.13 20.92 13.79
C LEU E 113 -11.81 19.54 14.11
N SER E 114 -11.44 18.47 13.43
CA SER E 114 -12.05 17.20 13.62
C SER E 114 -11.90 16.58 15.03
N SER E 115 -10.88 16.98 15.74
CA SER E 115 -10.60 16.53 17.09
C SER E 115 -10.09 17.74 17.77
N VAL E 116 -10.85 18.18 18.76
CA VAL E 116 -10.56 19.39 19.52
C VAL E 116 -10.67 19.04 20.99
N SER E 117 -9.95 19.80 21.81
CA SER E 117 -9.79 19.45 23.20
C SER E 117 -10.53 20.40 24.13
N SER E 118 -10.39 21.73 23.96
CA SER E 118 -11.05 22.64 24.92
C SER E 118 -11.68 23.83 24.25
N PHE E 119 -12.74 23.55 23.52
CA PHE E 119 -13.41 24.58 22.77
C PHE E 119 -13.93 25.64 23.69
N GLU E 120 -13.89 26.85 23.19
CA GLU E 120 -14.36 28.04 23.90
C GLU E 120 -14.57 29.16 22.88
N LYS E 121 -15.80 29.63 22.77
CA LYS E 121 -16.12 30.74 21.93
C LYS E 121 -16.10 32.01 22.75
N PHE E 122 -15.48 33.06 22.27
CA PHE E 122 -15.39 34.28 23.02
C PHE E 122 -15.61 35.50 22.12
N GLU E 123 -15.95 36.60 22.74
CA GLU E 123 -16.23 37.79 22.02
C GLU E 123 -14.86 38.46 21.83
N ILE E 124 -14.28 38.31 20.64
CA ILE E 124 -12.98 38.93 20.34
C ILE E 124 -13.08 40.46 20.17
N PHE E 125 -14.13 40.92 19.51
CA PHE E 125 -14.30 42.33 19.26
C PHE E 125 -15.73 42.61 19.58
N PRO E 126 -16.01 42.98 20.83
CA PRO E 126 -17.38 43.32 21.20
C PRO E 126 -17.99 44.45 20.34
N LYS E 127 -19.16 44.17 19.75
CA LYS E 127 -19.93 45.08 18.92
C LYS E 127 -20.21 46.43 19.59
N THR E 128 -20.84 46.39 20.77
CA THR E 128 -21.13 47.57 21.61
C THR E 128 -20.04 48.64 21.66
N SER E 129 -18.78 48.24 21.84
CA SER E 129 -17.71 49.19 22.09
C SER E 129 -16.55 49.27 21.09
N SER E 130 -16.49 48.40 20.08
CA SER E 130 -15.25 48.22 19.30
C SER E 130 -15.24 49.19 18.14
N TRP E 131 -16.40 49.68 17.73
CA TRP E 131 -16.43 50.48 16.50
C TRP E 131 -17.29 51.77 16.59
N PRO E 132 -16.87 52.73 17.43
CA PRO E 132 -17.65 53.96 17.65
C PRO E 132 -17.76 54.80 16.35
N ASN E 133 -16.69 54.79 15.53
CA ASN E 133 -16.66 55.54 14.27
C ASN E 133 -17.32 54.84 13.08
N HIS E 134 -17.62 53.55 13.21
CA HIS E 134 -18.36 52.84 12.18
C HIS E 134 -19.76 52.49 12.61
N GLU E 135 -20.58 52.13 11.63
CA GLU E 135 -21.94 51.67 11.88
C GLU E 135 -22.05 50.15 11.99
N THR E 136 -22.52 49.70 13.16
CA THR E 136 -22.73 48.29 13.41
C THR E 136 -24.22 47.88 13.39
N THR E 137 -25.07 48.85 13.68
CA THR E 137 -26.51 48.66 13.75
C THR E 137 -27.12 48.09 12.46
N LYS E 138 -26.69 48.60 11.33
CA LYS E 138 -27.30 48.25 10.05
C LYS E 138 -26.30 47.38 9.36
N GLY E 139 -26.79 46.51 8.49
CA GLY E 139 -25.92 45.51 7.93
C GLY E 139 -26.43 44.10 8.17
N VAL E 140 -27.56 43.84 7.55
CA VAL E 140 -28.19 42.54 7.52
C VAL E 140 -28.63 42.25 6.08
N THR E 141 -29.13 41.05 5.82
CA THR E 141 -29.48 40.63 4.45
C THR E 141 -30.54 39.54 4.45
N ALA E 142 -31.37 39.53 3.43
CA ALA E 142 -32.35 38.46 3.24
C ALA E 142 -31.64 37.11 3.19
N ALA E 143 -30.47 37.09 2.54
CA ALA E 143 -29.67 35.86 2.40
C ALA E 143 -29.57 35.12 3.72
N CYS E 144 -29.32 35.84 4.82
CA CYS E 144 -29.25 35.24 6.14
C CYS E 144 -30.37 35.79 6.96
N SER E 145 -31.52 35.13 6.94
CA SER E 145 -32.68 35.65 7.69
C SER E 145 -33.11 34.71 8.81
N TYR E 146 -33.47 35.34 9.91
CA TYR E 146 -33.91 34.66 11.12
C TYR E 146 -35.24 35.23 11.53
N ALA E 147 -36.18 34.36 11.91
CA ALA E 147 -37.48 34.79 12.45
C ALA E 147 -38.16 35.78 11.50
N GLY E 148 -38.13 35.44 10.21
CA GLY E 148 -38.81 36.21 9.19
C GLY E 148 -38.12 37.49 8.74
N ALA E 149 -37.23 38.07 9.55
CA ALA E 149 -36.58 39.34 9.20
C ALA E 149 -35.20 39.15 8.59
N SER E 150 -34.74 40.17 7.89
CA SER E 150 -33.39 40.15 7.35
C SER E 150 -32.38 40.11 8.53
N SER E 151 -31.36 39.24 8.48
CA SER E 151 -30.36 39.15 9.58
C SER E 151 -28.91 38.99 9.05
N PHE E 152 -28.03 38.43 9.87
CA PHE E 152 -26.64 38.15 9.51
C PHE E 152 -25.99 37.12 10.48
N TYR E 153 -24.77 36.67 10.15
CA TYR E 153 -24.05 35.69 10.96
C TYR E 153 -23.97 36.14 12.40
N ARG E 154 -24.07 35.19 13.33
CA ARG E 154 -24.00 35.50 14.74
C ARG E 154 -22.59 35.75 15.20
N ASN E 155 -21.61 35.19 14.51
CA ASN E 155 -20.22 35.32 14.92
C ASN E 155 -19.42 36.42 14.24
N LEU E 156 -19.97 37.02 13.21
CA LEU E 156 -19.32 38.09 12.48
C LEU E 156 -20.19 39.34 12.48
N LEU E 157 -19.56 40.47 12.11
CA LEU E 157 -20.16 41.81 12.16
C LEU E 157 -19.85 42.64 10.92
N TRP E 158 -20.91 43.13 10.27
CA TRP E 158 -20.84 43.87 8.98
C TRP E 158 -20.77 45.39 9.12
N LEU E 159 -19.56 45.92 9.16
CA LEU E 159 -19.36 47.35 9.40
C LEU E 159 -19.64 48.16 8.14
N THR E 160 -20.29 49.30 8.35
CA THR E 160 -20.76 50.20 7.31
C THR E 160 -20.52 51.63 7.70
N LYS E 161 -20.34 52.49 6.70
CA LYS E 161 -20.21 53.94 6.91
C LYS E 161 -21.25 54.46 7.89
N LYS E 162 -20.80 55.22 8.89
CA LYS E 162 -21.67 55.76 9.93
C LYS E 162 -22.52 56.87 9.42
N GLY E 163 -21.95 57.62 8.47
CA GLY E 163 -22.72 58.62 7.77
C GLY E 163 -21.82 59.23 6.74
N SER E 164 -22.06 58.93 5.47
CA SER E 164 -21.19 59.43 4.40
C SER E 164 -19.68 59.48 4.82
N SER E 165 -19.21 58.47 5.55
CA SER E 165 -17.79 58.30 5.85
C SER E 165 -17.45 56.99 6.58
N TYR E 166 -16.33 56.41 6.15
CA TYR E 166 -15.79 55.17 6.68
C TYR E 166 -14.30 55.50 6.85
N PRO E 167 -13.96 56.04 7.99
CA PRO E 167 -12.54 56.29 8.27
C PRO E 167 -11.77 54.98 8.42
N LYS E 168 -10.54 54.97 7.95
CA LYS E 168 -9.68 53.80 8.13
C LYS E 168 -9.83 53.30 9.55
N LEU E 169 -10.12 52.03 9.71
CA LEU E 169 -10.16 51.43 11.05
C LEU E 169 -8.95 50.52 11.26
N SER E 170 -8.57 50.35 12.50
CA SER E 170 -7.43 49.46 12.80
C SER E 170 -7.56 48.95 14.23
N LYS E 171 -7.97 47.69 14.36
CA LYS E 171 -8.11 47.06 15.66
C LYS E 171 -7.31 45.77 15.66
N SER E 172 -6.77 45.40 16.82
CA SER E 172 -6.01 44.16 16.93
C SER E 172 -6.13 43.43 18.25
N TYR E 173 -6.39 42.12 18.18
CA TYR E 173 -6.54 41.26 19.33
C TYR E 173 -5.20 40.74 19.71
N VAL E 174 -5.01 40.39 20.98
CA VAL E 174 -3.70 39.98 21.48
C VAL E 174 -3.59 38.54 21.97
N ASN E 175 -4.69 37.85 22.25
CA ASN E 175 -4.60 36.41 22.58
C ASN E 175 -3.76 36.14 23.79
N ASN E 176 -4.38 36.40 24.93
CA ASN E 176 -3.87 36.10 26.28
C ASN E 176 -4.43 34.76 26.77
N LYS E 177 -5.12 34.01 25.90
CA LYS E 177 -5.66 32.71 26.30
C LYS E 177 -4.43 31.81 26.22
N GLY E 178 -4.52 30.60 26.79
CA GLY E 178 -3.35 29.76 26.86
C GLY E 178 -3.16 28.77 25.72
N LYS E 179 -4.06 28.90 24.73
CA LYS E 179 -4.18 27.98 23.62
C LYS E 179 -4.26 28.74 22.27
N GLU E 180 -4.45 28.03 21.16
CA GLU E 180 -4.60 28.72 19.86
C GLU E 180 -5.95 29.44 19.72
N VAL E 181 -5.98 30.56 19.01
CA VAL E 181 -7.27 31.18 18.64
C VAL E 181 -7.54 31.13 17.12
N LEU E 182 -8.75 30.72 16.77
CA LEU E 182 -9.19 30.61 15.40
C LEU E 182 -10.01 31.84 15.18
N VAL E 183 -9.51 32.73 14.35
CA VAL E 183 -10.16 34.00 14.04
C VAL E 183 -10.70 33.96 12.66
N LEU E 184 -11.99 34.22 12.50
CA LEU E 184 -12.59 34.24 11.16
C LEU E 184 -13.09 35.60 10.86
N TRP E 185 -12.94 36.02 9.61
CA TRP E 185 -13.50 37.25 9.07
C TRP E 185 -13.96 37.10 7.64
N GLY E 186 -14.39 38.17 7.04
CA GLY E 186 -14.81 38.13 5.66
C GLY E 186 -14.55 39.44 5.00
N VAL E 187 -14.48 39.38 3.69
CA VAL E 187 -14.32 40.53 2.83
C VAL E 187 -15.48 40.57 1.89
N HIS E 188 -16.12 41.73 1.72
CA HIS E 188 -17.30 41.80 0.85
C HIS E 188 -16.93 42.41 -0.48
N HIS E 189 -17.60 41.88 -1.50
CA HIS E 189 -17.44 42.29 -2.86
C HIS E 189 -18.81 42.73 -3.33
N PRO E 190 -19.06 44.03 -3.29
CA PRO E 190 -20.30 44.59 -3.82
C PRO E 190 -20.44 44.27 -5.31
N PRO E 191 -21.65 44.24 -5.86
CA PRO E 191 -21.80 43.88 -7.27
C PRO E 191 -21.57 45.08 -8.21
N THR E 192 -21.56 46.31 -7.68
CA THR E 192 -21.39 47.55 -8.45
C THR E 192 -20.76 48.66 -7.58
N GLY E 193 -20.12 49.64 -8.21
CA GLY E 193 -19.53 50.78 -7.51
C GLY E 193 -20.52 51.66 -6.75
N THR E 194 -21.76 51.72 -7.22
CA THR E 194 -22.80 52.43 -6.47
C THR E 194 -22.95 51.85 -5.07
N ASP E 195 -23.06 50.51 -4.99
CA ASP E 195 -23.19 49.78 -3.71
C ASP E 195 -21.98 50.03 -2.86
N GLN E 196 -20.80 49.92 -3.45
CA GLN E 196 -19.56 50.33 -2.75
C GLN E 196 -19.75 51.65 -1.97
N GLN E 197 -20.22 52.71 -2.66
CA GLN E 197 -20.48 54.00 -2.05
C GLN E 197 -21.55 53.86 -0.96
N SER E 198 -22.71 53.31 -1.30
CA SER E 198 -23.81 53.13 -0.34
C SER E 198 -23.34 52.50 0.95
N LEU E 199 -22.55 51.45 0.85
CA LEU E 199 -22.08 50.70 2.01
C LEU E 199 -20.87 51.34 2.70
N TYR E 200 -19.78 51.52 1.94
CA TYR E 200 -18.47 51.91 2.50
C TYR E 200 -17.97 53.31 2.14
N GLN E 201 -18.66 53.95 1.19
CA GLN E 201 -18.38 55.34 0.81
C GLN E 201 -16.90 55.57 0.47
N ASN E 202 -16.29 54.63 -0.24
CA ASN E 202 -14.84 54.68 -0.40
C ASN E 202 -14.34 53.91 -1.62
N ALA E 203 -14.93 54.20 -2.77
CA ALA E 203 -14.51 53.58 -4.03
C ALA E 203 -13.21 52.75 -3.97
N ASP E 204 -12.08 53.41 -3.66
CA ASP E 204 -10.76 52.76 -3.64
C ASP E 204 -10.29 52.29 -2.26
N ALA E 205 -11.07 51.38 -1.66
CA ALA E 205 -10.85 50.89 -0.28
C ALA E 205 -10.16 49.54 -0.26
N TYR E 206 -9.75 49.14 0.95
CA TYR E 206 -9.07 47.85 1.17
C TYR E 206 -9.23 47.28 2.60
N VAL E 207 -8.75 46.06 2.77
CA VAL E 207 -8.77 45.33 4.05
C VAL E 207 -7.43 44.64 4.23
N SER E 208 -6.78 44.95 5.33
CA SER E 208 -5.48 44.36 5.63
C SER E 208 -5.53 43.66 7.00
N VAL E 209 -5.09 42.40 7.00
CA VAL E 209 -5.10 41.54 8.18
C VAL E 209 -3.71 41.01 8.46
N GLY E 210 -3.14 41.28 9.65
CA GLY E 210 -1.76 40.90 9.95
C GLY E 210 -1.42 40.27 11.32
N SER E 211 -1.11 38.98 11.31
CA SER E 211 -0.48 38.36 12.45
C SER E 211 1.03 38.29 12.20
N SER E 212 1.74 37.76 13.19
CA SER E 212 3.19 37.72 13.08
C SER E 212 3.56 36.58 12.12
N LYS E 213 2.57 35.75 11.82
CA LYS E 213 2.72 34.63 10.89
C LYS E 213 1.77 34.76 9.65
N TYR E 214 1.16 35.92 9.41
CA TYR E 214 0.08 36.00 8.45
C TYR E 214 -0.07 37.41 7.96
N ASN E 215 0.53 37.75 6.84
CA ASN E 215 0.22 39.02 6.20
C ASN E 215 -0.70 38.66 5.04
N ARG E 216 -1.66 39.55 4.74
CA ARG E 216 -2.51 39.43 3.55
C ARG E 216 -3.43 40.61 3.31
N ARG E 217 -3.34 41.17 2.11
CA ARG E 217 -4.19 42.26 1.62
C ARG E 217 -5.43 41.71 0.84
N PHE E 218 -6.49 42.53 0.86
CA PHE E 218 -7.75 42.22 0.22
C PHE E 218 -8.26 43.47 -0.43
N THR E 219 -8.97 43.28 -1.53
CA THR E 219 -9.58 44.40 -2.25
C THR E 219 -10.92 44.00 -2.77
N PRO E 220 -11.85 44.94 -2.91
CA PRO E 220 -13.17 44.61 -3.45
C PRO E 220 -13.07 44.31 -4.95
N GLU E 221 -13.40 43.07 -5.30
CA GLU E 221 -13.54 42.63 -6.68
C GLU E 221 -14.94 43.05 -7.13
N ILE E 222 -15.12 44.32 -7.45
CA ILE E 222 -16.45 44.85 -7.82
C ILE E 222 -16.88 44.39 -9.20
N ALA E 223 -17.92 43.57 -9.29
CA ALA E 223 -18.30 42.95 -10.57
C ALA E 223 -19.76 42.50 -10.64
N ALA E 224 -20.28 42.34 -11.86
CA ALA E 224 -21.65 41.89 -12.03
C ALA E 224 -21.69 40.35 -12.03
N ARG E 225 -22.65 39.80 -11.30
CA ARG E 225 -22.80 38.34 -11.21
C ARG E 225 -24.22 37.89 -10.99
N PRO E 226 -24.47 36.63 -11.29
CA PRO E 226 -25.78 36.00 -11.01
C PRO E 226 -26.20 36.05 -9.53
N LYS E 227 -27.48 36.09 -9.32
CA LYS E 227 -28.00 36.21 -7.98
C LYS E 227 -27.91 34.84 -7.36
N VAL E 228 -27.60 34.81 -6.07
CA VAL E 228 -27.61 33.61 -5.25
C VAL E 228 -28.26 34.03 -3.94
N ARG E 229 -29.37 33.36 -3.67
CA ARG E 229 -30.18 33.72 -2.53
C ARG E 229 -30.42 35.22 -2.63
N ASP E 230 -30.71 35.63 -3.86
CA ASP E 230 -31.05 37.01 -4.18
C ASP E 230 -29.91 38.05 -4.00
N GLN E 231 -28.64 37.65 -4.16
CA GLN E 231 -27.50 38.53 -3.92
C GLN E 231 -26.49 38.45 -5.04
N ALA E 232 -26.33 39.58 -5.73
CA ALA E 232 -25.34 39.75 -6.78
C ALA E 232 -23.99 40.00 -6.15
N GLY E 233 -23.99 40.32 -4.86
CA GLY E 233 -22.75 40.53 -4.14
C GLY E 233 -22.21 39.21 -3.61
N ARG E 234 -20.90 39.16 -3.39
CA ARG E 234 -20.25 37.99 -2.86
C ARG E 234 -19.45 38.37 -1.65
N MET E 235 -19.15 37.42 -0.80
CA MET E 235 -18.13 37.63 0.20
C MET E 235 -17.31 36.37 0.47
N ASN E 236 -16.01 36.59 0.56
CA ASN E 236 -15.11 35.52 0.92
C ASN E 236 -14.87 35.49 2.41
N TYR E 237 -14.85 34.27 2.95
CA TYR E 237 -14.61 34.06 4.35
C TYR E 237 -13.25 33.47 4.59
N TYR E 238 -12.35 34.19 5.26
CA TYR E 238 -10.99 33.64 5.52
C TYR E 238 -10.83 33.28 6.97
N TRP E 239 -9.79 32.54 7.27
CA TRP E 239 -9.52 32.19 8.68
C TRP E 239 -8.04 32.10 8.95
N THR E 240 -7.70 31.95 10.21
CA THR E 240 -6.29 31.79 10.57
C THR E 240 -6.12 31.36 12.02
N LEU E 241 -5.10 30.57 12.32
CA LEU E 241 -4.86 30.20 13.72
C LEU E 241 -3.86 31.14 14.40
N LEU E 242 -4.33 31.85 15.43
CA LEU E 242 -3.49 32.78 16.16
C LEU E 242 -2.82 32.04 17.26
N GLU E 243 -1.50 32.25 17.37
CA GLU E 243 -0.68 31.57 18.34
C GLU E 243 -0.67 32.35 19.66
N PRO E 244 -0.55 31.61 20.78
CA PRO E 244 -0.69 32.11 22.16
C PRO E 244 -0.13 33.48 22.49
N GLY E 245 1.11 33.77 22.19
CA GLY E 245 1.57 35.11 22.52
C GLY E 245 1.26 36.15 21.45
N ASP E 246 1.00 35.66 20.24
CA ASP E 246 0.95 36.52 19.06
C ASP E 246 -0.32 37.37 18.98
N THR E 247 -0.27 38.44 18.21
CA THR E 247 -1.45 39.27 18.03
C THR E 247 -1.84 39.36 16.58
N ILE E 248 -3.13 39.44 16.29
CA ILE E 248 -3.62 39.62 14.93
C ILE E 248 -4.10 41.03 14.82
N THR E 249 -3.86 41.70 13.70
CA THR E 249 -4.36 43.07 13.57
C THR E 249 -5.04 43.40 12.25
N PHE E 250 -6.29 43.86 12.37
CA PHE E 250 -7.12 44.20 11.24
C PHE E 250 -7.00 45.67 11.03
N GLU E 251 -7.25 46.09 9.79
CA GLU E 251 -7.09 47.47 9.34
C GLU E 251 -7.81 47.63 7.99
N ALA E 252 -8.74 48.57 7.88
CA ALA E 252 -9.49 48.70 6.63
C ALA E 252 -10.21 50.04 6.42
N THR E 253 -10.53 50.30 5.15
CA THR E 253 -11.30 51.47 4.75
C THR E 253 -12.60 51.08 4.09
N GLY E 254 -12.94 49.80 4.15
CA GLY E 254 -14.22 49.31 3.68
C GLY E 254 -14.22 47.79 3.64
N ASN E 255 -15.41 47.22 3.55
CA ASN E 255 -15.58 45.84 3.15
C ASN E 255 -15.15 44.80 4.14
N LEU E 256 -15.02 45.16 5.42
CA LEU E 256 -14.65 44.15 6.41
C LEU E 256 -15.87 43.65 7.09
N ILE E 257 -16.15 42.36 6.94
CA ILE E 257 -17.08 41.66 7.83
C ILE E 257 -16.14 41.26 8.92
N ALA E 258 -16.12 42.13 9.91
CA ALA E 258 -15.23 42.01 11.02
C ALA E 258 -15.57 40.85 11.91
N PRO E 259 -14.57 40.32 12.57
CA PRO E 259 -14.79 39.31 13.59
C PRO E 259 -15.54 39.95 14.78
N TRP E 260 -16.46 39.14 15.30
CA TRP E 260 -17.16 39.42 16.53
C TRP E 260 -16.77 38.37 17.55
N TYR E 261 -17.06 37.10 17.29
CA TYR E 261 -16.65 36.03 18.17
C TYR E 261 -15.59 35.19 17.50
N ALA E 262 -14.59 34.82 18.26
CA ALA E 262 -13.55 33.92 17.81
C ALA E 262 -13.64 32.65 18.67
N PHE E 263 -12.75 31.68 18.41
CA PHE E 263 -12.70 30.41 19.11
C PHE E 263 -11.34 30.13 19.67
N ALA E 264 -11.30 29.38 20.76
CA ALA E 264 -10.08 29.02 21.38
C ALA E 264 -10.07 27.52 21.71
N LEU E 265 -9.01 26.83 21.36
CA LEU E 265 -9.05 25.39 21.42
C LEU E 265 -7.69 24.77 21.34
N ASN E 266 -7.60 23.50 21.77
CA ASN E 266 -6.38 22.69 21.53
C ASN E 266 -6.66 21.61 20.47
N ARG E 267 -6.02 21.72 19.33
CA ARG E 267 -6.30 20.80 18.23
C ARG E 267 -5.78 19.42 18.54
N GLY E 268 -6.57 18.43 18.20
CA GLY E 268 -6.24 17.07 18.50
C GLY E 268 -5.33 16.44 17.47
N SER E 269 -4.85 15.25 17.85
CA SER E 269 -3.98 14.41 17.04
C SER E 269 -4.40 14.48 15.58
N GLY E 270 -5.56 13.90 15.24
CA GLY E 270 -5.97 13.82 13.84
C GLY E 270 -7.17 12.92 13.58
N SER E 271 -8.36 13.45 13.81
CA SER E 271 -9.54 12.70 13.52
C SER E 271 -9.99 12.92 12.07
N GLY E 272 -11.33 12.97 11.94
CA GLY E 272 -11.98 13.27 10.69
C GLY E 272 -13.46 13.43 10.83
N ILE E 273 -14.13 13.55 9.66
CA ILE E 273 -15.53 13.82 9.56
C ILE E 273 -16.28 12.66 8.93
N ILE E 274 -17.39 12.28 9.54
CA ILE E 274 -18.24 11.22 9.04
C ILE E 274 -19.60 11.77 8.66
N THR E 275 -20.13 11.38 7.52
CA THR E 275 -21.46 11.79 7.16
C THR E 275 -22.38 10.63 7.36
N SER E 276 -23.16 10.65 8.42
CA SER E 276 -24.05 9.52 8.72
C SER E 276 -25.43 9.99 9.23
N ASP E 277 -26.49 9.34 8.75
CA ASP E 277 -27.81 9.63 9.32
C ASP E 277 -28.17 8.75 10.52
N ALA E 278 -27.26 7.88 10.95
CA ALA E 278 -27.40 7.10 12.17
C ALA E 278 -27.43 7.95 13.42
N PRO E 279 -28.07 7.44 14.44
CA PRO E 279 -28.17 8.11 15.73
C PRO E 279 -26.97 7.95 16.63
N VAL E 280 -26.46 9.07 17.17
CA VAL E 280 -25.39 9.09 18.17
C VAL E 280 -25.85 8.58 19.54
N HIS E 281 -25.25 7.52 20.06
CA HIS E 281 -25.56 7.01 21.39
C HIS E 281 -24.36 7.00 22.31
N ASP E 282 -24.60 6.85 23.62
CA ASP E 282 -23.52 6.89 24.65
C ASP E 282 -22.88 5.53 24.92
N CYS E 283 -22.34 4.91 23.86
CA CYS E 283 -21.51 3.69 23.95
C CYS E 283 -20.11 4.01 23.45
N ASN E 284 -19.14 3.19 23.79
CA ASN E 284 -17.75 3.37 23.34
C ASN E 284 -17.40 2.47 22.15
N THR E 285 -16.38 2.88 21.39
CA THR E 285 -15.91 2.09 20.21
C THR E 285 -14.44 2.31 19.96
N LYS E 286 -13.70 1.27 19.60
CA LYS E 286 -12.34 1.49 19.16
C LYS E 286 -12.38 1.89 17.70
N CYS E 287 -13.39 1.38 16.98
CA CYS E 287 -13.59 1.59 15.58
C CYS E 287 -14.99 2.03 15.16
N GLN E 288 -15.07 3.25 14.63
CA GLN E 288 -16.31 3.81 14.13
C GLN E 288 -16.40 3.93 12.65
N THR E 289 -17.52 3.42 12.14
CA THR E 289 -17.90 3.40 10.73
C THR E 289 -19.17 4.26 10.52
N PRO E 290 -19.34 4.79 9.32
CA PRO E 290 -20.50 5.62 9.01
C PRO E 290 -21.86 4.96 9.25
N HIS E 291 -22.05 3.68 8.94
CA HIS E 291 -23.35 3.02 9.25
C HIS E 291 -23.48 2.59 10.72
N GLY E 292 -22.37 2.45 11.41
CA GLY E 292 -22.41 1.90 12.75
C GLY E 292 -21.01 1.57 13.24
N ALA E 293 -20.90 1.41 14.56
CA ALA E 293 -19.67 1.03 15.22
C ALA E 293 -19.42 -0.47 15.05
N ILE E 294 -18.16 -0.91 15.16
CA ILE E 294 -17.84 -2.33 15.02
C ILE E 294 -16.87 -2.84 16.09
N ASN E 295 -16.92 -4.14 16.38
CA ASN E 295 -15.87 -4.72 17.21
C ASN E 295 -14.53 -4.68 16.42
N SER E 296 -13.44 -4.48 17.13
CA SER E 296 -12.16 -4.47 16.48
C SER E 296 -11.18 -5.51 17.05
N SER E 297 -11.67 -6.63 17.55
CA SER E 297 -10.79 -7.65 18.07
C SER E 297 -10.36 -8.56 16.93
N LEU E 298 -11.19 -8.65 15.90
CA LEU E 298 -10.83 -9.43 14.75
C LEU E 298 -10.01 -8.64 13.76
N PRO E 299 -9.19 -9.27 12.93
CA PRO E 299 -8.28 -8.55 12.05
C PRO E 299 -8.84 -8.01 10.73
N PHE E 300 -10.02 -8.42 10.33
CA PHE E 300 -10.59 -7.96 9.07
C PHE E 300 -12.04 -7.56 9.24
N GLN E 301 -12.57 -6.86 8.26
CA GLN E 301 -13.91 -6.30 8.38
C GLN E 301 -14.43 -5.89 7.01
N ASN E 302 -15.71 -6.11 6.79
CA ASN E 302 -16.32 -5.81 5.49
C ASN E 302 -17.52 -4.86 5.51
N ILE E 303 -17.53 -3.95 6.44
CA ILE E 303 -18.66 -3.10 6.62
C ILE E 303 -18.51 -1.91 5.69
N HIS E 304 -17.42 -1.17 5.88
CA HIS E 304 -17.14 0.05 5.10
C HIS E 304 -15.66 0.36 5.05
N PRO E 305 -15.12 0.76 3.93
CA PRO E 305 -13.69 1.07 3.89
C PRO E 305 -13.35 2.33 4.65
N VAL E 306 -14.28 3.27 4.69
CA VAL E 306 -14.04 4.56 5.32
C VAL E 306 -14.45 4.51 6.76
N THR E 307 -13.43 4.52 7.58
CA THR E 307 -13.51 4.21 9.00
C THR E 307 -12.72 5.22 9.88
N ILE E 308 -12.98 5.29 11.16
CA ILE E 308 -12.16 6.14 12.06
C ILE E 308 -11.91 5.43 13.38
N GLY E 309 -10.64 5.31 13.76
CA GLY E 309 -10.27 4.55 14.93
C GLY E 309 -9.16 3.56 14.68
N GLU E 310 -8.95 2.65 15.62
CA GLU E 310 -7.99 1.59 15.48
C GLU E 310 -8.84 0.50 14.88
N CYS E 311 -8.91 0.41 13.56
CA CYS E 311 -9.93 -0.39 12.90
C CYS E 311 -9.37 -1.60 12.25
N PRO E 312 -10.13 -2.68 12.16
CA PRO E 312 -9.71 -3.80 11.34
C PRO E 312 -9.60 -3.41 9.83
N LYS E 313 -8.89 -4.21 9.06
CA LYS E 313 -8.68 -3.93 7.67
C LYS E 313 -9.92 -4.17 6.85
N TYR E 314 -10.28 -3.18 6.03
CA TYR E 314 -11.38 -3.39 5.14
C TYR E 314 -11.00 -4.35 4.02
N VAL E 315 -11.74 -5.44 3.95
CA VAL E 315 -11.58 -6.48 2.97
C VAL E 315 -12.91 -6.68 2.21
N ARG E 316 -12.89 -7.04 0.95
CA ARG E 316 -14.19 -7.22 0.25
C ARG E 316 -14.74 -8.64 0.30
N SER E 317 -14.22 -9.45 1.20
CA SER E 317 -14.73 -10.79 1.44
C SER E 317 -16.11 -10.81 2.09
N THR E 318 -16.78 -11.93 1.91
CA THR E 318 -18.11 -12.17 2.43
C THR E 318 -18.09 -12.97 3.73
N LYS E 319 -17.20 -13.95 3.80
CA LYS E 319 -17.00 -14.80 4.99
C LYS E 319 -15.53 -15.26 4.99
N LEU E 320 -14.92 -15.40 6.15
CA LEU E 320 -13.54 -15.87 6.24
C LEU E 320 -13.45 -16.79 7.42
N ARG E 321 -13.80 -18.04 7.23
CA ARG E 321 -13.83 -18.98 8.35
C ARG E 321 -12.56 -19.81 8.34
N MET E 322 -11.84 -19.71 9.45
CA MET E 322 -10.65 -20.52 9.70
C MET E 322 -11.05 -21.82 10.40
N ALA E 323 -10.90 -22.93 9.70
CA ALA E 323 -11.17 -24.24 10.32
C ALA E 323 -10.21 -24.55 11.49
N THR E 324 -10.77 -25.19 12.50
CA THR E 324 -9.99 -25.65 13.64
C THR E 324 -10.37 -27.04 14.06
N GLY E 325 -11.55 -27.48 13.62
CA GLY E 325 -12.09 -28.77 13.92
C GLY E 325 -11.70 -29.86 12.95
N LEU E 326 -12.35 -31.01 13.17
CA LEU E 326 -12.10 -32.25 12.47
C LEU E 326 -13.11 -32.30 11.39
N ARG E 327 -12.82 -33.02 10.33
CA ARG E 327 -13.79 -33.24 9.28
C ARG E 327 -14.93 -34.16 9.76
N ASN E 328 -16.14 -33.89 9.32
CA ASN E 328 -17.27 -34.77 9.61
C ASN E 328 -17.34 -35.92 8.62
N ILE E 329 -17.05 -35.64 7.36
CA ILE E 329 -16.91 -36.69 6.34
C ILE E 329 -15.41 -36.93 6.25
N PRO E 330 -14.95 -38.08 6.69
CA PRO E 330 -13.52 -38.41 6.64
C PRO E 330 -12.88 -38.32 5.21
N SER E 331 -11.61 -37.91 5.20
CA SER E 331 -10.91 -37.56 3.97
C SER E 331 -10.58 -38.78 3.14
N ILE E 332 -10.36 -38.57 1.86
CA ILE E 332 -9.97 -39.66 1.00
C ILE E 332 -8.66 -40.28 1.49
N GLN E 333 -7.81 -39.44 2.09
CA GLN E 333 -6.50 -39.87 2.59
C GLN E 333 -6.68 -40.95 3.66
N SER E 334 -7.62 -40.71 4.55
CA SER E 334 -7.83 -41.56 5.70
C SER E 334 -8.43 -42.90 5.32
N ARG E 335 -9.16 -42.97 4.23
CA ARG E 335 -9.88 -44.21 3.95
C ARG E 335 -8.95 -45.41 4.04
N GLY F 1 -9.29 -46.38 4.88
CA GLY F 1 -8.51 -47.59 4.97
C GLY F 1 -7.29 -47.60 5.85
N LEU F 2 -6.94 -46.44 6.40
CA LEU F 2 -5.80 -46.28 7.30
C LEU F 2 -6.22 -46.01 8.72
N PHE F 3 -7.38 -45.39 8.86
CA PHE F 3 -7.96 -45.11 10.16
C PHE F 3 -9.38 -44.62 9.95
N GLY F 4 -10.25 -44.92 10.92
CA GLY F 4 -11.64 -44.61 10.74
C GLY F 4 -12.14 -43.58 11.72
N ALA F 5 -13.41 -43.25 11.59
CA ALA F 5 -14.02 -42.36 12.54
C ALA F 5 -14.47 -43.19 13.70
N ILE F 6 -13.75 -43.16 14.82
CA ILE F 6 -14.24 -43.75 16.07
C ILE F 6 -15.71 -43.40 16.24
N ALA F 7 -16.55 -44.39 16.01
CA ALA F 7 -18.01 -44.25 15.98
C ALA F 7 -18.63 -43.85 17.34
N GLY F 8 -17.93 -43.00 18.11
CA GLY F 8 -18.52 -42.38 19.29
C GLY F 8 -19.94 -41.94 18.92
N PHE F 9 -20.86 -42.09 19.89
CA PHE F 9 -22.28 -41.88 19.64
C PHE F 9 -22.54 -40.43 19.23
N ILE F 10 -21.70 -39.52 19.71
CA ILE F 10 -21.88 -38.08 19.48
C ILE F 10 -22.02 -37.41 20.83
N GLU F 11 -20.98 -37.55 21.65
CA GLU F 11 -21.01 -37.00 22.99
C GLU F 11 -20.73 -35.50 22.94
N GLY F 12 -20.89 -34.85 24.09
CA GLY F 12 -20.33 -33.53 24.31
C GLY F 12 -18.83 -33.66 24.46
N GLY F 13 -18.35 -34.89 24.64
CA GLY F 13 -16.95 -35.25 24.50
C GLY F 13 -15.90 -34.27 25.02
N TRP F 14 -15.34 -33.41 24.16
CA TRP F 14 -14.19 -32.57 24.55
C TRP F 14 -14.28 -31.05 24.38
N THR F 15 -13.11 -30.41 24.45
CA THR F 15 -12.98 -28.96 24.47
C THR F 15 -13.03 -28.35 23.09
N GLY F 16 -13.50 -27.11 23.04
CA GLY F 16 -13.67 -26.35 21.84
C GLY F 16 -12.41 -26.19 21.01
N MET F 17 -12.55 -25.49 19.89
CA MET F 17 -11.56 -25.43 18.84
C MET F 17 -11.61 -26.67 17.98
N ILE F 18 -11.04 -27.78 18.44
CA ILE F 18 -11.18 -29.05 17.75
C ILE F 18 -12.44 -29.48 18.36
N ASP F 19 -13.44 -29.96 17.64
CA ASP F 19 -14.67 -30.35 18.37
C ASP F 19 -14.80 -31.85 18.24
N GLY F 20 -13.84 -32.49 18.90
CA GLY F 20 -13.61 -33.93 18.82
C GLY F 20 -12.27 -34.30 19.42
N TRP F 21 -11.79 -35.47 19.07
CA TRP F 21 -10.58 -35.96 19.72
C TRP F 21 -10.04 -37.13 18.97
N TYR F 22 -8.77 -37.40 19.23
CA TYR F 22 -8.08 -38.57 18.74
C TYR F 22 -8.20 -39.64 19.81
N GLY F 23 -8.61 -40.85 19.45
CA GLY F 23 -8.70 -41.87 20.46
C GLY F 23 -8.74 -43.31 20.00
N TYR F 24 -9.19 -44.15 20.91
CA TYR F 24 -9.24 -45.54 20.65
C TYR F 24 -10.64 -46.10 20.69
N HIS F 25 -10.74 -47.36 20.37
CA HIS F 25 -11.96 -48.13 20.42
C HIS F 25 -11.55 -49.58 20.51
N HIS F 26 -11.72 -50.16 21.69
CA HIS F 26 -11.32 -51.54 21.88
C HIS F 26 -12.49 -52.58 21.97
N GLN F 27 -12.10 -53.86 22.04
CA GLN F 27 -12.98 -55.00 22.10
C GLN F 27 -12.20 -56.10 22.75
N ASN F 28 -12.56 -56.49 23.96
CA ASN F 28 -11.97 -57.60 24.62
C ASN F 28 -13.03 -58.42 25.35
N GLU F 29 -12.61 -59.46 26.08
CA GLU F 29 -13.55 -60.35 26.78
C GLU F 29 -14.56 -59.53 27.56
N GLN F 30 -14.03 -58.72 28.48
CA GLN F 30 -14.78 -57.74 29.29
C GLN F 30 -15.76 -56.87 28.50
N GLY F 31 -15.47 -56.57 27.25
CA GLY F 31 -16.42 -55.83 26.44
C GLY F 31 -15.77 -54.75 25.59
N SER F 32 -16.57 -53.82 25.05
CA SER F 32 -16.05 -52.77 24.20
C SER F 32 -15.89 -51.44 24.91
N GLY F 33 -15.05 -50.58 24.36
CA GLY F 33 -14.74 -49.28 24.94
C GLY F 33 -14.41 -48.18 23.91
N TYR F 34 -14.64 -46.94 24.30
CA TYR F 34 -14.25 -45.80 23.50
C TYR F 34 -13.52 -44.87 24.47
N ALA F 35 -12.27 -44.51 24.14
CA ALA F 35 -11.48 -43.66 24.97
C ALA F 35 -10.77 -42.69 24.09
N ALA F 36 -10.87 -41.41 24.39
CA ALA F 36 -10.09 -40.42 23.71
C ALA F 36 -8.67 -40.27 24.32
N ASP F 37 -7.64 -40.18 23.47
CA ASP F 37 -6.29 -39.97 23.93
C ASP F 37 -6.05 -38.53 24.35
N GLN F 38 -5.91 -38.28 25.66
CA GLN F 38 -5.60 -36.92 26.18
C GLN F 38 -4.30 -36.34 25.57
N LYS F 39 -3.12 -36.89 25.87
CA LYS F 39 -1.82 -36.31 25.44
C LYS F 39 -1.79 -35.85 24.00
N SER F 40 -2.32 -36.65 23.07
CA SER F 40 -2.32 -36.21 21.67
C SER F 40 -3.42 -35.16 21.37
N THR F 41 -4.67 -35.45 21.69
CA THR F 41 -5.74 -34.48 21.42
C THR F 41 -5.37 -33.11 21.98
N GLN F 42 -5.02 -33.05 23.25
CA GLN F 42 -4.64 -31.79 23.92
C GLN F 42 -3.54 -30.99 23.23
N ASN F 43 -2.48 -31.66 22.80
CA ASN F 43 -1.41 -30.99 22.11
C ASN F 43 -1.96 -30.26 20.93
N ALA F 44 -2.85 -30.90 20.17
CA ALA F 44 -3.45 -30.29 18.96
C ALA F 44 -4.30 -29.08 19.29
N ILE F 45 -5.12 -29.16 20.33
CA ILE F 45 -5.90 -28.05 20.80
C ILE F 45 -5.07 -26.83 21.15
N ASP F 46 -3.96 -27.05 21.85
CA ASP F 46 -2.99 -26.00 22.14
C ASP F 46 -2.41 -25.43 20.87
N GLY F 47 -2.07 -26.30 19.92
CA GLY F 47 -1.45 -25.91 18.68
C GLY F 47 -2.40 -25.07 17.85
N ILE F 48 -3.59 -25.55 17.64
CA ILE F 48 -4.50 -24.85 16.80
C ILE F 48 -4.97 -23.51 17.47
N THR F 49 -5.01 -23.43 18.81
CA THR F 49 -5.42 -22.17 19.41
C THR F 49 -4.29 -21.17 19.31
N ASN F 50 -3.07 -21.69 19.36
CA ASN F 50 -1.90 -20.85 19.25
C ASN F 50 -1.91 -20.26 17.85
N LYS F 51 -2.43 -21.06 16.90
CA LYS F 51 -2.47 -20.74 15.50
C LYS F 51 -3.50 -19.67 15.22
N VAL F 52 -4.71 -19.90 15.69
CA VAL F 52 -5.77 -18.91 15.56
C VAL F 52 -5.39 -17.58 16.24
N ASN F 53 -4.72 -17.67 17.37
CA ASN F 53 -4.34 -16.45 18.05
C ASN F 53 -3.32 -15.70 17.24
N SER F 54 -2.30 -16.37 16.71
CA SER F 54 -1.30 -15.65 15.91
C SER F 54 -1.98 -14.87 14.79
N VAL F 55 -2.87 -15.53 14.08
CA VAL F 55 -3.56 -14.92 12.97
C VAL F 55 -4.32 -13.65 13.35
N ILE F 56 -4.85 -13.64 14.56
CA ILE F 56 -5.55 -12.46 15.07
C ILE F 56 -4.61 -11.41 15.76
N GLU F 57 -3.78 -11.87 16.71
CA GLU F 57 -2.95 -10.99 17.54
C GLU F 57 -2.03 -10.22 16.65
N LYS F 58 -1.27 -10.90 15.83
CA LYS F 58 -0.25 -10.25 15.02
C LYS F 58 -0.77 -9.10 14.14
N MET F 59 -2.06 -9.05 13.85
CA MET F 59 -2.62 -7.88 13.18
C MET F 59 -2.54 -6.79 14.15
N ASN F 60 -3.51 -6.65 15.03
CA ASN F 60 -3.45 -5.67 16.12
C ASN F 60 -2.20 -4.80 16.03
N THR F 61 -2.19 -4.07 14.93
CA THR F 61 -1.24 -3.07 14.63
C THR F 61 -2.07 -1.78 14.42
N GLN F 62 -3.16 -1.85 13.68
CA GLN F 62 -3.85 -0.62 13.41
C GLN F 62 -3.65 0.49 14.49
N PHE F 63 -3.76 1.74 14.05
CA PHE F 63 -3.72 2.97 14.84
C PHE F 63 -4.84 3.89 14.32
N THR F 64 -5.26 4.88 15.14
CA THR F 64 -6.29 5.88 14.71
C THR F 64 -5.86 6.37 13.35
N ALA F 65 -6.70 6.07 12.36
CA ALA F 65 -6.45 6.42 10.98
C ALA F 65 -7.86 6.72 10.47
N VAL F 66 -8.02 7.03 9.14
CA VAL F 66 -9.26 7.55 8.47
C VAL F 66 -9.61 7.40 6.89
N GLY F 67 -9.93 8.56 6.27
CA GLY F 67 -10.52 8.82 4.93
C GLY F 67 -10.72 10.38 4.78
N LYS F 68 -10.76 10.93 3.56
CA LYS F 68 -10.41 12.36 3.33
C LYS F 68 -11.41 13.10 2.45
N GLU F 69 -11.37 14.44 2.47
CA GLU F 69 -12.22 15.30 1.60
C GLU F 69 -11.55 16.45 0.82
N PHE F 70 -11.77 16.48 -0.49
CA PHE F 70 -11.14 17.44 -1.38
C PHE F 70 -12.19 18.22 -2.16
N ASN F 71 -11.76 19.27 -2.87
CA ASN F 71 -12.65 20.15 -3.64
C ASN F 71 -12.59 19.90 -5.14
N ASN F 72 -13.43 20.61 -5.90
CA ASN F 72 -13.50 20.53 -7.38
C ASN F 72 -12.21 20.86 -8.18
N LEU F 73 -11.23 21.47 -7.53
CA LEU F 73 -9.88 21.63 -8.11
C LEU F 73 -8.80 20.71 -7.55
N GLU F 74 -9.26 19.70 -6.83
CA GLU F 74 -8.37 18.71 -6.21
C GLU F 74 -8.71 17.27 -6.65
N ARG F 75 -9.20 17.14 -7.87
CA ARG F 75 -9.56 15.86 -8.42
C ARG F 75 -8.41 14.90 -8.46
N ARG F 76 -7.21 15.37 -8.67
CA ARG F 76 -6.05 14.49 -8.77
C ARG F 76 -5.62 13.87 -7.45
N ILE F 77 -5.60 14.65 -6.38
CA ILE F 77 -5.28 14.13 -5.04
C ILE F 77 -6.35 13.13 -4.64
N GLU F 78 -7.60 13.45 -4.95
CA GLU F 78 -8.69 12.64 -4.54
C GLU F 78 -8.51 11.26 -5.11
N ASN F 79 -8.20 11.18 -6.39
CA ASN F 79 -7.94 9.92 -7.05
C ASN F 79 -6.66 9.28 -6.60
N LEU F 80 -5.63 10.04 -6.26
CA LEU F 80 -4.46 9.45 -5.65
C LEU F 80 -4.88 8.82 -4.33
N ASN F 81 -5.79 9.46 -3.63
CA ASN F 81 -6.25 8.95 -2.36
C ASN F 81 -7.02 7.63 -2.52
N LYS F 82 -7.72 7.46 -3.64
CA LYS F 82 -8.50 6.25 -3.90
C LYS F 82 -7.59 5.13 -4.27
N LYS F 83 -6.62 5.42 -5.11
CA LYS F 83 -5.62 4.43 -5.51
C LYS F 83 -5.04 3.77 -4.27
N VAL F 84 -4.91 4.55 -3.19
CA VAL F 84 -4.30 4.03 -1.99
C VAL F 84 -5.26 3.13 -1.30
N ASP F 85 -6.48 3.62 -1.12
CA ASP F 85 -7.52 2.86 -0.46
C ASP F 85 -7.71 1.49 -1.16
N ASP F 86 -7.93 1.52 -2.45
CA ASP F 86 -8.26 0.33 -3.18
C ASP F 86 -7.08 -0.56 -3.24
N GLY F 87 -5.90 0.03 -3.33
CA GLY F 87 -4.64 -0.74 -3.34
C GLY F 87 -4.55 -1.65 -2.11
N PHE F 88 -4.75 -1.05 -0.96
CA PHE F 88 -4.84 -1.79 0.28
C PHE F 88 -5.93 -2.82 0.28
N LEU F 89 -7.12 -2.46 -0.17
CA LEU F 89 -8.27 -3.36 -0.23
C LEU F 89 -7.95 -4.65 -0.96
N ASP F 90 -7.29 -4.53 -2.12
CA ASP F 90 -6.90 -5.67 -2.98
C ASP F 90 -5.91 -6.56 -2.28
N ILE F 91 -4.97 -5.92 -1.59
CA ILE F 91 -3.88 -6.60 -0.92
C ILE F 91 -4.42 -7.41 0.22
N TRP F 92 -5.22 -6.82 1.08
CA TRP F 92 -5.74 -7.58 2.21
C TRP F 92 -6.69 -8.68 1.79
N THR F 93 -7.58 -8.35 0.86
CA THR F 93 -8.57 -9.29 0.44
C THR F 93 -7.86 -10.49 -0.11
N TYR F 94 -6.90 -10.28 -1.00
CA TYR F 94 -6.17 -11.40 -1.55
C TYR F 94 -5.43 -12.18 -0.48
N ASN F 95 -4.73 -11.52 0.42
CA ASN F 95 -3.95 -12.26 1.41
C ASN F 95 -4.81 -12.94 2.44
N ALA F 96 -5.79 -12.22 2.96
CA ALA F 96 -6.68 -12.82 3.95
C ALA F 96 -7.40 -14.07 3.40
N GLU F 97 -7.82 -14.01 2.13
CA GLU F 97 -8.45 -15.12 1.46
C GLU F 97 -7.49 -16.30 1.23
N LEU F 98 -6.41 -16.07 0.52
CA LEU F 98 -5.41 -17.09 0.35
C LEU F 98 -5.01 -17.65 1.66
N LEU F 99 -4.71 -16.80 2.62
CA LEU F 99 -4.22 -17.24 3.93
C LEU F 99 -5.17 -18.18 4.57
N VAL F 100 -6.47 -17.95 4.54
CA VAL F 100 -7.43 -18.85 5.18
C VAL F 100 -7.55 -20.19 4.45
N LEU F 101 -7.68 -20.14 3.13
CA LEU F 101 -7.73 -21.32 2.26
C LEU F 101 -6.55 -22.23 2.42
N LEU F 102 -5.33 -21.68 2.39
CA LEU F 102 -4.07 -22.44 2.46
C LEU F 102 -3.94 -23.00 3.82
N GLU F 103 -4.20 -22.15 4.80
CA GLU F 103 -4.06 -22.55 6.21
C GLU F 103 -5.18 -23.47 6.69
N ASN F 104 -6.18 -23.73 5.86
CA ASN F 104 -7.24 -24.63 6.21
C ASN F 104 -6.87 -26.01 5.74
N GLU F 105 -6.27 -26.11 4.54
CA GLU F 105 -5.81 -27.43 4.08
C GLU F 105 -4.73 -27.95 5.05
N ARG F 106 -4.08 -27.01 5.72
CA ARG F 106 -3.06 -27.34 6.68
C ARG F 106 -3.60 -27.89 7.95
N THR F 107 -4.59 -27.22 8.52
CA THR F 107 -5.23 -27.69 9.72
C THR F 107 -5.86 -29.05 9.51
N LEU F 108 -6.51 -29.24 8.38
CA LEU F 108 -7.09 -30.55 8.12
C LEU F 108 -6.08 -31.68 7.94
N ASP F 109 -4.93 -31.42 7.33
CA ASP F 109 -3.91 -32.45 7.18
C ASP F 109 -3.34 -32.76 8.54
N PHE F 110 -3.19 -31.72 9.34
CA PHE F 110 -2.61 -31.76 10.68
C PHE F 110 -3.35 -32.78 11.53
N HIS F 111 -4.67 -32.75 11.42
CA HIS F 111 -5.50 -33.67 12.15
C HIS F 111 -5.27 -35.08 11.63
N ASP F 112 -5.30 -35.25 10.32
CA ASP F 112 -5.14 -36.57 9.76
C ASP F 112 -3.76 -37.17 10.14
N SER F 113 -2.76 -36.32 10.25
CA SER F 113 -1.42 -36.78 10.57
C SER F 113 -1.29 -37.20 11.99
N ASN F 114 -1.95 -36.46 12.88
CA ASN F 114 -1.88 -36.77 14.31
C ASN F 114 -2.53 -38.11 14.56
N VAL F 115 -3.59 -38.44 13.82
CA VAL F 115 -4.31 -39.71 14.00
C VAL F 115 -3.47 -40.85 13.55
N ARG F 116 -2.76 -40.64 12.49
CA ARG F 116 -1.87 -41.64 11.92
C ARG F 116 -0.64 -41.74 12.78
N ASN F 117 -0.23 -40.66 13.40
CA ASN F 117 0.97 -40.68 14.17
C ASN F 117 0.69 -41.50 15.42
N LEU F 118 -0.53 -41.38 15.92
CA LEU F 118 -0.97 -42.16 17.05
C LEU F 118 -0.95 -43.67 16.73
N TYR F 119 -1.41 -44.03 15.55
CA TYR F 119 -1.38 -45.40 15.13
C TYR F 119 0.09 -45.94 15.15
N GLU F 120 1.01 -45.13 14.66
CA GLU F 120 2.38 -45.56 14.55
C GLU F 120 2.92 -45.70 15.94
N LYS F 121 2.49 -44.84 16.85
CA LYS F 121 2.89 -44.97 18.25
C LYS F 121 2.43 -46.25 18.96
N VAL F 122 1.26 -46.74 18.64
CA VAL F 122 0.77 -47.96 19.24
C VAL F 122 1.48 -49.09 18.57
N LYS F 123 1.69 -48.97 17.27
CA LYS F 123 2.40 -50.02 16.52
C LYS F 123 3.81 -50.22 17.14
N SER F 124 4.33 -49.14 17.69
CA SER F 124 5.66 -49.09 18.18
C SER F 124 5.79 -49.93 19.44
N GLN F 125 4.72 -49.92 20.23
CA GLN F 125 4.67 -50.65 21.49
C GLN F 125 4.42 -52.16 21.31
N LEU F 126 3.38 -52.47 20.54
CA LEU F 126 2.93 -53.81 20.42
C LEU F 126 3.94 -54.66 19.69
N LYS F 127 4.39 -54.16 18.54
CA LYS F 127 5.26 -54.93 17.66
C LYS F 127 4.59 -56.28 17.32
N ASN F 128 5.43 -57.32 17.28
CA ASN F 128 5.08 -58.72 17.23
C ASN F 128 3.75 -59.10 17.92
N ASN F 129 3.49 -58.50 19.07
CA ASN F 129 2.42 -58.99 19.90
C ASN F 129 1.07 -58.73 19.30
N ALA F 130 1.02 -58.13 18.15
CA ALA F 130 -0.25 -57.89 17.54
C ALA F 130 -0.09 -57.91 16.02
N LYS F 131 -1.24 -57.95 15.36
CA LYS F 131 -1.32 -58.10 13.93
C LYS F 131 -2.00 -56.84 13.37
N GLU F 132 -1.43 -56.26 12.35
CA GLU F 132 -2.11 -55.17 11.72
C GLU F 132 -3.21 -55.69 10.80
N ILE F 133 -4.46 -55.33 11.02
CA ILE F 133 -5.52 -55.83 10.17
C ILE F 133 -6.30 -54.80 9.34
N GLY F 134 -5.69 -53.63 9.09
CA GLY F 134 -6.30 -52.61 8.25
C GLY F 134 -7.22 -51.70 9.03
N ASN F 135 -7.60 -50.60 8.39
CA ASN F 135 -8.52 -49.63 8.95
C ASN F 135 -8.07 -49.18 10.33
N GLY F 136 -6.76 -49.05 10.48
CA GLY F 136 -6.19 -48.56 11.74
C GLY F 136 -6.50 -49.37 12.98
N CYS F 137 -6.70 -50.68 12.81
CA CYS F 137 -6.86 -51.66 13.90
C CYS F 137 -5.72 -52.65 14.06
N PHE F 138 -5.43 -52.96 15.32
CA PHE F 138 -4.55 -54.08 15.71
C PHE F 138 -5.36 -55.23 16.37
N GLU F 139 -5.12 -56.46 15.91
CA GLU F 139 -5.63 -57.66 16.56
C GLU F 139 -4.56 -58.23 17.48
N PHE F 140 -4.86 -58.37 18.75
CA PHE F 140 -3.89 -58.92 19.68
C PHE F 140 -3.73 -60.44 19.54
N TYR F 141 -2.48 -60.90 19.71
CA TYR F 141 -2.14 -62.30 19.76
C TYR F 141 -2.09 -62.81 21.20
N HIS F 142 -2.61 -62.04 22.15
CA HIS F 142 -2.70 -62.45 23.54
C HIS F 142 -3.96 -61.90 24.16
N LYS F 143 -4.41 -62.41 25.29
CA LYS F 143 -5.62 -61.87 25.89
C LYS F 143 -5.31 -60.48 26.47
N CYS F 144 -5.88 -59.44 25.87
CA CYS F 144 -5.67 -58.09 26.37
C CYS F 144 -6.90 -57.56 27.12
N ASP F 145 -6.82 -57.61 28.46
CA ASP F 145 -7.85 -57.06 29.33
C ASP F 145 -7.73 -55.51 29.55
N ASP F 146 -8.83 -54.93 29.96
CA ASP F 146 -8.98 -53.53 30.27
C ASP F 146 -7.77 -52.87 30.88
N ALA F 147 -7.08 -53.54 31.80
CA ALA F 147 -5.79 -53.03 32.36
C ALA F 147 -4.66 -52.91 31.31
N CYS F 148 -4.51 -54.01 30.56
CA CYS F 148 -3.59 -54.09 29.43
C CYS F 148 -3.99 -53.00 28.37
N MET F 149 -5.29 -52.83 28.11
CA MET F 149 -5.76 -51.86 27.13
C MET F 149 -5.36 -50.49 27.53
N GLU F 150 -5.49 -50.19 28.81
CA GLU F 150 -5.17 -48.89 29.38
C GLU F 150 -3.70 -48.60 29.24
N SER F 151 -2.86 -49.60 29.50
CA SER F 151 -1.41 -49.42 29.36
C SER F 151 -0.99 -49.09 27.89
N VAL F 152 -1.81 -49.52 26.94
CA VAL F 152 -1.54 -49.20 25.56
C VAL F 152 -1.86 -47.75 25.35
N ARG F 153 -3.08 -47.36 25.70
CA ARG F 153 -3.60 -45.98 25.53
C ARG F 153 -2.81 -44.91 26.27
N ASN F 154 -1.96 -45.30 27.20
CA ASN F 154 -1.17 -44.32 27.93
C ASN F 154 0.33 -44.64 27.81
N GLY F 155 0.69 -45.37 26.78
CA GLY F 155 2.08 -45.55 26.44
C GLY F 155 2.91 -46.38 27.39
N THR F 156 2.32 -47.28 28.18
CA THR F 156 3.15 -48.15 29.03
C THR F 156 3.02 -49.65 28.79
N TYR F 157 2.50 -50.06 27.64
CA TYR F 157 2.36 -51.50 27.33
C TYR F 157 3.66 -52.22 27.51
N ASP F 158 3.64 -53.32 28.24
CA ASP F 158 4.83 -54.13 28.50
C ASP F 158 4.91 -55.29 27.45
N TYR F 159 5.75 -55.12 26.44
CA TYR F 159 5.90 -56.12 25.40
C TYR F 159 6.39 -57.47 25.90
N PRO F 160 7.53 -57.50 26.59
CA PRO F 160 8.11 -58.74 27.06
C PRO F 160 7.13 -59.56 27.88
N LYS F 161 6.33 -58.90 28.71
CA LYS F 161 5.32 -59.59 29.49
C LYS F 161 4.51 -60.54 28.64
N TYR F 162 4.05 -60.09 27.46
CA TYR F 162 3.17 -60.94 26.61
C TYR F 162 3.84 -61.63 25.40
N SER F 163 5.16 -61.40 25.23
CA SER F 163 5.90 -61.86 24.04
C SER F 163 5.77 -63.37 23.79
N GLU F 164 6.09 -64.15 24.82
CA GLU F 164 5.94 -65.61 24.81
C GLU F 164 4.51 -66.14 24.55
N GLU F 165 3.49 -65.65 25.27
CA GLU F 165 2.11 -66.05 25.00
C GLU F 165 1.85 -65.74 23.53
N SER F 166 2.08 -64.49 23.15
CA SER F 166 1.91 -64.03 21.77
C SER F 166 2.70 -64.90 20.78
N LYS F 167 3.92 -65.25 21.15
CA LYS F 167 4.72 -66.09 20.26
C LYS F 167 3.86 -67.32 19.92
N LEU F 168 3.43 -68.09 20.93
CA LEU F 168 2.66 -69.33 20.73
C LEU F 168 1.51 -69.09 19.82
N ASN F 169 0.60 -68.24 20.26
CA ASN F 169 -0.62 -67.94 19.46
C ASN F 169 -0.35 -67.53 18.03
N ARG F 170 0.72 -66.81 17.79
CA ARG F 170 1.01 -66.31 16.46
C ARG F 170 1.60 -67.38 15.58
N GLU F 171 2.61 -68.11 16.09
CA GLU F 171 3.23 -69.26 15.40
C GLU F 171 2.16 -70.16 14.82
N GLU F 172 1.18 -70.51 15.64
CA GLU F 172 0.08 -71.38 15.23
C GLU F 172 -1.32 -70.68 15.25
N ILE F 173 -1.41 -69.54 14.56
CA ILE F 173 -2.67 -68.83 14.24
C ILE F 173 -2.45 -68.22 12.88
N ASP F 174 -1.40 -67.40 12.79
CA ASP F 174 -0.94 -66.85 11.52
C ASP F 174 0.47 -67.38 11.17
N GLY F 175 0.54 -68.34 10.25
CA GLY F 175 1.60 -68.98 9.79
C GLY F 175 1.79 -70.15 10.74
C1 NAG G . 20.13 32.94 14.80
C2 NAG G . 19.44 34.27 15.10
C3 NAG G . 19.62 34.52 16.57
C4 NAG G . 19.11 33.40 17.50
C5 NAG G . 19.62 32.02 17.03
C6 NAG G . 18.92 30.79 17.65
C7 NAG G . 19.78 35.52 12.92
C8 NAG G . 20.69 36.46 12.21
N2 NAG G . 19.93 35.39 14.28
O3 NAG G . 18.85 35.62 16.88
O4 NAG G . 19.49 33.69 18.85
O5 NAG G . 19.50 31.94 15.60
O6 NAG G . 17.49 30.90 17.84
O7 NAG G . 18.98 34.95 12.17
C1 NAG G . 18.38 34.15 19.63
C2 NAG G . 18.64 34.08 21.14
C3 NAG G . 17.46 34.69 21.91
C4 NAG G . 16.87 35.97 21.28
C5 NAG G . 16.66 35.73 19.80
C6 NAG G . 15.99 36.91 19.11
C7 NAG G . 17.92 31.93 22.19
C8 NAG G . 18.06 31.69 23.67
N2 NAG G . 18.86 32.68 21.55
O3 NAG G . 17.73 34.90 23.28
O4 NAG G . 15.67 36.42 21.94
O5 NAG G . 17.96 35.46 19.29
O6 NAG G . 16.76 38.08 19.26
O7 NAG G . 16.94 31.44 21.62
C1 BMA G . 16.01 37.31 23.05
C2 BMA G . 14.93 38.37 23.25
C3 BMA G . 15.20 39.18 24.53
C4 BMA G . 15.58 38.25 25.68
C5 BMA G . 16.80 37.44 25.27
C6 BMA G . 17.47 36.67 26.41
O2 BMA G . 13.63 37.80 23.30
O3 BMA G . 14.06 39.93 24.87
O4 BMA G . 15.86 39.01 26.84
O5 BMA G . 16.28 36.61 24.26
O6 BMA G . 17.61 35.29 26.12
C1 NAG H . 3.21 23.48 -33.87
C2 NAG H . 3.73 24.89 -33.93
C3 NAG H . 4.88 24.91 -34.90
C4 NAG H . 5.94 23.87 -34.58
C5 NAG H . 5.25 22.53 -34.35
C6 NAG H . 6.16 21.40 -33.86
C7 NAG H . 1.70 26.15 -33.64
C8 NAG H . 0.60 26.88 -34.31
N2 NAG H . 2.72 25.82 -34.40
O3 NAG H . 5.43 26.20 -34.87
O4 NAG H . 6.83 23.86 -35.68
O5 NAG H . 4.26 22.69 -33.36
O6 NAG H . 6.23 21.41 -32.44
O7 NAG H . 1.57 25.89 -32.46
C1 NAG H . 8.02 24.64 -35.46
C2 NAG H . 9.15 24.09 -36.30
C3 NAG H . 10.33 25.08 -36.36
C4 NAG H . 10.02 26.58 -36.36
C5 NAG H . 8.78 26.94 -35.50
C6 NAG H . 8.18 28.32 -35.86
C7 NAG H . 10.65 22.35 -35.25
C8 NAG H . 10.56 21.97 -33.79
N2 NAG H . 9.52 22.72 -35.91
O3 NAG H . 11.01 24.92 -37.58
O4 NAG H . 11.20 27.40 -36.16
O5 NAG H . 7.78 25.99 -35.81
O6 NAG H . 8.15 29.22 -34.77
O7 NAG H . 11.77 22.31 -35.79
C1 BMA H . 12.22 27.00 -35.20
C2 BMA H . 13.26 26.14 -35.92
C3 BMA H . 14.18 25.42 -34.94
C4 BMA H . 14.58 26.30 -33.73
C5 BMA H . 13.69 27.53 -33.43
C6 BMA H . 14.42 28.66 -32.65
O2 BMA H . 14.02 26.90 -36.82
O3 BMA H . 15.29 25.05 -35.73
O4 BMA H . 14.62 25.49 -32.56
O5 BMA H . 13.01 28.01 -34.59
O6 BMA H . 15.13 29.60 -33.43
C1 MAN H . 15.22 23.75 -36.40
C2 MAN H . 16.62 23.48 -37.01
C3 MAN H . 16.86 24.21 -38.33
C4 MAN H . 15.66 24.18 -39.29
C5 MAN H . 14.29 24.33 -38.61
C6 MAN H . 13.16 23.97 -39.63
O2 MAN H . 16.90 22.10 -37.12
O3 MAN H . 18.00 23.67 -38.95
O4 MAN H . 15.76 25.24 -40.24
O5 MAN H . 14.19 23.60 -37.37
O6 MAN H . 12.49 22.77 -39.34
C1 NAG I . -31.07 26.64 5.53
C2 NAG I . -31.27 27.82 4.61
C3 NAG I . -32.69 27.74 4.03
C4 NAG I . -33.03 26.37 3.41
C5 NAG I . -32.57 25.24 4.37
C6 NAG I . -32.57 23.84 3.78
C7 NAG I . -29.88 29.53 5.80
C8 NAG I . -30.03 30.53 6.88
N2 NAG I . -31.06 29.09 5.32
O3 NAG I . -32.78 28.67 3.00
O4 NAG I . -34.41 26.37 3.05
O5 NAG I . -31.22 25.46 4.77
O6 NAG I . -32.10 23.94 2.46
O7 NAG I . -28.73 29.18 5.43
C1 NAG I . -34.52 26.50 1.61
C2 NAG I . -35.93 26.42 1.09
C3 NAG I . -36.10 26.77 -0.40
C4 NAG I . -35.12 27.85 -0.93
C5 NAG I . -33.77 27.58 -0.31
C6 NAG I . -32.63 28.48 -0.82
C7 NAG I . -36.81 24.73 2.50
C8 NAG I . -36.26 23.45 3.09
N2 NAG I . -36.33 25.06 1.32
O3 NAG I . -37.48 27.09 -0.62
O4 NAG I . -34.98 27.92 -2.36
O5 NAG I . -33.99 27.70 1.09
O6 NAG I . -32.96 29.84 -0.77
O7 NAG I . -37.62 25.44 3.09
C1 BMA I . -36.22 28.43 -2.93
C2 BMA I . -36.09 29.36 -4.14
C3 BMA I . -37.45 29.72 -4.71
C4 BMA I . -38.44 28.55 -4.73
C5 BMA I . -38.36 27.68 -3.45
C6 BMA I . -39.10 26.34 -3.50
O2 BMA I . -35.29 28.86 -5.19
O3 BMA I . -37.25 30.16 -6.03
O4 BMA I . -39.76 29.02 -4.97
O5 BMA I . -37.03 27.32 -3.26
O6 BMA I . -38.44 25.35 -2.72
C1 NAG J . 27.57 -27.37 23.91
C2 NAG J . 28.59 -26.48 23.13
C3 NAG J . 29.95 -26.74 23.80
C4 NAG J . 29.89 -26.18 25.21
C5 NAG J . 28.79 -26.94 25.98
C6 NAG J . 28.57 -26.48 27.42
C7 NAG J . 28.39 -25.59 20.78
C8 NAG J . 28.06 -25.95 19.35
N2 NAG J . 28.63 -26.61 21.66
O3 NAG J . 31.06 -26.21 23.13
O4 NAG J . 31.18 -26.32 25.76
O5 NAG J . 27.55 -26.89 25.26
O6 NAG J . 29.70 -25.81 27.89
O7 NAG J . 28.43 -24.38 21.09
C1 NAG K . 11.24 -21.12 26.20
C2 NAG K . 10.73 -21.37 27.62
C3 NAG K . 11.53 -20.62 28.69
C4 NAG K . 13.02 -20.93 28.54
C5 NAG K . 13.48 -20.66 27.08
C6 NAG K . 14.99 -20.97 26.84
C7 NAG K . 8.43 -22.16 28.00
C8 NAG K . 8.53 -22.81 29.36
N2 NAG K . 9.28 -21.16 27.76
O3 NAG K . 11.11 -21.05 29.99
O4 NAG K . 13.79 -20.19 29.48
O5 NAG K . 12.64 -21.38 26.19
O6 NAG K . 15.24 -22.28 26.40
O7 NAG K . 7.60 -22.56 27.17
C1 NAG L . 28.84 -47.53 -0.30
C2 NAG L . 29.61 -47.82 -1.59
C3 NAG L . 30.10 -49.27 -1.51
C4 NAG L . 30.68 -49.66 -0.15
C5 NAG L . 30.04 -49.00 1.07
C6 NAG L . 30.96 -49.01 2.29
C7 NAG L . 27.95 -46.65 -3.01
C8 NAG L . 27.25 -46.54 -4.35
N2 NAG L . 28.72 -47.71 -2.75
O3 NAG L . 31.06 -49.59 -2.48
O4 NAG L . 30.42 -51.03 -0.04
O5 NAG L . 29.70 -47.66 0.82
O6 NAG L . 32.32 -49.20 1.97
O7 NAG L . 27.81 -45.77 -2.18
P PO4 M . 4.50 -47.70 7.85
O1 PO4 M . 4.90 -48.45 6.56
O2 PO4 M . 3.17 -48.24 8.37
O3 PO4 M . 5.58 -47.90 8.91
O4 PO4 M . 4.29 -46.20 7.63
C1 NAG N . 17.04 -25.59 -15.76
C2 NAG N . 17.28 -26.69 -16.85
C3 NAG N . 18.69 -26.81 -17.43
C4 NAG N . 19.35 -25.41 -17.39
C5 NAG N . 19.29 -24.99 -15.92
C6 NAG N . 20.33 -23.99 -15.43
C7 NAG N . 16.38 -28.86 -17.44
C8 NAG N . 17.10 -30.20 -17.63
N2 NAG N . 16.83 -28.04 -16.49
O3 NAG N . 18.60 -27.36 -18.75
O4 NAG N . 20.64 -25.35 -17.96
O5 NAG N . 17.98 -24.50 -15.77
O6 NAG N . 20.78 -24.46 -14.19
O7 NAG N . 15.41 -28.54 -18.14
C1 NAG O . -7.53 -12.41 -22.54
C2 NAG O . -8.97 -12.02 -22.87
C3 NAG O . -9.98 -13.00 -22.23
C4 NAG O . -9.50 -14.46 -22.34
C5 NAG O . -8.11 -14.53 -21.71
C6 NAG O . -7.55 -15.92 -21.38
C7 NAG O . -9.31 -9.63 -23.42
C8 NAG O . -8.05 -9.19 -24.14
N2 NAG O . -9.21 -10.62 -22.51
O3 NAG O . -11.23 -12.85 -22.87
O4 NAG O . -10.37 -15.34 -21.69
O5 NAG O . -7.30 -13.82 -22.63
O6 NAG O . -7.76 -16.78 -22.45
O7 NAG O . -10.39 -9.09 -23.67
C1 NAG P . -21.13 -28.51 0.78
C2 NAG P . -21.74 -28.81 -0.63
C3 NAG P . -22.60 -27.53 -0.93
C4 NAG P . -23.73 -27.51 0.14
C5 NAG P . -23.28 -27.87 1.59
C6 NAG P . -24.34 -28.53 2.47
C7 NAG P . -20.85 -29.75 -2.86
C8 NAG P . -21.18 -28.78 -3.97
N2 NAG P . -20.70 -29.25 -1.62
O3 NAG P . -22.95 -27.23 -2.29
O4 NAG P . -24.27 -26.23 0.15
O5 NAG P . -22.19 -28.79 1.66
O6 NAG P . -23.65 -29.01 3.63
O7 NAG P . -20.66 -30.96 -3.09
#